data_2ZOK
#
_entry.id   2ZOK
#
_cell.length_a   79.538
_cell.length_b   86.056
_cell.length_c   152.072
_cell.angle_alpha   90.00
_cell.angle_beta   90.01
_cell.angle_gamma   90.00
#
_symmetry.space_group_name_H-M   'P 1 21 1'
#
loop_
_entity.id
_entity.type
_entity.pdbx_description
1 polymer 'H-2 class I histocompatibility antigen, D-B alpha chain'
2 polymer Beta-2-microglobulin
3 polymer '9-meric peptide from Spike glycoprotein'
4 non-polymer 'SULFATE ION'
5 non-polymer GLYCEROL
6 water water
#
loop_
_entity_poly.entity_id
_entity_poly.type
_entity_poly.pdbx_seq_one_letter_code
_entity_poly.pdbx_strand_id
1 'polypeptide(L)'
;GPHSMRYFETAVSRPGLEEPRYISVGYVDNKEFVRFDSDAENPRYEPRAPWMEQEGPEYWERETQKAKGQEQWFRVSLRN
LLGYYNQSAGGSHTLQQMSGCDLGSDWRLLRGYLQFAYEGRDYIALNEDLKTWTAADMAAQITRRKWEQSGAAEHYKAYL
EGECVEWLHRYLKNGNATLLRTDSPKAHVTHHPRSKGEVTLRCWALGFYPADITLTWQLNGEELTQDMELVETRPAGDGT
FQKWASVVVPLGKEQNYTCRVYHEGLPEPLTLRWERWE
;
A,C,E,G
2 'polypeptide(L)'
;MIQKTPQIQVYSRHPPENGKPNILNCYVTQFHPPHIEIQMLKNGKKIPKVEMSDMSFSKDWSFYILAHTEFTPTETDTYA
CRVKHDSMAEPKTVYWDRDM
;
B,D,F,H
3 'polypeptide(L)' (ABA)SLWNGPHL I,L,J,K
#
# COMPACT_ATOMS: atom_id res chain seq x y z
N PRO A 2 -13.36 -8.03 14.91
CA PRO A 2 -12.88 -9.07 14.00
C PRO A 2 -13.91 -10.20 13.93
N HIS A 3 -14.94 -10.02 13.09
CA HIS A 3 -16.09 -10.93 13.01
C HIS A 3 -16.51 -11.13 11.55
N SER A 4 -17.20 -12.23 11.26
CA SER A 4 -17.59 -12.52 9.88
C SER A 4 -18.75 -13.50 9.84
N MET A 5 -19.42 -13.48 8.70
CA MET A 5 -20.42 -14.45 8.41
C MET A 5 -20.17 -14.83 6.96
N ARG A 6 -20.32 -16.14 6.68
CA ARG A 6 -20.27 -16.65 5.32
C ARG A 6 -21.33 -17.71 5.11
N TYR A 7 -21.84 -17.73 3.88
CA TYR A 7 -22.60 -18.91 3.35
C TYR A 7 -21.82 -19.51 2.20
N PHE A 8 -21.55 -20.82 2.35
CA PHE A 8 -20.78 -21.65 1.38
C PHE A 8 -21.78 -22.55 0.71
N GLU A 9 -22.00 -22.35 -0.57
CA GLU A 9 -23.08 -23.12 -1.26
C GLU A 9 -22.45 -23.92 -2.38
N THR A 10 -22.94 -25.15 -2.55
CA THR A 10 -22.46 -26.07 -3.57
C THR A 10 -23.64 -26.76 -4.27
N ALA A 11 -23.52 -26.90 -5.60
CA ALA A 11 -24.38 -27.80 -6.35
C ALA A 11 -23.53 -28.66 -7.25
N VAL A 12 -23.77 -29.96 -7.12
CA VAL A 12 -22.97 -30.95 -7.84
C VAL A 12 -23.96 -31.71 -8.71
N SER A 13 -23.82 -31.61 -10.04
CA SER A 13 -24.83 -32.32 -10.87
C SER A 13 -24.58 -33.81 -10.89
N ARG A 14 -25.61 -34.56 -11.28
CA ARG A 14 -25.54 -35.99 -11.24
C ARG A 14 -25.98 -36.48 -12.60
N PRO A 15 -25.11 -37.24 -13.27
CA PRO A 15 -25.50 -37.78 -14.60
C PRO A 15 -26.75 -38.69 -14.42
N GLY A 16 -27.71 -38.59 -15.30
CA GLY A 16 -28.93 -39.43 -15.21
C GLY A 16 -30.09 -38.58 -14.75
N LEU A 17 -31.21 -39.22 -14.41
CA LEU A 17 -32.46 -38.51 -14.08
C LEU A 17 -32.41 -37.73 -12.74
N GLU A 18 -31.39 -38.01 -11.93
CA GLU A 18 -31.17 -37.29 -10.70
C GLU A 18 -30.90 -35.80 -10.99
N GLU A 19 -31.43 -34.94 -10.11
CA GLU A 19 -31.13 -33.50 -10.13
C GLU A 19 -29.90 -33.26 -9.27
N PRO A 20 -29.30 -32.05 -9.33
CA PRO A 20 -28.08 -31.90 -8.55
C PRO A 20 -28.28 -32.00 -7.07
N ARG A 21 -27.18 -32.24 -6.34
CA ARG A 21 -27.26 -32.15 -4.90
C ARG A 21 -26.76 -30.77 -4.52
N TYR A 22 -27.59 -30.08 -3.75
CA TYR A 22 -27.32 -28.74 -3.35
C TYR A 22 -27.13 -28.78 -1.84
N ILE A 23 -26.05 -28.15 -1.40
CA ILE A 23 -25.75 -28.06 0.03
C ILE A 23 -25.40 -26.62 0.34
N SER A 24 -25.96 -26.11 1.43
CA SER A 24 -25.55 -24.82 1.96
C SER A 24 -25.04 -24.88 3.41
N VAL A 25 -23.92 -24.24 3.66
CA VAL A 25 -23.35 -24.11 5.00
C VAL A 25 -23.09 -22.66 5.43
N GLY A 26 -23.71 -22.23 6.51
CA GLY A 26 -23.37 -20.94 7.10
C GLY A 26 -22.32 -20.99 8.22
N TYR A 27 -21.46 -19.98 8.24
CA TYR A 27 -20.40 -19.83 9.22
C TYR A 27 -20.56 -18.48 9.89
N VAL A 28 -20.30 -18.46 11.19
CA VAL A 28 -20.17 -17.25 11.98
C VAL A 28 -18.80 -17.37 12.68
N ASP A 29 -17.93 -16.39 12.43
CA ASP A 29 -16.54 -16.39 12.94
C ASP A 29 -15.82 -17.70 12.67
N ASN A 30 -16.05 -18.25 11.46
CA ASN A 30 -15.36 -19.45 10.95
C ASN A 30 -15.89 -20.73 11.51
N LYS A 31 -17.01 -20.64 12.20
CA LYS A 31 -17.60 -21.82 12.76
C LYS A 31 -19.00 -22.13 12.23
N GLU A 32 -19.19 -23.36 11.80
CA GLU A 32 -20.43 -23.77 11.17
C GLU A 32 -21.57 -23.49 12.15
N PHE A 33 -22.66 -22.87 11.66
CA PHE A 33 -23.80 -22.57 12.53
C PHE A 33 -25.14 -23.09 12.02
N VAL A 34 -25.24 -23.30 10.69
CA VAL A 34 -26.41 -23.84 10.01
C VAL A 34 -25.97 -24.67 8.78
N ARG A 35 -26.83 -25.60 8.36
CA ARG A 35 -26.57 -26.47 7.22
C ARG A 35 -27.89 -26.92 6.55
N PHE A 36 -27.89 -26.85 5.21
CA PHE A 36 -28.94 -27.41 4.40
C PHE A 36 -28.35 -28.46 3.48
N ASP A 37 -29.03 -29.58 3.27
CA ASP A 37 -28.54 -30.58 2.31
C ASP A 37 -29.75 -31.16 1.59
N SER A 38 -29.79 -31.00 0.28
CA SER A 38 -30.93 -31.57 -0.49
C SER A 38 -31.06 -33.14 -0.42
N ASP A 39 -30.00 -33.85 -0.04
CA ASP A 39 -30.08 -35.31 0.04
C ASP A 39 -30.63 -35.83 1.37
N ALA A 40 -30.81 -34.93 2.33
CA ALA A 40 -31.38 -35.30 3.63
C ALA A 40 -32.79 -35.79 3.42
N GLU A 41 -33.27 -36.53 4.40
CA GLU A 41 -34.61 -37.17 4.44
C GLU A 41 -35.74 -36.16 4.30
N ASN A 42 -35.76 -35.15 5.17
CA ASN A 42 -36.51 -33.92 4.88
C ASN A 42 -35.54 -32.71 4.81
N PRO A 43 -35.24 -32.24 3.58
CA PRO A 43 -34.30 -31.11 3.47
C PRO A 43 -34.83 -29.82 4.12
N ARG A 44 -34.07 -29.30 5.08
CA ARG A 44 -34.44 -28.13 5.81
C ARG A 44 -33.12 -27.54 6.25
N TYR A 45 -33.03 -26.22 6.45
CA TYR A 45 -31.93 -25.70 7.25
C TYR A 45 -31.98 -26.26 8.67
N GLU A 46 -30.81 -26.66 9.18
CA GLU A 46 -30.61 -27.20 10.54
C GLU A 46 -29.60 -26.41 11.40
N PRO A 47 -29.92 -26.22 12.70
CA PRO A 47 -28.98 -25.55 13.57
C PRO A 47 -27.69 -26.39 13.73
N ARG A 48 -26.52 -25.74 13.69
CA ARG A 48 -25.28 -26.49 13.88
C ARG A 48 -24.44 -25.94 15.01
N ALA A 49 -24.93 -24.87 15.64
CA ALA A 49 -24.32 -24.28 16.83
C ALA A 49 -25.43 -24.17 17.86
N PRO A 50 -25.15 -24.52 19.15
CA PRO A 50 -26.31 -24.63 20.08
C PRO A 50 -27.04 -23.31 20.36
N TRP A 51 -26.36 -22.18 20.25
CA TRP A 51 -27.05 -20.92 20.32
C TRP A 51 -28.11 -20.63 19.21
N MET A 52 -28.17 -21.52 18.21
CA MET A 52 -29.14 -21.41 17.10
C MET A 52 -30.48 -22.09 17.40
N GLU A 53 -30.52 -22.97 18.40
CA GLU A 53 -31.79 -23.66 18.72
C GLU A 53 -32.82 -22.70 19.34
N GLN A 54 -32.33 -21.52 19.68
CA GLN A 54 -33.06 -20.32 20.08
C GLN A 54 -33.98 -19.73 19.01
N GLU A 55 -33.56 -19.80 17.74
CA GLU A 55 -34.38 -19.33 16.63
C GLU A 55 -35.64 -20.19 16.55
N GLY A 56 -36.78 -19.52 16.48
CA GLY A 56 -38.07 -20.17 16.34
C GLY A 56 -38.38 -20.70 14.93
N PRO A 57 -39.51 -21.43 14.80
CA PRO A 57 -39.91 -22.13 13.58
C PRO A 57 -40.01 -21.24 12.33
N GLU A 58 -40.40 -19.98 12.49
CA GLU A 58 -40.54 -19.04 11.38
C GLU A 58 -39.17 -18.72 10.74
N TYR A 59 -38.12 -18.68 11.56
CA TYR A 59 -36.74 -18.48 11.10
C TYR A 59 -36.35 -19.65 10.17
N TRP A 60 -36.59 -20.88 10.62
CA TRP A 60 -36.18 -22.11 9.88
C TRP A 60 -37.02 -22.28 8.64
N GLU A 61 -38.31 -22.00 8.77
CA GLU A 61 -39.24 -22.02 7.65
C GLU A 61 -38.77 -21.00 6.56
N ARG A 62 -38.46 -19.76 6.96
CA ARG A 62 -37.93 -18.74 6.05
C ARG A 62 -36.54 -19.03 5.41
N GLU A 63 -35.61 -19.58 6.20
CA GLU A 63 -34.32 -19.95 5.66
C GLU A 63 -34.43 -21.09 4.64
N THR A 64 -35.24 -22.10 5.00
CA THR A 64 -35.47 -23.22 4.16
C THR A 64 -36.09 -22.83 2.79
N GLN A 65 -36.99 -21.86 2.80
CA GLN A 65 -37.53 -21.30 1.53
C GLN A 65 -36.43 -20.74 0.65
N LYS A 66 -35.48 -20.00 1.24
CA LYS A 66 -34.36 -19.52 0.47
C LYS A 66 -33.52 -20.68 -0.11
N ALA A 67 -33.18 -21.68 0.70
CA ALA A 67 -32.41 -22.84 0.25
C ALA A 67 -33.07 -23.56 -0.94
N LYS A 68 -34.39 -23.75 -0.89
CA LYS A 68 -35.15 -24.35 -2.01
C LYS A 68 -35.03 -23.52 -3.28
N GLY A 69 -35.16 -22.21 -3.14
CA GLY A 69 -34.89 -21.26 -4.21
C GLY A 69 -33.54 -21.30 -4.85
N GLN A 70 -32.52 -21.26 -4.00
CA GLN A 70 -31.13 -21.45 -4.38
C GLN A 70 -30.89 -22.74 -5.11
N GLU A 71 -31.48 -23.81 -4.62
CA GLU A 71 -31.37 -25.11 -5.30
C GLU A 71 -31.85 -25.01 -6.77
N GLN A 72 -33.00 -24.37 -6.99
CA GLN A 72 -33.49 -24.10 -8.37
C GLN A 72 -32.59 -23.13 -9.12
N TRP A 73 -32.15 -22.04 -8.49
CA TRP A 73 -31.18 -21.12 -9.13
C TRP A 73 -29.92 -21.85 -9.66
N PHE A 74 -29.29 -22.69 -8.84
CA PHE A 74 -28.10 -23.49 -9.21
C PHE A 74 -28.38 -24.49 -10.32
N ARG A 75 -29.56 -25.15 -10.32
CA ARG A 75 -29.95 -25.96 -11.47
C ARG A 75 -29.91 -25.22 -12.81
N VAL A 76 -30.52 -24.06 -12.90
CA VAL A 76 -30.57 -23.26 -14.08
C VAL A 76 -29.18 -22.75 -14.43
N SER A 77 -28.43 -22.27 -13.44
CA SER A 77 -27.07 -21.77 -13.70
C SER A 77 -26.12 -22.89 -14.20
N LEU A 78 -26.23 -24.06 -13.63
CA LEU A 78 -25.48 -25.24 -14.11
C LEU A 78 -25.73 -25.57 -15.57
N ARG A 79 -27.00 -25.50 -15.95
CA ARG A 79 -27.39 -25.81 -17.35
C ARG A 79 -26.78 -24.75 -18.25
N ASN A 80 -26.86 -23.49 -17.86
CA ASN A 80 -26.23 -22.43 -18.63
C ASN A 80 -24.73 -22.63 -18.82
N LEU A 81 -24.02 -23.01 -17.76
CA LEU A 81 -22.56 -23.25 -17.76
C LEU A 81 -22.14 -24.38 -18.69
N LEU A 82 -22.95 -25.46 -18.73
CA LEU A 82 -22.75 -26.54 -19.71
C LEU A 82 -22.72 -26.05 -21.14
N GLY A 83 -23.65 -25.13 -21.46
CA GLY A 83 -23.65 -24.42 -22.75
C GLY A 83 -22.45 -23.51 -22.98
N TYR A 84 -22.06 -22.69 -22.00
CA TYR A 84 -20.92 -21.74 -22.21
C TYR A 84 -19.59 -22.46 -22.44
N TYR A 85 -19.46 -23.57 -21.75
CA TYR A 85 -18.21 -24.33 -21.92
C TYR A 85 -18.35 -25.55 -22.80
N ASN A 86 -19.47 -25.73 -23.51
CA ASN A 86 -19.61 -26.90 -24.40
C ASN A 86 -19.36 -28.26 -23.74
N GLN A 87 -20.03 -28.50 -22.60
CA GLN A 87 -19.82 -29.72 -21.80
C GLN A 87 -20.95 -30.69 -21.91
N SER A 88 -20.73 -31.90 -21.47
CA SER A 88 -21.75 -32.93 -21.46
C SER A 88 -22.42 -33.12 -20.11
N ALA A 89 -23.74 -33.33 -20.12
CA ALA A 89 -24.50 -33.68 -18.89
C ALA A 89 -24.23 -35.11 -18.47
N GLY A 90 -23.57 -35.89 -19.31
CA GLY A 90 -23.03 -37.16 -18.88
C GLY A 90 -21.95 -37.10 -17.80
N GLY A 91 -21.35 -35.95 -17.60
CA GLY A 91 -20.40 -35.79 -16.53
C GLY A 91 -20.96 -35.03 -15.34
N SER A 92 -20.41 -35.25 -14.17
CA SER A 92 -20.72 -34.36 -13.07
C SER A 92 -19.96 -32.99 -13.10
N HIS A 93 -20.67 -31.92 -12.74
CA HIS A 93 -20.12 -30.59 -12.71
C HIS A 93 -20.45 -29.91 -11.36
N THR A 94 -19.60 -28.97 -10.95
CA THR A 94 -19.68 -28.37 -9.59
C THR A 94 -19.76 -26.84 -9.67
N LEU A 95 -20.76 -26.29 -9.01
CA LEU A 95 -20.92 -24.87 -8.82
C LEU A 95 -20.89 -24.52 -7.33
N GLN A 96 -20.00 -23.59 -6.99
CA GLN A 96 -19.82 -23.11 -5.64
C GLN A 96 -20.01 -21.60 -5.54
N GLN A 97 -20.56 -21.22 -4.41
CA GLN A 97 -20.68 -19.83 -4.01
C GLN A 97 -20.14 -19.59 -2.57
N MET A 98 -19.48 -18.45 -2.43
CA MET A 98 -19.15 -17.87 -1.15
C MET A 98 -19.82 -16.48 -1.06
N SER A 99 -20.53 -16.24 0.02
CA SER A 99 -20.98 -14.87 0.28
C SER A 99 -21.05 -14.53 1.73
N GLY A 100 -20.97 -13.23 2.04
CA GLY A 100 -21.13 -12.78 3.44
C GLY A 100 -20.34 -11.51 3.68
N CYS A 101 -20.04 -11.24 4.93
CA CYS A 101 -19.58 -9.92 5.32
C CYS A 101 -18.47 -10.04 6.37
N ASP A 102 -17.50 -9.13 6.34
CA ASP A 102 -16.57 -8.95 7.52
C ASP A 102 -16.96 -7.70 8.31
N LEU A 103 -16.91 -7.80 9.64
CA LEU A 103 -17.12 -6.65 10.56
C LEU A 103 -15.85 -6.34 11.39
N GLY A 104 -15.73 -5.10 11.85
CA GLY A 104 -14.73 -4.72 12.86
C GLY A 104 -15.17 -5.05 14.29
N SER A 105 -14.23 -4.83 15.23
CA SER A 105 -14.47 -5.00 16.67
C SER A 105 -15.56 -4.05 17.22
N ASP A 106 -15.82 -2.94 16.51
CA ASP A 106 -17.02 -2.14 16.76
C ASP A 106 -18.35 -2.68 16.14
N TRP A 107 -18.28 -3.77 15.36
CA TRP A 107 -19.44 -4.42 14.66
C TRP A 107 -19.97 -3.71 13.39
N ARG A 108 -19.22 -2.74 12.90
CA ARG A 108 -19.48 -2.09 11.62
C ARG A 108 -18.96 -2.96 10.50
N LEU A 109 -19.60 -2.86 9.34
CA LEU A 109 -19.12 -3.50 8.09
C LEU A 109 -17.73 -3.08 7.58
N LEU A 110 -16.84 -4.06 7.40
CA LEU A 110 -15.59 -3.84 6.74
C LEU A 110 -15.64 -4.17 5.25
N ARG A 111 -16.30 -5.28 4.90
CA ARG A 111 -16.23 -5.82 3.52
C ARG A 111 -17.31 -6.86 3.32
N GLY A 112 -17.96 -6.78 2.16
CA GLY A 112 -18.89 -7.82 1.67
C GLY A 112 -18.22 -8.70 0.62
N TYR A 113 -18.72 -9.92 0.46
CA TYR A 113 -18.12 -10.87 -0.47
C TYR A 113 -19.25 -11.56 -1.21
N LEU A 114 -19.07 -11.72 -2.51
CA LEU A 114 -19.95 -12.53 -3.35
C LEU A 114 -19.12 -13.14 -4.51
N GLN A 115 -18.84 -14.43 -4.46
CA GLN A 115 -17.87 -15.11 -5.35
C GLN A 115 -18.47 -16.42 -5.80
N PHE A 116 -18.30 -16.73 -7.09
CA PHE A 116 -18.68 -18.00 -7.68
C PHE A 116 -17.48 -18.74 -8.29
N ALA A 117 -17.48 -20.06 -8.16
CA ALA A 117 -16.48 -20.94 -8.82
C ALA A 117 -17.26 -21.99 -9.61
N TYR A 118 -16.74 -22.34 -10.78
CA TYR A 118 -17.24 -23.44 -11.52
C TYR A 118 -16.11 -24.47 -11.69
N GLU A 119 -16.39 -25.74 -11.46
CA GLU A 119 -15.37 -26.81 -11.52
C GLU A 119 -14.14 -26.50 -10.62
N GLY A 120 -14.37 -25.86 -9.47
CA GLY A 120 -13.32 -25.54 -8.48
C GLY A 120 -12.40 -24.37 -8.82
N ARG A 121 -12.69 -23.63 -9.89
CA ARG A 121 -11.92 -22.44 -10.20
C ARG A 121 -12.82 -21.18 -10.25
N ASP A 122 -12.25 -20.02 -9.91
CA ASP A 122 -12.91 -18.70 -9.91
C ASP A 122 -13.66 -18.53 -11.24
N TYR A 123 -14.92 -18.11 -11.16
CA TYR A 123 -15.72 -17.83 -12.33
C TYR A 123 -16.06 -16.30 -12.36
N ILE A 124 -16.78 -15.82 -11.35
CA ILE A 124 -17.10 -14.41 -11.25
C ILE A 124 -17.18 -13.98 -9.82
N ALA A 125 -16.74 -12.75 -9.57
CA ALA A 125 -16.79 -12.20 -8.22
C ALA A 125 -17.25 -10.74 -8.25
N LEU A 126 -17.93 -10.34 -7.19
CA LEU A 126 -18.27 -8.92 -6.95
C LEU A 126 -17.06 -8.25 -6.33
N ASN A 127 -16.66 -7.10 -6.88
CA ASN A 127 -15.49 -6.34 -6.34
C ASN A 127 -15.86 -5.67 -5.03
N GLU A 128 -14.84 -5.22 -4.31
CA GLU A 128 -15.03 -4.73 -2.96
C GLU A 128 -15.94 -3.50 -2.93
N ASP A 129 -16.00 -2.79 -4.07
CA ASP A 129 -16.86 -1.62 -4.24
C ASP A 129 -18.32 -2.01 -4.24
N LEU A 130 -18.56 -3.32 -4.41
CA LEU A 130 -19.90 -3.92 -4.45
C LEU A 130 -20.76 -3.37 -5.55
N LYS A 131 -20.11 -2.95 -6.62
CA LYS A 131 -20.80 -2.32 -7.70
C LYS A 131 -20.39 -2.93 -9.01
N THR A 132 -19.13 -3.36 -9.09
CA THR A 132 -18.59 -3.92 -10.34
C THR A 132 -18.15 -5.38 -10.18
N TRP A 133 -18.00 -6.06 -11.30
CA TRP A 133 -17.75 -7.51 -11.30
C TRP A 133 -16.36 -7.80 -11.89
N THR A 134 -15.67 -8.80 -11.37
CA THR A 134 -14.50 -9.41 -12.04
C THR A 134 -14.81 -10.82 -12.52
N ALA A 135 -14.66 -10.99 -13.80
CA ALA A 135 -14.88 -12.24 -14.52
C ALA A 135 -13.54 -12.93 -14.79
N ALA A 136 -13.48 -14.27 -14.65
CA ALA A 136 -12.19 -14.99 -14.70
C ALA A 136 -11.72 -15.41 -16.07
N ASP A 137 -12.62 -15.45 -17.04
CA ASP A 137 -12.29 -15.98 -18.32
C ASP A 137 -13.34 -15.50 -19.24
N MET A 138 -13.27 -15.94 -20.50
CA MET A 138 -14.10 -15.38 -21.53
C MET A 138 -15.58 -15.78 -21.37
N ALA A 139 -15.83 -17.02 -20.92
CA ALA A 139 -17.17 -17.48 -20.57
C ALA A 139 -17.78 -16.61 -19.45
N ALA A 140 -17.05 -16.40 -18.36
CA ALA A 140 -17.56 -15.57 -17.28
C ALA A 140 -17.82 -14.12 -17.70
N GLN A 141 -17.11 -13.61 -18.72
CA GLN A 141 -17.44 -12.30 -19.29
C GLN A 141 -18.86 -12.25 -19.92
N ILE A 142 -19.39 -13.37 -20.41
CA ILE A 142 -20.82 -13.40 -20.81
C ILE A 142 -21.70 -13.03 -19.56
N THR A 143 -21.49 -13.73 -18.44
CA THR A 143 -22.23 -13.46 -17.20
C THR A 143 -22.09 -12.03 -16.71
N ARG A 144 -20.87 -11.51 -16.77
CA ARG A 144 -20.58 -10.15 -16.32
C ARG A 144 -21.36 -9.15 -17.17
N ARG A 145 -21.39 -9.33 -18.48
CA ARG A 145 -22.15 -8.37 -19.31
C ARG A 145 -23.66 -8.43 -19.09
N LYS A 146 -24.17 -9.63 -18.91
CA LYS A 146 -25.60 -9.87 -18.57
C LYS A 146 -25.92 -9.19 -17.24
N TRP A 147 -25.05 -9.37 -16.23
CA TRP A 147 -25.33 -8.82 -14.91
C TRP A 147 -25.19 -7.30 -14.76
N GLU A 148 -24.26 -6.72 -15.52
CA GLU A 148 -24.15 -5.27 -15.63
C GLU A 148 -25.44 -4.69 -16.27
N GLN A 149 -25.84 -5.29 -17.39
CA GLN A 149 -27.07 -4.92 -18.08
C GLN A 149 -28.33 -4.91 -17.21
N SER A 150 -28.46 -5.86 -16.27
CA SER A 150 -29.63 -5.90 -15.43
C SER A 150 -29.43 -5.36 -14.02
N GLY A 151 -28.29 -4.73 -13.77
CA GLY A 151 -27.98 -4.20 -12.42
C GLY A 151 -28.09 -5.20 -11.25
N ALA A 152 -27.68 -6.45 -11.49
CA ALA A 152 -27.63 -7.51 -10.47
C ALA A 152 -26.86 -7.12 -9.18
N ALA A 153 -25.78 -6.35 -9.29
CA ALA A 153 -24.94 -6.00 -8.12
C ALA A 153 -25.71 -5.30 -6.98
N GLU A 154 -26.71 -4.51 -7.33
CA GLU A 154 -27.45 -3.70 -6.38
C GLU A 154 -28.18 -4.55 -5.37
N HIS A 155 -28.85 -5.58 -5.84
CA HIS A 155 -29.46 -6.58 -4.98
C HIS A 155 -28.43 -7.22 -4.02
N TYR A 156 -27.24 -7.57 -4.50
CA TYR A 156 -26.23 -8.16 -3.58
C TYR A 156 -25.67 -7.16 -2.55
N LYS A 157 -25.28 -5.98 -3.04
CA LYS A 157 -24.88 -4.89 -2.16
C LYS A 157 -25.91 -4.62 -1.04
N ALA A 158 -27.23 -4.63 -1.33
CA ALA A 158 -28.26 -4.39 -0.26
C ALA A 158 -28.25 -5.48 0.80
N TYR A 159 -28.08 -6.74 0.34
CA TYR A 159 -28.01 -7.89 1.21
C TYR A 159 -26.75 -7.76 2.07
N LEU A 160 -25.62 -7.51 1.43
CA LEU A 160 -24.33 -7.54 2.15
C LEU A 160 -24.17 -6.42 3.18
N GLU A 161 -24.66 -5.22 2.86
CA GLU A 161 -24.59 -4.08 3.78
C GLU A 161 -25.76 -4.08 4.76
N GLY A 162 -26.86 -4.75 4.41
CA GLY A 162 -28.07 -4.76 5.24
C GLY A 162 -28.26 -6.02 6.08
N GLU A 163 -28.96 -7.00 5.55
CA GLU A 163 -29.27 -8.22 6.27
C GLU A 163 -28.05 -9.01 6.75
N CYS A 164 -26.96 -8.97 5.97
CA CYS A 164 -25.80 -9.75 6.36
C CYS A 164 -25.30 -9.21 7.72
N VAL A 165 -25.24 -7.88 7.78
CA VAL A 165 -24.71 -7.16 8.95
C VAL A 165 -25.66 -7.34 10.15
N GLU A 166 -26.95 -7.11 9.94
CA GLU A 166 -27.97 -7.11 11.01
C GLU A 166 -28.18 -8.45 11.64
N TRP A 167 -28.31 -9.47 10.80
CA TRP A 167 -28.27 -10.82 11.34
C TRP A 167 -26.95 -11.26 11.94
N LEU A 168 -25.79 -10.90 11.40
CA LEU A 168 -24.52 -11.21 12.12
C LEU A 168 -24.51 -10.60 13.57
N HIS A 169 -24.98 -9.37 13.73
CA HIS A 169 -25.09 -8.75 15.07
C HIS A 169 -25.91 -9.60 16.00
N ARG A 170 -27.09 -10.01 15.55
CA ARG A 170 -27.94 -10.93 16.30
C ARG A 170 -27.24 -12.24 16.70
N TYR A 171 -26.57 -12.89 15.75
CA TYR A 171 -25.81 -14.14 16.05
C TYR A 171 -24.63 -13.85 16.97
N LEU A 172 -23.92 -12.74 16.74
CA LEU A 172 -22.80 -12.36 17.63
C LEU A 172 -23.30 -12.15 19.06
N LYS A 173 -24.43 -11.47 19.20
CA LYS A 173 -25.07 -11.29 20.50
C LYS A 173 -25.50 -12.61 21.13
N ASN A 174 -26.32 -13.39 20.41
CA ASN A 174 -26.85 -14.67 20.87
C ASN A 174 -25.80 -15.80 21.12
N GLY A 175 -24.71 -15.76 20.36
CA GLY A 175 -23.68 -16.76 20.51
C GLY A 175 -22.51 -16.27 21.33
N ASN A 176 -22.64 -15.10 21.97
CA ASN A 176 -21.50 -14.43 22.63
C ASN A 176 -20.67 -15.37 23.51
N ALA A 177 -21.29 -16.11 24.40
CA ALA A 177 -20.55 -17.01 25.34
C ALA A 177 -19.81 -18.14 24.58
N THR A 178 -20.47 -18.76 23.61
CA THR A 178 -19.78 -19.74 22.73
C THR A 178 -18.66 -19.15 21.94
N LEU A 179 -18.93 -18.02 21.25
CA LEU A 179 -17.91 -17.38 20.40
C LEU A 179 -16.68 -16.86 21.13
N LEU A 180 -16.87 -16.21 22.28
CA LEU A 180 -15.76 -15.74 23.13
C LEU A 180 -14.88 -16.88 23.70
N ARG A 181 -15.40 -18.10 23.73
CA ARG A 181 -14.65 -19.23 24.26
C ARG A 181 -13.35 -19.55 23.52
N THR A 182 -12.35 -19.97 24.28
CA THR A 182 -11.07 -20.40 23.73
C THR A 182 -10.69 -21.66 24.45
N ASP A 183 -9.85 -22.46 23.82
CA ASP A 183 -9.29 -23.65 24.47
C ASP A 183 -7.82 -23.50 24.27
N SER A 184 -7.09 -23.46 25.38
CA SER A 184 -5.66 -23.26 25.35
C SER A 184 -4.96 -24.52 24.82
N PRO A 185 -3.90 -24.36 24.02
CA PRO A 185 -3.12 -25.52 23.63
C PRO A 185 -2.42 -26.15 24.85
N LYS A 186 -2.22 -27.46 24.82
CA LYS A 186 -1.26 -28.10 25.71
C LYS A 186 -0.09 -28.48 24.82
N ALA A 187 1.13 -28.13 25.23
CA ALA A 187 2.31 -28.35 24.39
C ALA A 187 3.37 -29.26 25.05
N HIS A 188 4.23 -29.83 24.20
CA HIS A 188 5.31 -30.75 24.62
C HIS A 188 6.26 -30.93 23.46
N VAL A 189 7.44 -31.47 23.77
CA VAL A 189 8.50 -31.60 22.79
C VAL A 189 8.93 -33.08 22.67
N THR A 190 9.24 -33.51 21.44
CA THR A 190 9.63 -34.91 21.13
C THR A 190 10.92 -34.90 20.34
N HIS A 191 11.69 -36.00 20.44
CA HIS A 191 13.04 -36.13 19.83
C HIS A 191 13.17 -37.34 18.90
N HIS A 192 13.85 -37.15 17.78
CA HIS A 192 13.94 -38.19 16.78
C HIS A 192 15.37 -38.45 16.27
N THR A 200 15.77 -34.51 14.80
CA THR A 200 14.56 -33.67 14.71
C THR A 200 13.99 -33.30 16.10
N LEU A 201 13.78 -31.99 16.32
CA LEU A 201 13.02 -31.54 17.50
C LEU A 201 11.56 -31.21 17.09
N ARG A 202 10.58 -31.78 17.79
CA ARG A 202 9.17 -31.58 17.43
C ARG A 202 8.36 -31.06 18.59
N CYS A 203 7.86 -29.85 18.40
CA CYS A 203 7.05 -29.16 19.41
C CYS A 203 5.60 -29.28 18.95
N TRP A 204 4.74 -29.85 19.80
CA TRP A 204 3.35 -30.08 19.46
C TRP A 204 2.48 -29.11 20.21
N ALA A 205 1.45 -28.58 19.56
CA ALA A 205 0.42 -27.80 20.24
C ALA A 205 -0.87 -28.58 20.12
N LEU A 206 -1.52 -28.89 21.23
CA LEU A 206 -2.68 -29.78 21.18
C LEU A 206 -3.93 -29.28 21.89
N GLY A 207 -5.09 -29.55 21.29
CA GLY A 207 -6.39 -29.27 21.92
C GLY A 207 -6.77 -27.80 21.91
N PHE A 208 -6.30 -27.03 20.94
CA PHE A 208 -6.57 -25.59 20.97
C PHE A 208 -7.75 -25.13 20.09
N TYR A 209 -8.42 -24.06 20.55
CA TYR A 209 -9.48 -23.43 19.81
C TYR A 209 -9.55 -21.92 20.10
N PRO A 210 -9.66 -21.07 19.05
CA PRO A 210 -9.73 -21.38 17.60
C PRO A 210 -8.42 -21.86 16.99
N ALA A 211 -8.40 -22.03 15.67
CA ALA A 211 -7.31 -22.71 14.95
C ALA A 211 -6.07 -21.86 14.66
N ASP A 212 -6.21 -20.53 14.71
CA ASP A 212 -5.06 -19.61 14.53
C ASP A 212 -4.05 -19.85 15.63
N ILE A 213 -2.77 -19.97 15.28
CA ILE A 213 -1.73 -20.27 16.25
C ILE A 213 -0.42 -19.96 15.61
N THR A 214 0.56 -19.61 16.43
CA THR A 214 1.94 -19.50 16.02
C THR A 214 2.80 -20.42 16.87
N LEU A 215 3.58 -21.25 16.20
CA LEU A 215 4.69 -22.02 16.79
C LEU A 215 5.99 -21.57 16.14
N THR A 216 6.99 -21.28 16.97
CA THR A 216 8.31 -20.88 16.51
C THR A 216 9.38 -21.70 17.22
N TRP A 217 10.45 -22.07 16.50
CA TRP A 217 11.65 -22.66 17.14
C TRP A 217 12.80 -21.67 17.30
N MET A 228 13.11 -25.53 9.25
CA MET A 228 11.94 -25.57 10.13
C MET A 228 10.68 -26.07 9.41
N GLU A 229 10.37 -27.36 9.57
CA GLU A 229 9.12 -27.97 9.05
C GLU A 229 7.89 -27.69 9.93
N LEU A 230 6.74 -27.48 9.29
CA LEU A 230 5.49 -27.06 9.94
C LEU A 230 4.28 -27.68 9.24
N VAL A 231 3.54 -28.60 9.92
CA VAL A 231 2.31 -29.22 9.32
C VAL A 231 1.12 -28.29 9.28
N GLU A 232 0.26 -28.52 8.28
CA GLU A 232 -1.05 -27.90 8.24
C GLU A 232 -1.85 -28.19 9.51
N THR A 233 -2.44 -27.13 10.05
CA THR A 233 -3.26 -27.22 11.26
C THR A 233 -4.40 -28.15 10.92
N ARG A 234 -4.78 -28.98 11.90
CA ARG A 234 -5.67 -30.10 11.60
C ARG A 234 -6.65 -30.32 12.74
N PRO A 235 -7.88 -30.71 12.43
CA PRO A 235 -8.91 -30.93 13.45
C PRO A 235 -8.68 -32.21 14.23
N ALA A 236 -8.76 -32.10 15.57
CA ALA A 236 -8.68 -33.25 16.47
C ALA A 236 -9.95 -34.04 16.46
N GLY A 237 -11.07 -33.41 16.06
CA GLY A 237 -12.37 -34.09 15.84
C GLY A 237 -13.39 -33.81 16.95
N ASP A 238 -12.92 -33.16 18.01
CA ASP A 238 -13.74 -32.71 19.16
C ASP A 238 -13.97 -31.17 19.12
N GLY A 239 -13.80 -30.56 17.95
CA GLY A 239 -13.85 -29.09 17.91
C GLY A 239 -12.53 -28.41 18.22
N THR A 240 -11.50 -29.17 18.61
CA THR A 240 -10.17 -28.53 18.76
C THR A 240 -9.19 -28.84 17.61
N PHE A 241 -8.03 -28.21 17.63
CA PHE A 241 -7.05 -28.34 16.60
C PHE A 241 -5.68 -28.76 17.12
N GLN A 242 -4.79 -29.13 16.19
CA GLN A 242 -3.46 -29.56 16.50
C GLN A 242 -2.56 -29.00 15.44
N LYS A 243 -1.30 -28.80 15.82
CA LYS A 243 -0.27 -28.42 14.88
C LYS A 243 1.08 -28.81 15.47
N TRP A 244 2.07 -29.03 14.64
CA TRP A 244 3.41 -29.16 15.22
C TRP A 244 4.51 -28.57 14.37
N ALA A 245 5.65 -28.31 15.00
CA ALA A 245 6.80 -27.69 14.32
C ALA A 245 8.07 -28.40 14.76
N SER A 246 9.02 -28.51 13.84
CA SER A 246 10.22 -29.36 14.03
C SER A 246 11.48 -28.72 13.40
N VAL A 247 12.69 -29.21 13.78
CA VAL A 247 13.97 -28.63 13.24
C VAL A 247 15.16 -29.58 12.95
N VAL A 248 16.37 -29.00 12.92
CA VAL A 248 17.66 -29.74 13.00
C VAL A 248 18.42 -29.34 14.28
N VAL A 249 19.09 -30.33 14.90
CA VAL A 249 19.97 -30.13 16.07
C VAL A 249 21.35 -30.83 15.90
N GLN A 255 20.43 -28.19 24.81
CA GLN A 255 19.16 -27.49 24.77
C GLN A 255 19.33 -26.03 24.33
N ASN A 256 19.78 -25.84 23.10
CA ASN A 256 19.95 -24.49 22.50
C ASN A 256 18.69 -23.88 21.86
N TYR A 257 17.57 -24.61 21.93
CA TYR A 257 16.36 -24.37 21.13
C TYR A 257 15.07 -24.20 21.94
N CYS A 259 11.27 -23.47 21.66
CA CYS A 259 9.97 -23.37 20.97
C CYS A 259 8.93 -22.51 21.72
N ARG A 260 8.30 -21.57 21.00
CA ARG A 260 7.24 -20.71 21.55
C ARG A 260 5.84 -20.91 20.95
N VAL A 261 4.83 -20.91 21.82
CA VAL A 261 3.44 -21.12 21.41
C VAL A 261 2.57 -19.87 21.67
N TYR A 262 2.00 -19.33 20.58
CA TYR A 262 1.17 -18.11 20.63
C TYR A 262 -0.30 -18.34 20.35
N HIS A 263 -1.10 -18.13 21.38
CA HIS A 263 -2.50 -18.41 21.28
C HIS A 263 -3.36 -17.63 22.24
N GLU A 264 -4.47 -17.14 21.70
CA GLU A 264 -5.36 -16.22 22.38
C GLU A 264 -6.04 -16.90 23.55
N GLY A 265 -5.91 -18.23 23.55
CA GLY A 265 -6.39 -19.04 24.66
C GLY A 265 -5.48 -18.94 25.87
N LEU A 266 -4.21 -18.64 25.65
CA LEU A 266 -3.23 -18.66 26.74
C LEU A 266 -3.26 -17.45 27.69
N PRO A 267 -3.13 -17.73 29.01
CA PRO A 267 -2.77 -16.70 29.99
C PRO A 267 -1.53 -15.88 29.53
N GLU A 268 -0.51 -16.58 29.01
CA GLU A 268 0.65 -15.98 28.32
C GLU A 268 1.25 -17.01 27.34
N PRO A 269 2.09 -16.57 26.38
CA PRO A 269 2.77 -17.57 25.54
C PRO A 269 3.48 -18.66 26.34
N LEU A 270 3.44 -19.89 25.82
CA LEU A 270 4.16 -21.04 26.38
C LEU A 270 5.61 -21.05 25.85
N THR A 271 6.53 -21.55 26.68
CA THR A 271 7.93 -21.57 26.31
C THR A 271 8.54 -22.89 26.83
N LEU A 272 9.14 -23.68 25.92
CA LEU A 272 9.63 -25.05 26.24
C LEU A 272 10.76 -25.55 25.35
N ARG A 273 11.42 -26.62 25.80
CA ARG A 273 12.41 -27.35 25.02
C ARG A 273 12.29 -28.82 25.40
N TRP A 274 13.15 -29.65 24.81
CA TRP A 274 13.25 -31.09 25.10
C TRP A 274 13.44 -31.39 26.61
N GLU A 275 12.68 -32.37 27.09
CA GLU A 275 12.64 -32.72 28.53
C GLU A 275 13.04 -34.18 28.86
N ARG A 276 14.35 -34.39 28.96
CA ARG A 276 14.92 -35.43 29.83
C ARG A 276 16.04 -34.76 30.63
N ILE B 2 -9.85 -28.40 -11.85
CA ILE B 2 -10.67 -29.53 -12.44
C ILE B 2 -10.25 -30.91 -11.86
N GLN B 3 -8.95 -31.13 -11.67
CA GLN B 3 -8.49 -32.27 -10.85
C GLN B 3 -7.49 -31.78 -9.79
N LYS B 4 -7.86 -31.74 -8.52
CA LYS B 4 -6.88 -31.39 -7.44
C LYS B 4 -6.60 -32.62 -6.55
N THR B 5 -5.32 -32.97 -6.37
CA THR B 5 -4.90 -34.18 -5.62
C THR B 5 -5.09 -34.12 -4.10
N PRO B 6 -5.83 -35.04 -3.50
CA PRO B 6 -6.02 -34.95 -2.02
C PRO B 6 -4.68 -34.93 -1.20
N GLN B 7 -4.63 -34.09 -0.16
CA GLN B 7 -3.51 -34.06 0.77
C GLN B 7 -4.01 -34.83 1.98
N ILE B 8 -3.17 -35.63 2.61
CA ILE B 8 -3.66 -36.57 3.63
C ILE B 8 -2.84 -36.41 4.94
N GLN B 9 -3.53 -36.39 6.09
CA GLN B 9 -2.90 -36.51 7.42
C GLN B 9 -3.60 -37.60 8.18
N VAL B 10 -2.79 -38.49 8.78
CA VAL B 10 -3.24 -39.61 9.62
C VAL B 10 -2.62 -39.41 11.03
N TYR B 11 -3.40 -39.45 12.09
CA TYR B 11 -2.97 -38.93 13.40
C TYR B 11 -4.08 -39.19 14.41
N SER B 12 -3.73 -39.30 15.67
CA SER B 12 -4.70 -39.62 16.66
C SER B 12 -5.29 -38.34 17.28
N ARG B 13 -6.49 -38.45 17.82
CA ARG B 13 -7.04 -37.34 18.58
C ARG B 13 -6.20 -36.99 19.85
N HIS B 14 -5.86 -37.99 20.66
CA HIS B 14 -5.03 -37.80 21.86
C HIS B 14 -3.60 -38.31 21.64
N PRO B 15 -2.63 -37.78 22.42
CA PRO B 15 -1.26 -38.31 22.28
C PRO B 15 -1.22 -39.85 22.50
N PRO B 16 -0.53 -40.60 21.63
CA PRO B 16 -0.84 -42.02 21.71
C PRO B 16 -0.07 -42.70 22.88
N GLU B 17 -0.77 -43.63 23.53
CA GLU B 17 -0.16 -44.49 24.52
C GLU B 17 -0.67 -45.91 24.20
N ASN B 18 0.27 -46.84 24.00
CA ASN B 18 -0.11 -48.22 23.64
C ASN B 18 -1.01 -48.83 24.69
N GLY B 19 -2.13 -49.38 24.23
CA GLY B 19 -3.06 -50.05 25.10
C GLY B 19 -4.19 -49.14 25.50
N LYS B 20 -4.00 -47.83 25.30
CA LYS B 20 -4.97 -46.81 25.67
C LYS B 20 -5.93 -46.51 24.47
N PRO B 21 -7.25 -46.77 24.61
CA PRO B 21 -8.16 -46.31 23.54
C PRO B 21 -8.03 -44.81 23.13
N ASN B 22 -8.14 -44.61 21.83
CA ASN B 22 -7.91 -43.31 21.28
C ASN B 22 -8.81 -43.08 20.03
N ILE B 23 -8.60 -41.99 19.31
CA ILE B 23 -9.35 -41.86 18.02
C ILE B 23 -8.33 -41.61 16.91
N LEU B 24 -8.52 -42.39 15.83
CA LEU B 24 -7.70 -42.23 14.68
C LEU B 24 -8.46 -41.43 13.65
N ASN B 25 -7.73 -40.41 13.20
CA ASN B 25 -8.16 -39.40 12.25
C ASN B 25 -7.45 -39.55 10.92
N CYS B 26 -8.21 -39.48 9.86
CA CYS B 26 -7.68 -39.26 8.50
C CYS B 26 -8.31 -37.97 7.92
N TYR B 27 -7.51 -36.91 7.86
CA TYR B 27 -7.92 -35.57 7.44
C TYR B 27 -7.48 -35.38 6.02
N VAL B 28 -8.46 -35.37 5.12
CA VAL B 28 -8.19 -35.31 3.69
C VAL B 28 -8.59 -33.94 3.14
N THR B 29 -7.65 -33.24 2.52
CA THR B 29 -7.93 -31.92 2.09
C THR B 29 -7.48 -31.67 0.67
N GLN B 30 -7.84 -30.50 0.21
CA GLN B 30 -7.32 -29.89 -1.01
C GLN B 30 -7.70 -30.63 -2.23
N PHE B 31 -8.86 -31.30 -2.26
CA PHE B 31 -9.21 -32.07 -3.43
C PHE B 31 -10.43 -31.52 -4.28
N HIS B 32 -10.47 -31.86 -5.55
CA HIS B 32 -11.58 -31.51 -6.44
C HIS B 32 -11.53 -32.48 -7.62
N PRO B 33 -12.68 -33.08 -8.01
CA PRO B 33 -14.04 -32.87 -7.57
C PRO B 33 -14.34 -33.44 -6.15
N PRO B 34 -15.50 -33.10 -5.59
CA PRO B 34 -15.88 -33.50 -4.20
C PRO B 34 -16.03 -35.01 -3.99
N HIS B 35 -16.39 -35.76 -5.03
CA HIS B 35 -16.50 -37.20 -4.89
C HIS B 35 -15.12 -37.83 -4.48
N ILE B 36 -15.15 -38.65 -3.43
CA ILE B 36 -13.96 -39.22 -2.82
C ILE B 36 -14.36 -40.47 -2.06
N GLU B 37 -13.44 -41.44 -2.01
CA GLU B 37 -13.62 -42.64 -1.20
C GLU B 37 -12.45 -42.79 -0.27
N ILE B 38 -12.73 -42.76 1.03
CA ILE B 38 -11.67 -42.83 2.05
C ILE B 38 -11.93 -44.12 2.85
N GLN B 39 -10.89 -44.94 3.06
CA GLN B 39 -11.01 -46.18 3.82
C GLN B 39 -10.03 -46.12 4.96
N MET B 40 -10.41 -46.64 6.13
CA MET B 40 -9.41 -46.75 7.19
C MET B 40 -9.08 -48.20 7.39
N LEU B 41 -7.79 -48.50 7.54
CA LEU B 41 -7.31 -49.90 7.63
C LEU B 41 -6.62 -50.22 8.96
N LYS B 42 -6.91 -51.41 9.51
CA LYS B 42 -6.18 -51.99 10.64
C LYS B 42 -5.51 -53.30 10.18
N ASN B 43 -4.18 -53.26 10.15
CA ASN B 43 -3.34 -54.36 9.65
C ASN B 43 -3.77 -54.76 8.25
N GLY B 44 -4.06 -53.74 7.43
CA GLY B 44 -4.34 -53.90 6.01
C GLY B 44 -5.74 -54.34 5.64
N LYS B 45 -6.58 -54.55 6.65
CA LYS B 45 -7.95 -54.90 6.41
C LYS B 45 -8.75 -53.65 6.72
N LYS B 46 -9.84 -53.44 6.00
CA LYS B 46 -10.62 -52.25 6.10
C LYS B 46 -11.43 -52.28 7.37
N ILE B 47 -11.45 -51.13 8.07
CA ILE B 47 -12.27 -50.93 9.28
C ILE B 47 -13.70 -50.62 8.87
N PRO B 48 -14.68 -51.42 9.35
CA PRO B 48 -16.05 -51.26 8.90
C PRO B 48 -16.75 -49.98 9.42
N LYS B 49 -16.50 -49.56 10.67
CA LYS B 49 -17.26 -48.44 11.24
C LYS B 49 -16.53 -47.08 11.17
N VAL B 50 -16.43 -46.51 9.96
CA VAL B 50 -15.72 -45.25 9.79
C VAL B 50 -16.70 -44.09 9.64
N GLU B 51 -16.48 -43.05 10.46
CA GLU B 51 -17.28 -41.86 10.37
C GLU B 51 -16.60 -40.82 9.51
N MET B 52 -17.42 -39.97 8.93
CA MET B 52 -17.03 -38.97 7.97
C MET B 52 -17.74 -37.65 8.32
N SER B 53 -16.99 -36.56 8.36
CA SER B 53 -17.59 -35.20 8.42
C SER B 53 -18.44 -34.92 7.14
N ASP B 54 -19.34 -33.95 7.25
CA ASP B 54 -20.22 -33.56 6.15
C ASP B 54 -19.43 -32.75 5.15
N MET B 55 -19.87 -32.80 3.89
CA MET B 55 -19.22 -32.07 2.78
C MET B 55 -18.96 -30.59 3.09
N SER B 56 -17.68 -30.20 3.15
CA SER B 56 -17.28 -28.80 3.30
C SER B 56 -16.17 -28.41 2.33
N PHE B 57 -16.02 -27.12 2.09
CA PHE B 57 -14.97 -26.65 1.21
C PHE B 57 -14.30 -25.42 1.81
N SER B 58 -13.11 -25.12 1.33
CA SER B 58 -12.29 -24.10 1.92
C SER B 58 -12.38 -22.85 1.09
N LYS B 59 -11.72 -21.81 1.59
CA LYS B 59 -11.63 -20.50 1.00
C LYS B 59 -11.08 -20.56 -0.42
N ASP B 60 -10.23 -21.55 -0.70
CA ASP B 60 -9.75 -21.76 -2.08
C ASP B 60 -10.60 -22.65 -3.00
N TRP B 61 -11.81 -22.98 -2.55
CA TRP B 61 -12.82 -23.78 -3.26
C TRP B 61 -12.64 -25.29 -3.07
N SER B 62 -11.49 -25.71 -2.55
CA SER B 62 -11.16 -27.16 -2.46
C SER B 62 -11.95 -27.83 -1.35
N PHE B 63 -12.24 -29.12 -1.50
CA PHE B 63 -13.05 -29.85 -0.54
C PHE B 63 -12.19 -30.57 0.50
N TYR B 64 -12.80 -30.88 1.64
CA TYR B 64 -12.13 -31.60 2.69
C TYR B 64 -13.13 -32.36 3.50
N ILE B 65 -12.55 -33.36 4.17
CA ILE B 65 -13.32 -34.35 4.89
C ILE B 65 -12.37 -34.92 5.96
N LEU B 66 -12.93 -35.14 7.13
CA LEU B 66 -12.22 -35.71 8.21
C LEU B 66 -12.90 -37.02 8.37
N ALA B 67 -12.15 -38.13 8.20
CA ALA B 67 -12.70 -39.44 8.52
C ALA B 67 -12.07 -39.88 9.85
N HIS B 68 -12.81 -40.61 10.66
CA HIS B 68 -12.24 -41.02 11.96
C HIS B 68 -12.80 -42.33 12.43
N THR B 69 -11.98 -43.00 13.25
CA THR B 69 -12.43 -44.22 13.90
C THR B 69 -11.75 -44.45 15.27
N GLU B 70 -12.40 -45.24 16.11
CA GLU B 70 -11.77 -45.80 17.33
C GLU B 70 -10.54 -46.60 16.96
N PHE B 71 -9.44 -46.39 17.68
CA PHE B 71 -8.36 -47.38 17.66
C PHE B 71 -7.64 -47.44 18.99
N THR B 72 -6.79 -48.45 19.12
CA THR B 72 -6.00 -48.61 20.31
C THR B 72 -4.65 -48.90 19.80
N PRO B 73 -3.75 -47.89 19.88
CA PRO B 73 -2.38 -48.10 19.42
C PRO B 73 -1.69 -49.25 20.18
N THR B 74 -0.92 -50.07 19.47
CA THR B 74 -0.10 -51.12 20.09
C THR B 74 1.31 -51.14 19.51
N GLU B 75 2.15 -51.97 20.09
CA GLU B 75 3.51 -52.11 19.63
C GLU B 75 3.52 -52.73 18.24
N THR B 76 2.51 -53.51 17.89
CA THR B 76 2.60 -54.25 16.62
C THR B 76 1.55 -53.93 15.55
N ASP B 77 0.41 -53.38 15.95
CA ASP B 77 -0.67 -53.11 14.99
C ASP B 77 -0.33 -51.89 14.17
N THR B 78 -0.67 -51.98 12.88
CA THR B 78 -0.55 -50.88 11.92
C THR B 78 -1.93 -50.32 11.52
N TYR B 79 -1.96 -49.01 11.27
CA TYR B 79 -3.18 -48.27 10.89
C TYR B 79 -2.84 -47.44 9.70
N ALA B 80 -3.77 -47.41 8.75
CA ALA B 80 -3.61 -46.65 7.54
C ALA B 80 -4.93 -46.08 7.05
N CYS B 81 -4.81 -45.03 6.23
CA CYS B 81 -5.94 -44.47 5.57
C CYS B 81 -5.73 -44.59 4.06
N ARG B 82 -6.72 -45.05 3.34
CA ARG B 82 -6.57 -45.29 1.89
C ARG B 82 -7.59 -44.45 1.15
N VAL B 83 -7.11 -43.63 0.25
CA VAL B 83 -7.93 -42.62 -0.45
C VAL B 83 -7.91 -42.88 -1.98
N LYS B 84 -9.11 -43.06 -2.54
CA LYS B 84 -9.32 -43.18 -4.00
C LYS B 84 -9.95 -41.89 -4.47
N HIS B 85 -9.38 -41.27 -5.50
CA HIS B 85 -9.99 -40.07 -6.07
C HIS B 85 -9.55 -39.96 -7.53
N ASP B 86 -10.33 -39.23 -8.32
CA ASP B 86 -10.21 -39.25 -9.75
C ASP B 86 -8.94 -38.58 -10.21
N SER B 87 -8.36 -37.76 -9.34
CA SER B 87 -7.08 -37.12 -9.63
C SER B 87 -5.88 -38.11 -9.59
N MET B 88 -6.10 -39.27 -9.01
CA MET B 88 -5.01 -40.21 -8.68
C MET B 88 -5.15 -41.52 -9.47
N ALA B 89 -4.07 -41.94 -10.14
CA ALA B 89 -4.07 -43.21 -10.94
C ALA B 89 -4.40 -44.44 -10.08
N GLU B 90 -3.82 -44.45 -8.88
CA GLU B 90 -4.01 -45.52 -7.90
C GLU B 90 -4.44 -44.97 -6.50
N PRO B 91 -5.15 -45.79 -5.69
CA PRO B 91 -5.43 -45.31 -4.32
C PRO B 91 -4.12 -44.99 -3.60
N LYS B 92 -4.13 -43.93 -2.81
CA LYS B 92 -2.99 -43.56 -1.95
C LYS B 92 -3.21 -44.05 -0.52
N THR B 93 -2.25 -44.80 0.02
CA THR B 93 -2.34 -45.36 1.38
C THR B 93 -1.32 -44.68 2.27
N VAL B 94 -1.78 -44.06 3.34
CA VAL B 94 -0.85 -43.37 4.25
C VAL B 94 -0.99 -44.05 5.59
N TYR B 95 0.14 -44.59 6.09
CA TYR B 95 0.20 -45.22 7.43
C TYR B 95 0.26 -44.16 8.54
N TRP B 96 -0.44 -44.45 9.63
CA TRP B 96 -0.31 -43.70 10.88
C TRP B 96 1.11 -43.82 11.42
N ASP B 97 1.76 -42.71 11.70
CA ASP B 97 3.05 -42.73 12.39
C ASP B 97 2.83 -41.93 13.68
N ARG B 98 2.98 -42.61 14.82
CA ARG B 98 2.85 -41.97 16.14
C ARG B 98 3.74 -40.74 16.34
N ASP B 99 4.82 -40.61 15.58
CA ASP B 99 5.71 -39.43 15.72
C ASP B 99 5.24 -38.14 15.00
N MET B 100 4.07 -38.18 14.35
CA MET B 100 3.64 -37.13 13.41
C MET B 100 2.16 -36.75 13.38
N PRO C 2 26.29 -33.62 -26.89
CA PRO C 2 24.95 -33.79 -26.34
C PRO C 2 23.89 -33.48 -27.42
N HIS C 3 23.07 -34.49 -27.73
CA HIS C 3 22.17 -34.44 -28.90
C HIS C 3 20.78 -35.01 -28.60
N SER C 4 19.79 -34.55 -29.36
CA SER C 4 18.40 -35.04 -29.18
C SER C 4 17.57 -35.07 -30.45
N MET C 5 16.54 -35.89 -30.43
CA MET C 5 15.51 -35.83 -31.49
C MET C 5 14.20 -35.87 -30.76
N ARG C 6 13.28 -34.99 -31.19
CA ARG C 6 11.88 -34.99 -30.70
C ARG C 6 10.88 -34.78 -31.85
N TYR C 7 9.76 -35.52 -31.77
CA TYR C 7 8.56 -35.20 -32.52
C TYR C 7 7.45 -34.75 -31.53
N PHE C 8 6.91 -33.56 -31.81
CA PHE C 8 5.84 -32.95 -30.97
C PHE C 8 4.59 -33.00 -31.86
N GLU C 9 3.55 -33.67 -31.40
CA GLU C 9 2.35 -33.89 -32.24
C GLU C 9 1.14 -33.38 -31.48
N THR C 10 0.19 -32.81 -32.22
CA THR C 10 -0.95 -32.17 -31.59
C THR C 10 -2.11 -32.53 -32.47
N ALA C 11 -3.20 -33.04 -31.86
CA ALA C 11 -4.46 -33.12 -32.59
C ALA C 11 -5.47 -32.28 -31.80
N VAL C 12 -6.18 -31.41 -32.50
CA VAL C 12 -7.17 -30.55 -31.82
C VAL C 12 -8.50 -30.93 -32.45
N SER C 13 -9.45 -31.44 -31.67
CA SER C 13 -10.75 -31.83 -32.31
C SER C 13 -11.56 -30.60 -32.73
N ARG C 14 -12.41 -30.75 -33.76
CA ARG C 14 -13.13 -29.59 -34.29
C ARG C 14 -14.62 -29.89 -34.26
N PRO C 15 -15.37 -29.17 -33.42
CA PRO C 15 -16.82 -29.43 -33.31
C PRO C 15 -17.53 -29.42 -34.69
N GLY C 16 -18.34 -30.44 -34.97
CA GLY C 16 -19.03 -30.57 -36.28
C GLY C 16 -18.34 -31.50 -37.28
N LEU C 17 -17.10 -31.91 -36.93
CA LEU C 17 -16.16 -32.61 -37.83
C LEU C 17 -15.65 -33.91 -37.24
N GLU C 18 -15.52 -34.93 -38.09
CA GLU C 18 -14.92 -36.21 -37.71
C GLU C 18 -13.39 -36.03 -37.69
N GLU C 19 -12.91 -35.06 -38.47
CA GLU C 19 -11.50 -34.69 -38.59
C GLU C 19 -10.97 -33.47 -37.73
N PRO C 20 -10.29 -33.78 -36.64
CA PRO C 20 -9.38 -32.90 -35.90
C PRO C 20 -8.28 -32.33 -36.77
N ARG C 21 -7.72 -31.21 -36.37
CA ARG C 21 -6.52 -30.73 -37.06
C ARG C 21 -5.32 -31.43 -36.42
N TYR C 22 -4.39 -31.90 -37.27
CA TYR C 22 -3.26 -32.68 -36.77
C TYR C 22 -1.99 -32.04 -37.28
N ILE C 23 -1.10 -31.70 -36.35
CA ILE C 23 0.20 -31.11 -36.70
C ILE C 23 1.37 -31.92 -36.08
N SER C 24 2.39 -32.24 -36.86
CA SER C 24 3.62 -32.81 -36.29
C SER C 24 4.85 -31.98 -36.61
N VAL C 25 5.67 -31.77 -35.58
CA VAL C 25 6.94 -31.05 -35.68
C VAL C 25 8.09 -31.92 -35.15
N GLY C 26 9.06 -32.17 -36.02
CA GLY C 26 10.30 -32.82 -35.69
C GLY C 26 11.37 -31.78 -35.37
N TYR C 27 12.15 -32.07 -34.36
CA TYR C 27 13.22 -31.23 -33.87
C TYR C 27 14.52 -32.06 -33.81
N VAL C 28 15.61 -31.49 -34.34
CA VAL C 28 16.92 -32.07 -34.09
C VAL C 28 17.74 -31.05 -33.33
N ASP C 29 18.28 -31.48 -32.19
CA ASP C 29 19.09 -30.59 -31.36
C ASP C 29 18.35 -29.25 -31.10
N ASN C 30 17.05 -29.38 -30.75
CA ASN C 30 16.10 -28.31 -30.41
C ASN C 30 15.74 -27.37 -31.54
N LYS C 31 16.09 -27.74 -32.76
CA LYS C 31 15.69 -26.91 -33.90
C LYS C 31 14.80 -27.73 -34.83
N GLU C 32 13.70 -27.10 -35.24
CA GLU C 32 12.74 -27.66 -36.17
C GLU C 32 13.37 -28.08 -37.51
N PHE C 33 13.08 -29.29 -37.95
CA PHE C 33 13.71 -29.84 -39.12
C PHE C 33 12.68 -30.37 -40.14
N VAL C 34 11.50 -30.77 -39.62
CA VAL C 34 10.38 -31.20 -40.44
C VAL C 34 9.05 -30.73 -39.84
N ARG C 35 8.02 -30.65 -40.68
CA ARG C 35 6.65 -30.31 -40.25
C ARG C 35 5.58 -30.93 -41.15
N PHE C 36 4.53 -31.42 -40.52
CA PHE C 36 3.30 -31.79 -41.16
C PHE C 36 2.15 -30.99 -40.54
N ASP C 37 1.20 -30.56 -41.35
CA ASP C 37 0.00 -29.85 -40.86
C ASP C 37 -1.14 -30.32 -41.75
N SER C 38 -2.15 -30.93 -41.14
CA SER C 38 -3.29 -31.39 -41.91
C SER C 38 -4.15 -30.26 -42.55
N ASP C 39 -3.93 -29.02 -42.13
CA ASP C 39 -4.62 -27.89 -42.72
C ASP C 39 -4.01 -27.35 -44.03
N ALA C 40 -2.85 -27.90 -44.45
CA ALA C 40 -2.17 -27.51 -45.71
C ALA C 40 -3.01 -27.92 -46.89
N GLU C 41 -2.90 -27.17 -47.98
CA GLU C 41 -3.66 -27.52 -49.18
C GLU C 41 -3.27 -28.91 -49.65
N ASN C 42 -1.98 -29.22 -49.57
CA ASN C 42 -1.49 -30.57 -49.88
C ASN C 42 -0.59 -31.11 -48.72
N PRO C 43 -1.22 -31.82 -47.74
CA PRO C 43 -0.53 -32.08 -46.47
C PRO C 43 0.52 -33.17 -46.62
N ARG C 44 1.75 -32.83 -46.30
CA ARG C 44 2.84 -33.78 -46.40
C ARG C 44 3.86 -33.29 -45.42
N TYR C 45 4.71 -34.18 -44.90
CA TYR C 45 5.88 -33.72 -44.14
C TYR C 45 6.75 -32.89 -45.12
N GLU C 46 7.28 -31.76 -44.65
CA GLU C 46 8.08 -30.84 -45.46
C GLU C 46 9.35 -30.50 -44.71
N PRO C 47 10.47 -30.26 -45.44
CA PRO C 47 11.71 -29.87 -44.79
C PRO C 47 11.61 -28.45 -44.16
N ARG C 48 12.20 -28.30 -42.99
CA ARG C 48 12.26 -27.02 -42.29
C ARG C 48 13.71 -26.58 -41.99
N ALA C 49 14.70 -27.37 -42.44
CA ALA C 49 16.12 -26.98 -42.33
C ALA C 49 16.75 -27.30 -43.68
N PRO C 50 17.64 -26.40 -44.17
CA PRO C 50 18.03 -26.55 -45.60
C PRO C 50 18.73 -27.89 -45.90
N TRP C 51 19.33 -28.50 -44.87
CA TRP C 51 20.01 -29.77 -44.99
C TRP C 51 19.11 -31.03 -45.17
N MET C 52 17.81 -30.87 -44.96
CA MET C 52 16.84 -31.96 -45.13
C MET C 52 16.40 -32.12 -46.60
N GLU C 53 16.58 -31.05 -47.38
CA GLU C 53 16.33 -31.04 -48.82
C GLU C 53 17.00 -32.16 -49.58
N GLN C 54 18.08 -32.71 -49.04
CA GLN C 54 18.76 -33.83 -49.70
C GLN C 54 18.00 -35.18 -49.61
N GLU C 55 17.10 -35.34 -48.63
CA GLU C 55 16.29 -36.57 -48.56
C GLU C 55 15.46 -36.67 -49.79
N GLY C 56 15.39 -37.86 -50.36
CA GLY C 56 14.62 -38.02 -51.62
C GLY C 56 13.12 -38.23 -51.43
N PRO C 57 12.38 -38.30 -52.55
CA PRO C 57 10.94 -38.49 -52.48
C PRO C 57 10.46 -39.72 -51.68
N GLU C 58 11.21 -40.82 -51.71
CA GLU C 58 10.91 -41.99 -50.91
C GLU C 58 10.84 -41.70 -49.42
N TYR C 59 11.78 -40.88 -48.92
CA TYR C 59 11.74 -40.39 -47.54
C TYR C 59 10.43 -39.67 -47.19
N TRP C 60 10.04 -38.66 -48.00
CA TRP C 60 8.92 -37.79 -47.67
C TRP C 60 7.59 -38.56 -47.77
N GLU C 61 7.51 -39.41 -48.80
CA GLU C 61 6.42 -40.32 -48.99
C GLU C 61 6.22 -41.20 -47.75
N ARG C 62 7.27 -41.86 -47.26
CA ARG C 62 7.12 -42.74 -46.08
C ARG C 62 6.74 -41.96 -44.82
N GLU C 63 7.34 -40.78 -44.61
CA GLU C 63 7.08 -40.04 -43.41
C GLU C 63 5.65 -39.55 -43.43
N THR C 64 5.17 -39.10 -44.58
CA THR C 64 3.77 -38.64 -44.77
C THR C 64 2.73 -39.76 -44.54
N GLN C 65 3.09 -40.97 -44.96
CA GLN C 65 2.24 -42.11 -44.66
C GLN C 65 2.08 -42.23 -43.15
N LYS C 66 3.20 -42.12 -42.41
CA LYS C 66 3.15 -42.12 -40.94
C LYS C 66 2.27 -41.04 -40.36
N ALA C 67 2.41 -39.81 -40.86
CA ALA C 67 1.59 -38.67 -40.36
C ALA C 67 0.11 -38.87 -40.56
N LYS C 68 -0.26 -39.40 -41.74
CA LYS C 68 -1.61 -39.72 -42.04
C LYS C 68 -2.20 -40.80 -41.10
N GLY C 69 -1.39 -41.80 -40.75
CA GLY C 69 -1.74 -42.84 -39.80
C GLY C 69 -1.92 -42.25 -38.41
N GLN C 70 -1.01 -41.39 -38.00
CA GLN C 70 -1.09 -40.76 -36.71
C GLN C 70 -2.33 -39.89 -36.56
N GLU C 71 -2.67 -39.20 -37.63
CA GLU C 71 -3.86 -38.42 -37.65
C GLU C 71 -5.11 -39.26 -37.29
N GLN C 72 -5.21 -40.47 -37.86
CA GLN C 72 -6.29 -41.42 -37.56
C GLN C 72 -6.17 -41.94 -36.15
N TRP C 73 -4.95 -42.25 -35.73
CA TRP C 73 -4.68 -42.71 -34.36
C TRP C 73 -5.19 -41.69 -33.27
N PHE C 74 -4.89 -40.42 -33.51
CA PHE C 74 -5.34 -39.35 -32.64
C PHE C 74 -6.83 -39.16 -32.73
N ARG C 75 -7.37 -39.23 -33.96
CA ARG C 75 -8.85 -39.20 -34.06
C ARG C 75 -9.53 -40.24 -33.16
N VAL C 76 -9.02 -41.47 -33.19
CA VAL C 76 -9.61 -42.55 -32.43
C VAL C 76 -9.32 -42.35 -30.92
N SER C 77 -8.11 -41.91 -30.58
CA SER C 77 -7.78 -41.71 -29.17
C SER C 77 -8.58 -40.51 -28.56
N LEU C 78 -8.79 -39.45 -29.32
CA LEU C 78 -9.66 -38.35 -28.85
C LEU C 78 -11.07 -38.82 -28.49
N ARG C 79 -11.66 -39.61 -29.39
CA ARG C 79 -12.99 -40.14 -29.17
C ARG C 79 -13.02 -41.01 -27.94
N ASN C 80 -12.00 -41.85 -27.72
CA ASN C 80 -11.96 -42.60 -26.50
C ASN C 80 -11.93 -41.75 -25.23
N LEU C 81 -11.11 -40.70 -25.23
CA LEU C 81 -10.97 -39.78 -24.08
C LEU C 81 -12.25 -39.00 -23.79
N LEU C 82 -13.06 -38.67 -24.82
CA LEU C 82 -14.38 -38.07 -24.59
C LEU C 82 -15.24 -38.93 -23.69
N GLY C 83 -15.22 -40.25 -23.94
CA GLY C 83 -15.87 -41.20 -23.08
C GLY C 83 -15.26 -41.35 -21.69
N TYR C 84 -13.92 -41.36 -21.54
CA TYR C 84 -13.32 -41.59 -20.20
C TYR C 84 -13.64 -40.38 -19.30
N TYR C 85 -13.66 -39.21 -19.92
CA TYR C 85 -13.84 -37.99 -19.14
C TYR C 85 -15.26 -37.47 -19.25
N ASN C 86 -16.15 -38.18 -19.95
CA ASN C 86 -17.55 -37.76 -20.10
C ASN C 86 -17.65 -36.32 -20.63
N GLN C 87 -17.05 -36.13 -21.79
CA GLN C 87 -17.06 -34.81 -22.39
C GLN C 87 -17.96 -34.81 -23.56
N SER C 88 -18.11 -33.64 -24.18
CA SER C 88 -18.98 -33.44 -25.33
C SER C 88 -18.07 -33.10 -26.50
N ALA C 89 -18.35 -33.71 -27.67
CA ALA C 89 -17.71 -33.36 -28.96
C ALA C 89 -18.13 -31.98 -29.49
N GLY C 90 -19.10 -31.35 -28.82
CA GLY C 90 -19.47 -29.94 -29.06
C GLY C 90 -18.42 -28.93 -28.68
N GLY C 91 -17.48 -29.34 -27.82
CA GLY C 91 -16.26 -28.59 -27.57
C GLY C 91 -15.01 -29.12 -28.27
N SER C 92 -14.06 -28.24 -28.48
CA SER C 92 -12.72 -28.64 -28.87
C SER C 92 -11.86 -29.28 -27.73
N HIS C 93 -11.14 -30.34 -28.07
CA HIS C 93 -10.28 -31.03 -27.13
C HIS C 93 -8.89 -31.20 -27.73
N THR C 94 -7.87 -31.30 -26.90
CA THR C 94 -6.49 -31.33 -27.37
C THR C 94 -5.72 -32.54 -26.80
N LEU C 95 -5.10 -33.26 -27.71
CA LEU C 95 -4.20 -34.32 -27.39
C LEU C 95 -2.79 -34.00 -27.95
N GLN C 96 -1.77 -34.19 -27.10
CA GLN C 96 -0.40 -33.85 -27.46
C GLN C 96 0.50 -35.00 -27.16
N GLN C 97 1.53 -35.15 -27.99
CA GLN C 97 2.50 -36.18 -27.77
C GLN C 97 3.93 -35.61 -27.92
N MET C 98 4.85 -36.09 -27.06
CA MET C 98 6.28 -35.89 -27.23
C MET C 98 6.97 -37.26 -27.23
N SER C 99 7.83 -37.49 -28.21
CA SER C 99 8.64 -38.73 -28.30
C SER C 99 9.96 -38.46 -28.92
N GLY C 100 10.94 -39.32 -28.63
CA GLY C 100 12.28 -39.14 -29.21
C GLY C 100 13.34 -39.58 -28.21
N CYS C 101 14.57 -39.16 -28.43
CA CYS C 101 15.72 -39.79 -27.77
C CYS C 101 16.77 -38.73 -27.48
N ASP C 102 17.51 -38.92 -26.39
CA ASP C 102 18.70 -38.12 -26.03
C ASP C 102 19.94 -38.99 -26.25
N LEU C 103 20.98 -38.39 -26.83
CA LEU C 103 22.33 -39.04 -27.06
C LEU C 103 23.44 -38.26 -26.35
N GLY C 104 24.49 -38.97 -25.97
CA GLY C 104 25.67 -38.38 -25.40
C GLY C 104 26.47 -37.73 -26.47
N SER C 105 27.59 -37.11 -26.06
CA SER C 105 28.52 -36.51 -27.01
C SER C 105 29.24 -37.55 -27.90
N ASP C 106 29.28 -38.83 -27.48
CA ASP C 106 29.75 -39.94 -28.35
C ASP C 106 28.64 -40.50 -29.25
N TRP C 107 27.44 -39.92 -29.13
CA TRP C 107 26.27 -40.23 -29.95
C TRP C 107 25.57 -41.50 -29.50
N ARG C 108 25.95 -42.01 -28.36
CA ARG C 108 25.26 -43.18 -27.82
C ARG C 108 23.95 -42.79 -27.10
N LEU C 109 22.92 -43.63 -27.19
CA LEU C 109 21.65 -43.41 -26.45
C LEU C 109 21.74 -43.17 -24.93
N LEU C 110 21.29 -42.01 -24.50
CA LEU C 110 21.17 -41.69 -23.09
C LEU C 110 19.79 -42.09 -22.55
N ARG C 111 18.74 -41.67 -23.26
CA ARG C 111 17.38 -41.88 -22.75
C ARG C 111 16.28 -41.71 -23.83
N GLY C 112 15.25 -42.56 -23.76
CA GLY C 112 14.09 -42.48 -24.66
C GLY C 112 12.89 -41.82 -23.99
N TYR C 113 12.08 -41.12 -24.78
CA TYR C 113 10.91 -40.41 -24.25
C TYR C 113 9.64 -40.75 -25.08
N LEU C 114 8.55 -41.05 -24.40
CA LEU C 114 7.21 -41.13 -24.97
C LEU C 114 6.18 -40.56 -23.94
N GLN C 115 5.68 -39.34 -24.18
CA GLN C 115 4.79 -38.65 -23.23
C GLN C 115 3.52 -38.21 -23.97
N PHE C 116 2.37 -38.36 -23.31
CA PHE C 116 1.08 -37.84 -23.80
C PHE C 116 0.43 -36.83 -22.85
N ALA C 117 -0.18 -35.79 -23.40
CA ALA C 117 -0.98 -34.89 -22.58
C ALA C 117 -2.36 -34.78 -23.14
N TYR C 118 -3.35 -34.58 -22.27
CA TYR C 118 -4.70 -34.31 -22.73
C TYR C 118 -5.18 -33.00 -22.04
N GLU C 119 -5.77 -32.09 -22.81
CA GLU C 119 -6.24 -30.75 -22.37
C GLU C 119 -5.09 -29.97 -21.68
N GLY C 120 -3.89 -30.16 -22.20
CA GLY C 120 -2.72 -29.50 -21.63
C GLY C 120 -2.12 -30.05 -20.38
N ARG C 121 -2.49 -31.27 -19.99
CA ARG C 121 -2.07 -31.80 -18.70
C ARG C 121 -1.54 -33.21 -18.94
N ASP C 122 -0.54 -33.66 -18.17
CA ASP C 122 0.05 -34.96 -18.36
C ASP C 122 -1.10 -35.97 -18.33
N TYR C 123 -1.06 -36.94 -19.23
CA TYR C 123 -2.03 -38.02 -19.22
C TYR C 123 -1.28 -39.35 -18.93
N ILE C 124 -0.37 -39.74 -19.81
CA ILE C 124 0.43 -40.97 -19.62
C ILE C 124 1.85 -40.79 -20.18
N ALA C 125 2.85 -41.37 -19.49
CA ALA C 125 4.24 -41.31 -19.95
C ALA C 125 4.92 -42.68 -19.82
N LEU C 126 5.76 -43.02 -20.79
CA LEU C 126 6.62 -44.17 -20.70
C LEU C 126 7.75 -43.76 -19.74
N ASN C 127 8.03 -44.64 -18.77
CA ASN C 127 9.13 -44.47 -17.81
C ASN C 127 10.47 -44.73 -18.51
N GLU C 128 11.54 -44.23 -17.89
CA GLU C 128 12.91 -44.30 -18.43
C GLU C 128 13.38 -45.72 -18.81
N ASP C 129 12.89 -46.73 -18.10
CA ASP C 129 13.16 -48.13 -18.41
C ASP C 129 12.54 -48.59 -19.72
N LEU C 130 11.64 -47.80 -20.30
CA LEU C 130 10.97 -48.13 -21.59
C LEU C 130 10.17 -49.40 -21.54
N LYS C 131 9.63 -49.68 -20.33
CA LYS C 131 8.91 -50.90 -20.06
C LYS C 131 7.66 -50.59 -19.29
N THR C 132 7.74 -49.62 -18.40
CA THR C 132 6.55 -49.30 -17.59
C THR C 132 6.03 -47.88 -17.81
N TRP C 133 4.78 -47.64 -17.39
CA TRP C 133 4.01 -46.44 -17.63
C TRP C 133 3.65 -45.77 -16.35
N THR C 134 3.67 -44.44 -16.38
CA THR C 134 3.09 -43.60 -15.33
C THR C 134 1.84 -42.90 -15.84
N ALA C 135 0.70 -43.28 -15.25
CA ALA C 135 -0.62 -42.70 -15.44
C ALA C 135 -0.82 -41.49 -14.52
N ALA C 136 -1.35 -40.38 -15.06
CA ALA C 136 -1.40 -39.14 -14.29
C ALA C 136 -2.66 -39.01 -13.44
N ASP C 137 -3.69 -39.78 -13.76
CA ASP C 137 -4.94 -39.71 -13.02
C ASP C 137 -5.71 -41.01 -13.25
N MET C 138 -6.92 -41.11 -12.70
CA MET C 138 -7.75 -42.32 -12.76
C MET C 138 -8.19 -42.69 -14.21
N ALA C 139 -8.47 -41.71 -15.07
CA ALA C 139 -8.81 -42.08 -16.47
C ALA C 139 -7.61 -42.65 -17.21
N ALA C 140 -6.43 -42.05 -17.01
CA ALA C 140 -5.19 -42.50 -17.59
C ALA C 140 -4.78 -43.94 -17.17
N GLN C 141 -5.13 -44.28 -15.94
CA GLN C 141 -4.98 -45.63 -15.47
C GLN C 141 -5.76 -46.69 -16.35
N ILE C 142 -6.93 -46.34 -16.89
CA ILE C 142 -7.62 -47.24 -17.86
C ILE C 142 -6.64 -47.55 -19.00
N THR C 143 -6.00 -46.50 -19.57
CA THR C 143 -5.00 -46.70 -20.63
C THR C 143 -3.81 -47.54 -20.19
N ARG C 144 -3.25 -47.18 -19.04
CA ARG C 144 -2.11 -47.91 -18.52
C ARG C 144 -2.42 -49.41 -18.38
N ARG C 145 -3.54 -49.76 -17.77
CA ARG C 145 -3.87 -51.17 -17.62
C ARG C 145 -3.94 -51.88 -18.96
N LYS C 146 -4.59 -51.23 -19.92
CA LYS C 146 -4.74 -51.85 -21.22
C LYS C 146 -3.43 -51.95 -22.00
N TRP C 147 -2.51 -50.97 -21.85
CA TRP C 147 -1.20 -51.04 -22.47
C TRP C 147 -0.18 -52.02 -21.81
N GLU C 148 -0.37 -52.30 -20.53
CA GLU C 148 0.37 -53.38 -19.87
C GLU C 148 -0.01 -54.76 -20.42
N GLN C 149 -1.32 -55.02 -20.49
CA GLN C 149 -1.94 -56.20 -21.12
C GLN C 149 -1.56 -56.51 -22.56
N SER C 150 -1.31 -55.48 -23.37
CA SER C 150 -0.99 -55.70 -24.77
C SER C 150 0.50 -55.57 -25.02
N GLY C 151 1.28 -55.34 -23.96
CA GLY C 151 2.70 -55.07 -24.04
C GLY C 151 3.07 -53.99 -25.04
N ALA C 152 2.41 -52.83 -24.91
CA ALA C 152 2.51 -51.73 -25.86
C ALA C 152 3.88 -51.10 -25.80
N ALA C 153 4.47 -51.06 -24.62
CA ALA C 153 5.81 -50.44 -24.43
C ALA C 153 6.90 -51.07 -25.31
N GLU C 154 6.72 -52.35 -25.62
CA GLU C 154 7.69 -53.08 -26.44
C GLU C 154 7.89 -52.41 -27.78
N HIS C 155 6.79 -52.17 -28.49
CA HIS C 155 6.74 -51.38 -29.74
C HIS C 155 7.47 -50.04 -29.57
N TYR C 156 7.21 -49.29 -28.51
CA TYR C 156 7.93 -48.01 -28.39
C TYR C 156 9.42 -48.14 -28.04
N LYS C 157 9.77 -49.04 -27.13
CA LYS C 157 11.20 -49.33 -26.87
C LYS C 157 11.98 -49.60 -28.12
N ALA C 158 11.44 -50.42 -29.01
CA ALA C 158 12.13 -50.70 -30.28
C ALA C 158 12.39 -49.45 -31.17
N TYR C 159 11.36 -48.62 -31.42
CA TYR C 159 11.54 -47.34 -32.08
C TYR C 159 12.60 -46.45 -31.36
N LEU C 160 12.49 -46.31 -30.06
CA LEU C 160 13.31 -45.32 -29.33
C LEU C 160 14.82 -45.67 -29.30
N GLU C 161 15.10 -46.94 -29.03
CA GLU C 161 16.46 -47.52 -29.10
C GLU C 161 16.93 -47.81 -30.52
N GLY C 162 15.99 -47.96 -31.45
CA GLY C 162 16.30 -48.40 -32.79
C GLY C 162 16.33 -47.27 -33.78
N GLU C 163 15.27 -47.11 -34.56
CA GLU C 163 15.11 -46.01 -35.52
C GLU C 163 15.36 -44.61 -34.95
N CYS C 164 14.94 -44.33 -33.71
CA CYS C 164 15.18 -42.97 -33.19
C CYS C 164 16.68 -42.61 -33.23
N VAL C 165 17.49 -43.52 -32.73
CA VAL C 165 18.97 -43.34 -32.63
C VAL C 165 19.63 -43.29 -33.98
N GLU C 166 19.36 -44.33 -34.77
CA GLU C 166 19.91 -44.50 -36.10
C GLU C 166 19.63 -43.35 -37.02
N TRP C 167 18.36 -42.91 -37.05
CA TRP C 167 18.00 -41.76 -37.89
C TRP C 167 18.55 -40.45 -37.37
N LEU C 168 18.54 -40.24 -36.06
CA LEU C 168 19.26 -39.09 -35.52
C LEU C 168 20.77 -39.04 -35.94
N HIS C 169 21.51 -40.14 -35.76
CA HIS C 169 22.88 -40.33 -36.32
C HIS C 169 22.99 -39.78 -37.75
N ARG C 170 22.10 -40.20 -38.65
CA ARG C 170 21.99 -39.65 -40.01
C ARG C 170 21.74 -38.13 -40.13
N TYR C 171 20.84 -37.60 -39.27
CA TYR C 171 20.54 -36.15 -39.32
C TYR C 171 21.69 -35.32 -38.80
N LEU C 172 22.27 -35.78 -37.71
CA LEU C 172 23.51 -35.20 -37.17
C LEU C 172 24.67 -35.12 -38.18
N LYS C 173 24.91 -36.20 -38.92
CA LYS C 173 25.85 -36.16 -40.03
C LYS C 173 25.44 -35.19 -41.14
N ASN C 174 24.18 -35.22 -41.57
CA ASN C 174 23.71 -34.35 -42.66
C ASN C 174 23.59 -32.89 -42.28
N GLY C 175 23.46 -32.66 -40.97
CA GLY C 175 23.30 -31.32 -40.45
C GLY C 175 24.52 -30.92 -39.65
N ARG C 181 27.61 -24.94 -33.48
CA ARG C 181 27.26 -23.67 -34.16
C ARG C 181 26.42 -22.65 -33.35
N THR C 182 27.04 -21.53 -33.03
CA THR C 182 26.52 -20.55 -32.09
C THR C 182 26.51 -19.15 -32.74
N ASP C 183 25.80 -18.21 -32.12
CA ASP C 183 25.95 -16.81 -32.42
C ASP C 183 26.11 -16.13 -31.07
N SER C 184 27.06 -15.22 -30.99
CA SER C 184 27.43 -14.57 -29.77
C SER C 184 26.50 -13.39 -29.57
N PRO C 185 26.12 -13.08 -28.31
CA PRO C 185 25.39 -11.85 -27.96
C PRO C 185 26.19 -10.55 -28.16
N LYS C 186 25.54 -9.52 -28.69
CA LYS C 186 26.11 -8.17 -28.67
C LYS C 186 25.30 -7.46 -27.61
N ALA C 187 26.01 -6.90 -26.63
CA ALA C 187 25.40 -6.23 -25.50
C ALA C 187 25.69 -4.73 -25.49
N HIS C 188 24.84 -3.97 -24.79
CA HIS C 188 24.99 -2.53 -24.57
C HIS C 188 24.08 -2.22 -23.42
N VAL C 189 24.30 -1.09 -22.76
CA VAL C 189 23.53 -0.67 -21.59
C VAL C 189 22.77 0.64 -21.93
N THR C 190 21.47 0.73 -21.59
CA THR C 190 20.72 1.99 -21.87
C THR C 190 20.41 2.59 -20.52
N HIS C 191 20.04 3.87 -20.49
CA HIS C 191 19.91 4.71 -19.27
C HIS C 191 18.54 5.39 -19.25
N HIS C 192 17.77 5.27 -18.16
CA HIS C 192 16.37 5.68 -18.16
C HIS C 192 15.98 6.34 -16.84
N PRO C 193 16.21 7.67 -16.72
CA PRO C 193 16.03 8.43 -15.47
C PRO C 193 14.64 8.29 -14.86
N ARG C 194 14.56 8.43 -13.53
CA ARG C 194 13.28 8.30 -12.81
C ARG C 194 12.99 9.48 -11.83
N LYS C 196 13.29 10.34 -7.32
CA LYS C 196 14.70 10.52 -6.90
C LYS C 196 15.65 10.89 -8.04
N GLU C 198 17.21 8.61 -8.98
CA GLU C 198 17.21 7.22 -9.50
C GLU C 198 17.16 7.11 -11.01
N VAL C 199 17.77 6.04 -11.52
CA VAL C 199 17.82 5.71 -12.94
C VAL C 199 17.72 4.19 -13.16
N THR C 200 17.19 3.81 -14.32
CA THR C 200 17.24 2.40 -14.77
C THR C 200 18.39 2.17 -15.72
N LEU C 201 19.29 1.26 -15.36
CA LEU C 201 20.28 0.72 -16.30
C LEU C 201 19.80 -0.63 -16.89
N ARG C 202 19.82 -0.76 -18.21
CA ARG C 202 19.25 -1.94 -18.85
C ARG C 202 20.31 -2.47 -19.72
N CYS C 203 20.70 -3.72 -19.42
CA CYS C 203 21.71 -4.43 -20.18
C CYS C 203 21.06 -5.38 -21.12
N TRP C 204 21.31 -5.13 -22.41
CA TRP C 204 20.66 -5.75 -23.52
C TRP C 204 21.63 -6.73 -24.04
N ALA C 205 21.18 -7.96 -24.30
CA ALA C 205 21.94 -8.92 -25.10
C ALA C 205 21.13 -9.22 -26.35
N LEU C 206 21.77 -9.16 -27.51
CA LEU C 206 21.01 -9.30 -28.77
C LEU C 206 21.72 -10.20 -29.77
N GLY C 207 20.93 -10.85 -30.61
CA GLY C 207 21.49 -11.70 -31.69
C GLY C 207 22.19 -13.03 -31.36
N PHE C 208 21.87 -13.61 -30.21
CA PHE C 208 22.55 -14.85 -29.79
C PHE C 208 21.76 -16.16 -30.09
N TYR C 209 22.52 -17.24 -30.27
CA TYR C 209 22.02 -18.58 -30.46
C TYR C 209 23.03 -19.56 -29.83
N PRO C 210 22.57 -20.57 -29.03
CA PRO C 210 21.22 -20.88 -28.57
C PRO C 210 20.70 -19.85 -27.57
N ALA C 211 19.52 -20.11 -27.06
CA ALA C 211 18.77 -19.17 -26.24
C ALA C 211 19.33 -19.10 -24.83
N ASP C 212 20.02 -20.15 -24.41
CA ASP C 212 20.56 -20.23 -23.06
C ASP C 212 21.57 -19.10 -22.85
N ILE C 213 21.36 -18.26 -21.84
CA ILE C 213 22.22 -17.12 -21.59
C ILE C 213 22.08 -16.67 -20.13
N THR C 214 23.11 -16.01 -19.59
CA THR C 214 23.01 -15.37 -18.25
C THR C 214 23.47 -13.93 -18.31
N LEU C 215 22.65 -13.03 -17.75
CA LEU C 215 22.96 -11.63 -17.52
C LEU C 215 22.90 -11.41 -16.02
N THR C 216 23.93 -10.75 -15.51
CA THR C 216 24.06 -10.45 -14.08
C THR C 216 24.47 -8.99 -13.98
N TRP C 217 23.82 -8.23 -13.12
CA TRP C 217 24.33 -6.90 -12.77
C TRP C 217 25.13 -7.04 -11.49
N GLN C 218 26.28 -6.36 -11.39
CA GLN C 218 27.02 -6.32 -10.11
C GLN C 218 27.37 -4.89 -9.65
N LEU C 219 27.37 -4.66 -8.34
CA LEU C 219 27.99 -3.45 -7.73
C LEU C 219 29.53 -3.52 -7.67
N ASP C 227 17.25 -5.61 -6.08
CA ASP C 227 17.56 -6.71 -7.00
C ASP C 227 17.03 -6.51 -8.46
N MET C 228 17.39 -7.46 -9.33
CA MET C 228 17.44 -7.22 -10.77
C MET C 228 16.19 -7.68 -11.51
N GLU C 229 15.68 -6.83 -12.41
CA GLU C 229 14.56 -7.20 -13.32
C GLU C 229 15.00 -7.81 -14.69
N LEU C 230 14.25 -8.79 -15.18
CA LEU C 230 14.70 -9.65 -16.28
C LEU C 230 13.51 -9.96 -17.21
N VAL C 231 13.64 -9.76 -18.53
CA VAL C 231 12.61 -10.36 -19.38
C VAL C 231 12.91 -11.79 -19.79
N GLU C 232 11.86 -12.54 -20.06
CA GLU C 232 12.04 -13.87 -20.68
C GLU C 232 12.76 -13.77 -22.00
N THR C 233 13.63 -14.71 -22.25
CA THR C 233 14.37 -14.75 -23.51
C THR C 233 13.36 -14.82 -24.68
N ARG C 234 13.62 -14.10 -25.76
CA ARG C 234 12.60 -13.96 -26.82
C ARG C 234 13.25 -14.04 -28.19
N PRO C 235 12.61 -14.72 -29.17
CA PRO C 235 13.14 -14.77 -30.53
C PRO C 235 13.04 -13.41 -31.26
N ALA C 236 14.13 -13.02 -31.94
CA ALA C 236 14.21 -11.80 -32.74
C ALA C 236 13.42 -12.03 -34.06
N GLY C 237 13.29 -13.32 -34.43
CA GLY C 237 12.53 -13.75 -35.60
C GLY C 237 13.44 -14.15 -36.75
N ASP C 238 14.74 -13.91 -36.62
CA ASP C 238 15.72 -14.34 -37.62
C ASP C 238 16.52 -15.57 -37.13
N GLY C 239 16.04 -16.25 -36.09
CA GLY C 239 16.71 -17.46 -35.63
C GLY C 239 17.62 -17.24 -34.43
N THR C 240 17.80 -15.98 -34.08
CA THR C 240 18.53 -15.57 -32.91
C THR C 240 17.58 -15.01 -31.82
N PHE C 241 18.12 -14.74 -30.63
CA PHE C 241 17.38 -14.40 -29.39
C PHE C 241 17.81 -13.09 -28.76
N GLN C 242 16.99 -12.59 -27.82
CA GLN C 242 17.25 -11.38 -27.12
C GLN C 242 16.90 -11.60 -25.68
N LYS C 243 17.56 -10.80 -24.85
CA LYS C 243 17.26 -10.74 -23.42
C LYS C 243 17.79 -9.43 -22.83
N TRP C 244 17.17 -8.94 -21.77
CA TRP C 244 17.76 -7.82 -21.08
C TRP C 244 17.59 -8.00 -19.60
N ALA C 245 18.53 -7.44 -18.85
CA ALA C 245 18.36 -7.38 -17.39
C ALA C 245 18.51 -5.92 -16.92
N SER C 246 17.65 -5.49 -16.01
CA SER C 246 17.80 -4.11 -15.56
C SER C 246 17.96 -3.98 -14.05
N VAL C 247 18.65 -2.89 -13.64
CA VAL C 247 18.63 -2.41 -12.24
C VAL C 247 18.22 -0.92 -12.11
N VAL C 248 17.55 -0.59 -10.99
CA VAL C 248 17.23 0.80 -10.62
C VAL C 248 18.33 1.32 -9.67
N VAL C 249 18.99 2.40 -10.11
CA VAL C 249 20.30 2.80 -9.56
C VAL C 249 20.33 4.32 -9.26
N PRO C 250 21.01 4.74 -8.16
CA PRO C 250 21.14 6.19 -7.84
C PRO C 250 21.73 7.04 -8.99
N LEU C 251 21.06 8.17 -9.20
CA LEU C 251 21.34 9.12 -10.26
C LEU C 251 22.56 10.02 -9.96
N GLU C 254 26.12 5.53 -11.19
CA GLU C 254 25.93 4.67 -12.38
C GLU C 254 27.14 3.79 -12.64
N GLN C 255 28.34 4.33 -12.43
CA GLN C 255 29.57 3.63 -12.81
C GLN C 255 30.16 2.68 -11.74
N ASN C 256 29.49 2.58 -10.60
CA ASN C 256 29.67 1.48 -9.64
C ASN C 256 28.89 0.21 -10.06
N TYR C 257 28.36 0.19 -11.30
CA TYR C 257 27.54 -0.94 -11.78
C TYR C 257 28.04 -1.55 -13.08
N THR C 258 28.27 -2.85 -13.04
CA THR C 258 28.80 -3.59 -14.18
C THR C 258 27.85 -4.71 -14.54
N CYS C 259 27.57 -4.85 -15.84
CA CYS C 259 26.71 -5.95 -16.28
C CYS C 259 27.63 -7.00 -16.84
N ARG C 260 27.37 -8.26 -16.54
CA ARG C 260 28.08 -9.37 -17.19
C ARG C 260 27.18 -10.33 -18.00
N VAL C 261 27.67 -10.70 -19.18
CA VAL C 261 26.97 -11.58 -20.14
C VAL C 261 27.76 -12.88 -20.31
N TYR C 262 27.11 -14.02 -20.07
CA TYR C 262 27.70 -15.33 -20.28
C TYR C 262 26.89 -16.13 -21.27
N HIS C 263 27.57 -16.64 -22.28
CA HIS C 263 26.95 -17.37 -23.36
C HIS C 263 28.04 -18.25 -23.96
N GLU C 264 27.68 -19.48 -24.30
CA GLU C 264 28.66 -20.45 -24.81
C GLU C 264 29.27 -20.09 -26.19
N GLY C 265 28.78 -19.03 -26.83
CA GLY C 265 29.34 -18.63 -28.14
C GLY C 265 30.36 -17.51 -28.09
N LEU C 266 30.42 -16.83 -26.94
CA LEU C 266 31.43 -15.78 -26.63
C LEU C 266 32.84 -16.35 -26.47
N PRO C 267 33.86 -15.70 -27.05
CA PRO C 267 35.22 -16.19 -26.77
C PRO C 267 35.67 -15.91 -25.32
N GLU C 268 34.94 -15.02 -24.63
CA GLU C 268 35.08 -14.77 -23.18
C GLU C 268 33.89 -13.94 -22.67
N PRO C 269 33.49 -14.11 -21.39
CA PRO C 269 32.39 -13.30 -20.88
C PRO C 269 32.51 -11.79 -21.10
N LEU C 270 31.39 -11.12 -21.35
CA LEU C 270 31.44 -9.68 -21.54
C LEU C 270 31.22 -9.00 -20.21
N THR C 271 31.82 -7.82 -20.09
CA THR C 271 31.69 -6.92 -18.94
C THR C 271 31.41 -5.56 -19.57
N LEU C 272 30.39 -4.89 -19.05
CA LEU C 272 29.84 -3.65 -19.64
C LEU C 272 29.45 -2.70 -18.54
N ARG C 273 29.47 -1.41 -18.87
CA ARG C 273 29.00 -0.34 -17.99
C ARG C 273 28.14 0.63 -18.78
N TRP C 274 27.39 1.46 -18.06
CA TRP C 274 26.82 2.67 -18.69
C TRP C 274 27.94 3.60 -19.21
N GLU C 275 27.98 3.76 -20.54
CA GLU C 275 29.00 4.55 -21.24
C GLU C 275 28.42 5.79 -21.93
N ILE D 2 -5.70 -26.55 -18.89
CA ILE D 2 -7.18 -26.38 -19.15
C ILE D 2 -7.51 -24.94 -19.55
N GLN D 3 -7.22 -23.96 -18.68
CA GLN D 3 -7.09 -22.59 -19.16
C GLN D 3 -5.74 -21.97 -18.78
N LYS D 4 -4.88 -21.73 -19.77
CA LYS D 4 -3.59 -21.03 -19.45
C LYS D 4 -3.52 -19.66 -20.12
N THR D 5 -3.27 -18.61 -19.32
CA THR D 5 -3.23 -17.19 -19.77
C THR D 5 -1.98 -16.82 -20.56
N PRO D 6 -2.14 -16.29 -21.81
CA PRO D 6 -0.98 -16.00 -22.61
C PRO D 6 -0.08 -14.96 -21.95
N GLN D 7 1.22 -15.20 -22.00
CA GLN D 7 2.19 -14.13 -21.68
C GLN D 7 2.51 -13.43 -22.99
N ILE D 8 2.61 -12.08 -22.99
CA ILE D 8 2.86 -11.31 -24.26
C ILE D 8 4.10 -10.38 -24.15
N GLN D 9 5.00 -10.44 -25.12
CA GLN D 9 5.99 -9.39 -25.33
C GLN D 9 5.87 -8.76 -26.71
N VAL D 10 6.02 -7.44 -26.75
CA VAL D 10 6.07 -6.64 -27.98
C VAL D 10 7.43 -5.91 -28.05
N TYR D 11 8.17 -6.09 -29.14
CA TYR D 11 9.53 -5.57 -29.22
C TYR D 11 9.93 -5.69 -30.67
N SER D 12 10.98 -4.97 -31.07
CA SER D 12 11.49 -4.96 -32.44
C SER D 12 12.60 -5.94 -32.64
N ARG D 13 12.82 -6.35 -33.89
CA ARG D 13 13.87 -7.30 -34.19
C ARG D 13 15.23 -6.62 -33.90
N HIS D 14 15.36 -5.33 -34.23
CA HIS D 14 16.65 -4.65 -34.17
C HIS D 14 16.44 -3.45 -33.35
N PRO D 15 17.52 -2.91 -32.73
CA PRO D 15 17.31 -1.71 -31.93
C PRO D 15 16.71 -0.59 -32.80
N PRO D 16 15.64 0.06 -32.28
CA PRO D 16 14.90 1.03 -33.10
C PRO D 16 15.65 2.35 -33.40
N GLU D 17 15.54 2.77 -34.66
CA GLU D 17 15.90 4.14 -35.09
C GLU D 17 14.84 4.63 -36.06
N ASN D 18 14.20 5.75 -35.72
CA ASN D 18 13.25 6.43 -36.60
C ASN D 18 13.71 6.51 -38.06
N GLY D 19 12.86 6.08 -38.98
CA GLY D 19 13.19 6.14 -40.39
C GLY D 19 13.70 4.85 -41.01
N LYS D 20 14.28 3.98 -40.19
CA LYS D 20 14.88 2.70 -40.65
C LYS D 20 13.85 1.58 -40.57
N PRO D 21 13.61 0.86 -41.69
CA PRO D 21 12.76 -0.33 -41.74
C PRO D 21 13.20 -1.48 -40.81
N ASN D 22 12.27 -1.96 -39.98
CA ASN D 22 12.57 -2.85 -38.84
C ASN D 22 11.48 -3.91 -38.85
N ILE D 23 11.33 -4.61 -37.72
CA ILE D 23 10.31 -5.64 -37.62
C ILE D 23 9.81 -5.60 -36.18
N LEU D 24 8.49 -5.51 -36.07
CA LEU D 24 7.88 -5.52 -34.77
C LEU D 24 7.38 -6.93 -34.54
N ASN D 25 7.71 -7.45 -33.36
CA ASN D 25 7.36 -8.82 -33.01
C ASN D 25 6.32 -8.84 -31.90
N CYS D 26 5.38 -9.76 -31.96
CA CYS D 26 4.50 -9.99 -30.83
C CYS D 26 4.62 -11.50 -30.48
N TYR D 27 5.24 -11.78 -29.33
CA TYR D 27 5.58 -13.07 -28.88
C TYR D 27 4.65 -13.49 -27.79
N VAL D 28 3.85 -14.54 -28.04
CA VAL D 28 2.74 -14.89 -27.11
C VAL D 28 3.00 -16.31 -26.69
N THR D 29 3.13 -16.55 -25.41
CA THR D 29 3.57 -17.86 -24.96
C THR D 29 2.68 -18.29 -23.80
N GLN D 30 2.88 -19.55 -23.37
CA GLN D 30 2.32 -20.13 -22.16
C GLN D 30 0.79 -20.27 -22.15
N PHE D 31 0.16 -20.46 -23.30
CA PHE D 31 -1.28 -20.45 -23.38
C PHE D 31 -1.87 -21.82 -23.71
N HIS D 32 -3.12 -22.03 -23.31
CA HIS D 32 -3.83 -23.30 -23.60
C HIS D 32 -5.27 -22.97 -23.32
N PRO D 33 -6.17 -23.34 -24.24
CA PRO D 33 -6.01 -24.11 -25.43
C PRO D 33 -5.33 -23.34 -26.59
N PRO D 34 -4.94 -24.06 -27.64
CA PRO D 34 -4.12 -23.46 -28.72
C PRO D 34 -4.77 -22.35 -29.59
N HIS D 35 -6.09 -22.39 -29.72
CA HIS D 35 -6.80 -21.34 -30.46
C HIS D 35 -6.59 -19.96 -29.83
N ILE D 36 -6.19 -19.02 -30.66
CA ILE D 36 -5.84 -17.68 -30.18
C ILE D 36 -5.98 -16.72 -31.32
N GLU D 37 -6.30 -15.48 -31.00
CA GLU D 37 -6.40 -14.42 -31.97
C GLU D 37 -5.46 -13.30 -31.59
N ILE D 38 -4.52 -13.02 -32.49
CA ILE D 38 -3.45 -12.03 -32.25
C ILE D 38 -3.60 -10.95 -33.33
N GLN D 39 -3.74 -9.69 -32.89
CA GLN D 39 -3.71 -8.54 -33.79
C GLN D 39 -2.56 -7.61 -33.45
N MET D 40 -1.92 -7.09 -34.48
CA MET D 40 -0.95 -6.00 -34.29
C MET D 40 -1.54 -4.69 -34.80
N LEU D 41 -1.33 -3.63 -34.03
CA LEU D 41 -2.03 -2.35 -34.21
C LEU D 41 -1.05 -1.22 -34.44
N LYS D 42 -1.33 -0.37 -35.43
CA LYS D 42 -0.59 0.87 -35.58
C LYS D 42 -1.58 2.00 -35.40
N ASN D 43 -1.34 2.85 -34.40
CA ASN D 43 -2.28 3.91 -34.03
C ASN D 43 -3.73 3.45 -33.75
N GLY D 44 -3.86 2.34 -33.03
CA GLY D 44 -5.18 1.83 -32.69
C GLY D 44 -5.82 1.09 -33.86
N LYS D 45 -5.14 1.05 -35.00
CA LYS D 45 -5.71 0.37 -36.16
C LYS D 45 -4.92 -0.90 -36.55
N LYS D 46 -5.67 -1.93 -36.94
CA LYS D 46 -5.12 -3.19 -37.41
C LYS D 46 -4.22 -3.08 -38.65
N ILE D 47 -3.03 -3.64 -38.49
CA ILE D 47 -2.08 -3.80 -39.57
C ILE D 47 -2.58 -5.00 -40.36
N PRO D 48 -2.82 -4.82 -41.68
CA PRO D 48 -3.39 -5.94 -42.44
C PRO D 48 -2.40 -7.07 -42.77
N LYS D 49 -1.11 -6.80 -42.86
CA LYS D 49 -0.18 -7.86 -43.21
C LYS D 49 0.68 -8.32 -42.00
N VAL D 50 0.15 -9.27 -41.26
CA VAL D 50 0.87 -9.78 -40.08
C VAL D 50 1.18 -11.25 -40.27
N GLU D 51 2.47 -11.56 -40.26
CA GLU D 51 2.93 -12.93 -40.32
C GLU D 51 2.88 -13.52 -38.93
N MET D 52 2.56 -14.80 -38.91
CA MET D 52 2.48 -15.58 -37.70
C MET D 52 3.38 -16.79 -37.95
N SER D 53 4.21 -17.15 -36.98
CA SER D 53 4.87 -18.42 -37.03
C SER D 53 3.85 -19.57 -36.90
N ASP D 54 4.26 -20.75 -37.36
CA ASP D 54 3.46 -21.97 -37.24
C ASP D 54 3.27 -22.44 -35.78
N MET D 55 2.10 -23.01 -35.51
CA MET D 55 1.79 -23.57 -34.20
C MET D 55 2.90 -24.52 -33.67
N SER D 56 3.31 -24.25 -32.43
CA SER D 56 4.33 -24.98 -31.69
C SER D 56 4.05 -25.03 -30.23
N PHE D 57 4.54 -26.05 -29.55
CA PHE D 57 4.44 -26.05 -28.14
C PHE D 57 5.73 -26.34 -27.45
N SER D 58 5.77 -26.09 -26.15
CA SER D 58 6.95 -26.23 -25.37
C SER D 58 6.89 -27.47 -24.52
N LYS D 59 7.96 -27.71 -23.76
CA LYS D 59 8.08 -28.88 -22.85
C LYS D 59 6.97 -29.02 -21.82
N ASP D 60 6.42 -27.90 -21.35
CA ASP D 60 5.33 -27.94 -20.37
C ASP D 60 3.94 -28.15 -21.01
N TRP D 61 3.95 -28.41 -22.31
CA TRP D 61 2.80 -28.57 -23.21
C TRP D 61 2.14 -27.27 -23.73
N SER D 62 2.56 -26.11 -23.21
CA SER D 62 1.83 -24.86 -23.54
C SER D 62 2.24 -24.38 -24.93
N PHE D 63 1.33 -23.66 -25.58
CA PHE D 63 1.57 -23.24 -26.90
C PHE D 63 2.23 -21.85 -26.94
N TYR D 64 2.83 -21.52 -28.08
CA TYR D 64 3.43 -20.21 -28.26
C TYR D 64 3.39 -19.85 -29.74
N ILE D 65 3.43 -18.55 -30.01
CA ILE D 65 3.37 -18.09 -31.35
C ILE D 65 4.11 -16.77 -31.44
N LEU D 66 4.84 -16.56 -32.54
CA LEU D 66 5.44 -15.27 -32.79
C LEU D 66 4.73 -14.62 -33.97
N ALA D 67 4.10 -13.47 -33.73
CA ALA D 67 3.54 -12.70 -34.83
C ALA D 67 4.50 -11.54 -35.10
N HIS D 68 4.62 -11.17 -36.38
CA HIS D 68 5.55 -10.10 -36.78
C HIS D 68 5.08 -9.37 -38.05
N THR D 69 5.64 -8.19 -38.23
CA THR D 69 5.21 -7.26 -39.24
C THR D 69 6.30 -6.20 -39.50
N GLU D 70 6.47 -5.86 -40.78
CA GLU D 70 7.36 -4.76 -41.17
C GLU D 70 6.81 -3.51 -40.56
N PHE D 71 7.68 -2.72 -39.96
CA PHE D 71 7.35 -1.38 -39.55
C PHE D 71 8.57 -0.50 -39.73
N THR D 72 8.35 0.77 -40.02
CA THR D 72 9.43 1.73 -39.85
C THR D 72 9.01 2.56 -38.64
N PRO D 73 9.72 2.43 -37.50
CA PRO D 73 9.40 3.26 -36.33
C PRO D 73 9.46 4.76 -36.61
N THR D 74 8.52 5.51 -36.04
CA THR D 74 8.56 6.98 -36.12
C THR D 74 8.48 7.55 -34.69
N GLU D 75 8.58 8.87 -34.57
CA GLU D 75 8.59 9.52 -33.24
C GLU D 75 7.19 9.50 -32.62
N THR D 76 6.19 9.46 -33.50
CA THR D 76 4.81 9.69 -33.09
C THR D 76 3.93 8.45 -33.13
N ASP D 77 4.12 7.56 -34.12
CA ASP D 77 3.34 6.32 -34.21
C ASP D 77 3.41 5.40 -32.96
N THR D 78 2.24 5.01 -32.45
CA THR D 78 2.13 4.00 -31.37
C THR D 78 1.85 2.64 -32.02
N TYR D 79 2.45 1.61 -31.44
CA TYR D 79 2.30 0.28 -31.96
C TYR D 79 1.87 -0.59 -30.78
N ALA D 80 1.02 -1.59 -31.04
CA ALA D 80 0.52 -2.47 -30.00
C ALA D 80 0.23 -3.89 -30.56
N CYS D 81 0.00 -4.84 -29.66
CA CYS D 81 -0.44 -6.19 -30.01
C CYS D 81 -1.62 -6.51 -29.13
N ARG D 82 -2.69 -7.05 -29.74
CA ARG D 82 -3.94 -7.30 -29.05
C ARG D 82 -4.30 -8.78 -29.16
N VAL D 83 -4.45 -9.43 -27.99
CA VAL D 83 -4.55 -10.89 -27.94
C VAL D 83 -5.90 -11.29 -27.31
N LYS D 84 -6.71 -12.07 -28.05
CA LYS D 84 -7.95 -12.64 -27.53
C LYS D 84 -7.75 -14.15 -27.26
N HIS D 85 -8.06 -14.59 -26.06
CA HIS D 85 -7.91 -16.02 -25.74
C HIS D 85 -8.98 -16.45 -24.72
N ASP D 86 -9.45 -17.68 -24.77
CA ASP D 86 -10.57 -18.12 -23.89
C ASP D 86 -10.26 -17.97 -22.41
N SER D 87 -8.99 -17.97 -22.06
CA SER D 87 -8.53 -17.81 -20.69
C SER D 87 -8.77 -16.38 -20.11
N MET D 88 -9.01 -15.41 -20.99
CA MET D 88 -9.14 -13.99 -20.59
C MET D 88 -10.50 -13.38 -20.78
N ALA D 89 -10.99 -12.70 -19.74
CA ALA D 89 -12.31 -12.05 -19.76
C ALA D 89 -12.41 -11.07 -20.92
N GLU D 90 -11.36 -10.25 -21.08
CA GLU D 90 -11.28 -9.33 -22.23
C GLU D 90 -9.96 -9.41 -23.01
N PRO D 91 -9.94 -8.87 -24.25
CA PRO D 91 -8.67 -8.88 -24.95
C PRO D 91 -7.58 -8.13 -24.22
N LYS D 92 -6.38 -8.65 -24.29
CA LYS D 92 -5.24 -7.97 -23.70
C LYS D 92 -4.39 -7.26 -24.78
N THR D 93 -4.25 -5.96 -24.60
CA THR D 93 -3.42 -5.14 -25.47
C THR D 93 -2.12 -4.78 -24.79
N VAL D 94 -1.02 -5.12 -25.43
CA VAL D 94 0.28 -4.65 -24.95
C VAL D 94 0.85 -3.68 -25.98
N TYR D 95 1.19 -2.45 -25.53
CA TYR D 95 1.86 -1.41 -26.36
C TYR D 95 3.39 -1.55 -26.50
N TRP D 96 3.89 -1.28 -27.71
CA TRP D 96 5.31 -1.25 -27.90
C TRP D 96 5.97 -0.13 -27.07
N ASP D 97 7.01 -0.54 -26.34
CA ASP D 97 7.84 0.42 -25.65
C ASP D 97 9.27 0.24 -26.14
N ARG D 98 9.78 1.26 -26.84
CA ARG D 98 11.14 1.29 -27.46
C ARG D 98 12.23 0.89 -26.46
N ASP D 99 12.01 1.17 -25.17
CA ASP D 99 13.04 0.94 -24.15
C ASP D 99 12.97 -0.48 -23.56
N MET D 100 12.05 -1.28 -24.07
CA MET D 100 11.86 -2.64 -23.54
C MET D 100 11.74 -3.76 -24.61
N PRO E 2 -5.46 -6.37 19.99
CA PRO E 2 -4.34 -5.41 19.86
C PRO E 2 -3.99 -4.83 21.21
N HIS E 3 -2.69 -4.81 21.51
CA HIS E 3 -2.21 -4.47 22.84
C HIS E 3 -0.99 -3.54 22.72
N SER E 4 -0.74 -2.75 23.75
CA SER E 4 0.39 -1.81 23.70
C SER E 4 0.92 -1.41 25.07
N MET E 5 2.17 -0.97 25.07
CA MET E 5 2.75 -0.32 26.24
C MET E 5 3.51 0.86 25.70
N ARG E 6 3.39 2.00 26.39
CA ARG E 6 4.20 3.16 26.11
C ARG E 6 4.68 3.77 27.41
N TYR E 7 5.87 4.35 27.37
CA TYR E 7 6.35 5.26 28.45
C TYR E 7 6.51 6.65 27.81
N PHE E 8 5.87 7.66 28.40
CA PHE E 8 5.85 9.07 27.86
C PHE E 8 6.67 9.84 28.83
N GLU E 9 7.80 10.36 28.39
CA GLU E 9 8.72 11.01 29.37
C GLU E 9 8.90 12.47 28.94
N THR E 10 8.95 13.36 29.94
CA THR E 10 9.12 14.81 29.71
C THR E 10 10.15 15.36 30.71
N ALA E 11 11.04 16.23 30.21
CA ALA E 11 11.78 17.14 31.07
C ALA E 11 11.64 18.57 30.59
N VAL E 12 11.30 19.44 31.55
CA VAL E 12 11.02 20.84 31.28
C VAL E 12 12.03 21.60 32.13
N SER E 13 12.91 22.36 31.46
CA SER E 13 13.96 23.05 32.21
C SER E 13 13.34 24.26 32.94
N ARG E 14 14.02 24.70 34.00
CA ARG E 14 13.55 25.83 34.77
C ARG E 14 14.65 26.86 34.89
N PRO E 15 14.41 28.10 34.41
CA PRO E 15 15.36 29.23 34.58
C PRO E 15 15.74 29.40 36.07
N GLY E 16 17.02 29.55 36.38
CA GLY E 16 17.45 29.75 37.77
C GLY E 16 18.17 28.52 38.27
N LEU E 17 18.40 28.43 39.58
CA LEU E 17 19.14 27.30 40.17
C LEU E 17 18.41 25.95 40.11
N GLU E 18 17.10 26.00 39.89
CA GLU E 18 16.34 24.80 39.65
C GLU E 18 16.84 23.97 38.45
N GLU E 19 16.91 22.66 38.67
CA GLU E 19 17.10 21.65 37.59
C GLU E 19 15.75 21.32 36.94
N PRO E 20 15.74 20.62 35.80
CA PRO E 20 14.46 20.38 35.19
C PRO E 20 13.54 19.54 36.04
N ARG E 21 12.24 19.62 35.71
CA ARG E 21 11.29 18.70 36.27
C ARG E 21 11.12 17.56 35.28
N TYR E 22 11.37 16.33 35.74
CA TYR E 22 11.28 15.15 34.94
C TYR E 22 10.00 14.38 35.32
N ILE E 23 9.20 14.03 34.33
CA ILE E 23 8.01 13.23 34.60
C ILE E 23 8.00 12.06 33.65
N SER E 24 7.70 10.88 34.18
CA SER E 24 7.47 9.72 33.33
C SER E 24 6.09 9.05 33.58
N VAL E 25 5.37 8.72 32.52
CA VAL E 25 4.11 8.02 32.65
C VAL E 25 4.09 6.76 31.83
N GLY E 26 3.79 5.62 32.44
CA GLY E 26 3.60 4.38 31.66
C GLY E 26 2.13 4.10 31.33
N TYR E 27 1.90 3.61 30.12
CA TYR E 27 0.56 3.25 29.70
C TYR E 27 0.56 1.81 29.29
N VAL E 28 -0.54 1.11 29.61
CA VAL E 28 -0.82 -0.19 29.07
C VAL E 28 -2.21 -0.12 28.41
N ASP E 29 -2.27 -0.44 27.12
CA ASP E 29 -3.54 -0.38 26.35
C ASP E 29 -4.20 0.99 26.48
N ASN E 30 -3.34 2.03 26.48
CA ASN E 30 -3.75 3.46 26.52
C ASN E 30 -4.21 3.95 27.85
N LYS E 31 -4.07 3.12 28.89
CA LYS E 31 -4.46 3.56 30.20
C LYS E 31 -3.25 3.70 31.12
N GLU E 32 -3.20 4.80 31.85
CA GLU E 32 -2.08 5.05 32.74
C GLU E 32 -1.97 3.93 33.79
N PHE E 33 -0.74 3.40 34.04
CA PHE E 33 -0.55 2.33 35.04
C PHE E 33 0.55 2.62 36.07
N VAL E 34 1.50 3.50 35.71
CA VAL E 34 2.57 3.99 36.58
C VAL E 34 2.90 5.47 36.23
N ARG E 35 3.40 6.22 37.21
CA ARG E 35 3.84 7.60 36.99
C ARG E 35 5.01 7.93 37.96
N PHE E 36 6.01 8.66 37.49
CA PHE E 36 7.10 9.17 38.30
C PHE E 36 7.09 10.70 38.16
N ASP E 37 7.35 11.47 39.22
CA ASP E 37 7.40 12.96 39.09
C ASP E 37 8.52 13.47 39.93
N SER E 38 9.53 14.11 39.34
CA SER E 38 10.66 14.61 40.17
C SER E 38 10.22 15.71 41.20
N ASP E 39 9.07 16.36 40.99
CA ASP E 39 8.55 17.37 41.93
C ASP E 39 7.77 16.79 43.11
N ALA E 40 7.55 15.47 43.13
CA ALA E 40 6.92 14.86 44.29
C ALA E 40 7.85 14.99 45.49
N GLU E 41 7.23 14.89 46.66
CA GLU E 41 7.91 15.02 47.96
C GLU E 41 8.93 13.88 48.18
N ASN E 42 8.51 12.63 47.96
CA ASN E 42 9.48 11.56 47.65
C ASN E 42 9.29 10.98 46.24
N PRO E 43 10.15 11.40 45.29
CA PRO E 43 9.97 10.93 43.90
C PRO E 43 10.29 9.44 43.76
N ARG E 44 9.26 8.67 43.40
CA ARG E 44 9.39 7.25 43.16
C ARG E 44 8.32 6.93 42.12
N TYR E 45 8.50 5.84 41.39
CA TYR E 45 7.42 5.36 40.58
C TYR E 45 6.28 4.94 41.48
N GLU E 46 5.07 5.34 41.11
CA GLU E 46 3.83 4.94 41.79
C GLU E 46 2.88 4.18 40.90
N PRO E 47 2.17 3.21 41.49
CA PRO E 47 1.18 2.44 40.77
C PRO E 47 -0.02 3.35 40.38
N ARG E 48 -0.53 3.26 39.15
CA ARG E 48 -1.65 4.11 38.80
C ARG E 48 -2.84 3.28 38.34
N ALA E 49 -2.66 1.96 38.25
CA ALA E 49 -3.74 1.04 37.94
C ALA E 49 -3.84 -0.01 39.07
N PRO E 50 -5.05 -0.55 39.35
CA PRO E 50 -5.19 -1.41 40.59
C PRO E 50 -4.32 -2.67 40.59
N TRP E 51 -4.24 -3.31 39.45
CA TRP E 51 -3.47 -4.48 39.28
C TRP E 51 -1.94 -4.33 39.44
N MET E 52 -1.48 -3.09 39.67
CA MET E 52 -0.04 -2.79 39.87
C MET E 52 0.39 -2.84 41.30
N GLU E 53 -0.56 -2.73 42.21
CA GLU E 53 -0.21 -2.82 43.64
C GLU E 53 0.25 -4.23 44.03
N GLN E 54 0.03 -5.18 43.12
CA GLN E 54 0.56 -6.55 43.12
C GLN E 54 2.09 -6.68 43.06
N GLU E 55 2.74 -5.74 42.37
CA GLU E 55 4.21 -5.72 42.27
C GLU E 55 4.85 -5.43 43.62
N GLY E 56 5.85 -6.22 44.00
CA GLY E 56 6.55 -6.05 45.28
C GLY E 56 7.55 -4.89 45.30
N PRO E 57 8.18 -4.62 46.49
CA PRO E 57 9.09 -3.49 46.73
C PRO E 57 10.29 -3.41 45.76
N GLU E 58 10.77 -4.56 45.30
CA GLU E 58 11.90 -4.66 44.42
C GLU E 58 11.61 -4.15 42.99
N TYR E 59 10.35 -4.31 42.55
CA TYR E 59 9.88 -3.77 41.27
C TYR E 59 9.99 -2.24 41.28
N TRP E 60 9.41 -1.63 42.33
CA TRP E 60 9.34 -0.16 42.50
C TRP E 60 10.72 0.45 42.69
N GLU E 61 11.53 -0.20 43.52
CA GLU E 61 12.93 0.16 43.70
C GLU E 61 13.69 0.17 42.36
N ARG E 62 13.60 -0.91 41.58
CA ARG E 62 14.25 -0.99 40.26
C ARG E 62 13.76 0.06 39.23
N GLU E 63 12.45 0.30 39.19
CA GLU E 63 11.89 1.23 38.25
C GLU E 63 12.32 2.65 38.60
N THR E 64 12.30 2.98 39.89
CA THR E 64 12.67 4.30 40.40
C THR E 64 14.14 4.59 40.12
N GLN E 65 14.99 3.56 40.17
CA GLN E 65 16.42 3.70 39.76
C GLN E 65 16.53 4.13 38.31
N LYS E 66 15.73 3.53 37.42
CA LYS E 66 15.69 3.94 36.04
C LYS E 66 15.21 5.39 35.86
N ALA E 67 14.11 5.77 36.50
CA ALA E 67 13.64 7.15 36.46
C ALA E 67 14.67 8.16 36.91
N LYS E 68 15.38 7.87 38.01
CA LYS E 68 16.46 8.75 38.44
C LYS E 68 17.59 8.91 37.40
N GLY E 69 18.01 7.78 36.80
CA GLY E 69 18.85 7.77 35.61
C GLY E 69 18.45 8.59 34.40
N GLN E 70 17.22 8.39 33.97
CA GLN E 70 16.59 9.13 32.90
C GLN E 70 16.50 10.61 33.24
N GLU E 71 16.15 10.94 34.47
CA GLU E 71 16.27 12.34 34.88
C GLU E 71 17.68 12.97 34.59
N GLN E 72 18.77 12.26 34.90
CA GLN E 72 20.15 12.76 34.58
C GLN E 72 20.37 12.78 33.09
N TRP E 73 19.94 11.75 32.38
CA TRP E 73 20.08 11.69 30.91
C TRP E 73 19.44 12.92 30.24
N PHE E 74 18.22 13.27 30.70
CA PHE E 74 17.45 14.40 30.12
C PHE E 74 18.15 15.73 30.43
N ARG E 75 18.66 15.87 31.66
CA ARG E 75 19.47 17.05 32.01
C ARG E 75 20.63 17.30 31.05
N VAL E 76 21.46 16.30 30.80
CA VAL E 76 22.54 16.39 29.85
C VAL E 76 22.07 16.61 28.40
N SER E 77 21.08 15.87 27.93
CA SER E 77 20.56 16.09 26.58
C SER E 77 19.93 17.46 26.40
N LEU E 78 19.24 17.96 27.42
CA LEU E 78 18.74 19.36 27.35
C LEU E 78 19.87 20.40 27.17
N ARG E 79 20.98 20.20 27.88
CA ARG E 79 22.13 21.12 27.71
C ARG E 79 22.71 21.00 26.33
N ASN E 80 22.85 19.78 25.81
CA ASN E 80 23.34 19.64 24.42
C ASN E 80 22.48 20.38 23.41
N LEU E 81 21.16 20.19 23.50
CA LEU E 81 20.19 20.89 22.65
C LEU E 81 20.24 22.38 22.71
N LEU E 82 20.47 22.94 23.92
CA LEU E 82 20.70 24.38 24.04
C LEU E 82 21.82 24.85 23.15
N GLY E 83 22.89 24.05 23.10
CA GLY E 83 24.01 24.31 22.16
C GLY E 83 23.70 24.13 20.68
N TYR E 84 23.08 23.03 20.28
CA TYR E 84 22.74 22.78 18.88
C TYR E 84 21.83 23.88 18.28
N TYR E 85 20.98 24.42 19.11
CA TYR E 85 20.03 25.44 18.60
C TYR E 85 20.38 26.84 19.08
N ASN E 86 21.54 27.02 19.72
CA ASN E 86 21.94 28.37 20.14
C ASN E 86 20.88 29.11 21.00
N GLN E 87 20.40 28.43 22.04
CA GLN E 87 19.34 28.95 22.90
C GLN E 87 19.89 29.41 24.25
N SER E 88 19.04 30.07 25.01
CA SER E 88 19.39 30.61 26.30
C SER E 88 18.80 29.75 27.43
N ALA E 89 19.58 29.50 28.49
CA ALA E 89 19.07 28.77 29.70
C ALA E 89 18.15 29.69 30.50
N GLY E 90 18.13 30.96 30.13
CA GLY E 90 17.12 31.92 30.60
C GLY E 90 15.66 31.59 30.24
N GLY E 91 15.45 30.76 29.22
CA GLY E 91 14.12 30.28 28.91
C GLY E 91 13.90 28.86 29.37
N SER E 92 12.65 28.49 29.48
CA SER E 92 12.31 27.11 29.66
C SER E 92 12.28 26.34 28.33
N HIS E 93 12.70 25.08 28.35
CA HIS E 93 12.73 24.26 27.16
C HIS E 93 12.20 22.84 27.51
N THR E 94 11.71 22.14 26.50
CA THR E 94 10.99 20.88 26.77
C THR E 94 11.54 19.75 25.89
N LEU E 95 11.81 18.63 26.53
CA LEU E 95 12.28 17.43 25.86
C LEU E 95 11.28 16.31 26.20
N GLN E 96 10.75 15.67 25.15
CA GLN E 96 9.84 14.57 25.30
C GLN E 96 10.34 13.28 24.62
N GLN E 97 9.98 12.15 25.20
CA GLN E 97 10.20 10.82 24.65
C GLN E 97 8.90 9.99 24.69
N MET E 98 8.68 9.24 23.61
CA MET E 98 7.74 8.16 23.57
C MET E 98 8.51 6.86 23.23
N SER E 99 8.27 5.83 24.01
CA SER E 99 8.83 4.56 23.65
C SER E 99 7.92 3.44 24.07
N GLY E 100 8.03 2.29 23.38
CA GLY E 100 7.25 1.10 23.80
C GLY E 100 6.95 0.20 22.60
N CYS E 101 5.92 -0.64 22.72
CA CYS E 101 5.75 -1.71 21.75
C CYS E 101 4.28 -1.97 21.46
N ASP E 102 3.95 -2.36 20.22
CA ASP E 102 2.59 -2.90 19.93
C ASP E 102 2.64 -4.40 19.77
N LEU E 103 1.66 -5.10 20.38
CA LEU E 103 1.45 -6.57 20.22
C LEU E 103 0.12 -6.84 19.43
N GLY E 104 0.06 -8.00 18.76
CA GLY E 104 -1.18 -8.51 18.19
C GLY E 104 -1.98 -9.29 19.20
N SER E 105 -3.10 -9.84 18.72
CA SER E 105 -4.11 -10.61 19.48
C SER E 105 -3.54 -11.90 20.09
N ASP E 106 -2.53 -12.45 19.40
CA ASP E 106 -1.76 -13.58 19.90
C ASP E 106 -0.63 -13.19 20.91
N TRP E 107 -0.44 -11.88 21.10
CA TRP E 107 0.61 -11.32 21.99
C TRP E 107 2.08 -11.23 21.45
N ARG E 108 2.29 -11.43 20.15
CA ARG E 108 3.59 -11.25 19.46
C ARG E 108 3.83 -9.78 19.11
N LEU E 109 5.07 -9.33 19.30
CA LEU E 109 5.46 -8.01 18.87
C LEU E 109 4.97 -7.73 17.45
N LEU E 110 4.34 -6.56 17.27
CA LEU E 110 4.09 -6.01 15.95
C LEU E 110 5.06 -4.91 15.57
N ARG E 111 5.33 -4.00 16.51
CA ARG E 111 6.11 -2.78 16.26
C ARG E 111 6.65 -2.21 17.56
N GLY E 112 7.89 -1.74 17.52
CA GLY E 112 8.53 -0.99 18.61
C GLY E 112 8.62 0.48 18.26
N TYR E 113 8.70 1.35 19.26
CA TYR E 113 8.68 2.81 19.03
C TYR E 113 9.73 3.40 19.94
N LEU E 114 10.49 4.33 19.39
CA LEU E 114 11.38 5.17 20.17
C LEU E 114 11.51 6.56 19.46
N GLN E 115 10.90 7.60 20.03
CA GLN E 115 10.69 8.90 19.38
C GLN E 115 11.05 9.96 20.41
N PHE E 116 11.76 11.00 19.98
CA PHE E 116 12.02 12.19 20.78
C PHE E 116 11.46 13.44 20.10
N ALA E 117 11.02 14.40 20.91
CA ALA E 117 10.65 15.71 20.41
C ALA E 117 11.33 16.78 21.30
N TYR E 118 11.70 17.89 20.69
CA TYR E 118 12.23 19.02 21.39
C TYR E 118 11.35 20.25 21.10
N GLU E 119 11.00 21.02 22.12
CA GLU E 119 10.05 22.14 21.98
C GLU E 119 8.73 21.72 21.28
N GLY E 120 8.26 20.51 21.54
CA GLY E 120 6.98 19.96 20.94
C GLY E 120 7.00 19.60 19.46
N ARG E 121 8.18 19.57 18.84
CA ARG E 121 8.31 19.18 17.42
C ARG E 121 9.23 17.91 17.33
N ASP E 122 8.98 17.01 16.38
CA ASP E 122 9.78 15.82 16.12
C ASP E 122 11.24 16.22 16.09
N TYR E 123 12.08 15.44 16.76
CA TYR E 123 13.51 15.66 16.71
C TYR E 123 14.23 14.43 16.08
N ILE E 124 14.11 13.26 16.70
CA ILE E 124 14.66 12.02 16.16
C ILE E 124 13.80 10.84 16.54
N ALA E 125 13.74 9.89 15.61
CA ALA E 125 12.97 8.70 15.80
C ALA E 125 13.69 7.48 15.30
N LEU E 126 13.52 6.37 16.01
CA LEU E 126 13.96 5.08 15.51
C LEU E 126 12.97 4.59 14.49
N ASN E 127 13.45 4.14 13.31
CA ASN E 127 12.58 3.61 12.22
C ASN E 127 12.09 2.23 12.62
N GLU E 128 11.08 1.76 11.91
CA GLU E 128 10.41 0.54 12.37
C GLU E 128 11.28 -0.71 12.20
N ASP E 129 12.36 -0.59 11.43
CA ASP E 129 13.38 -1.66 11.35
C ASP E 129 14.12 -1.83 12.66
N LEU E 130 14.02 -0.78 13.48
CA LEU E 130 14.71 -0.69 14.78
C LEU E 130 16.16 -0.74 14.63
N LYS E 131 16.65 -0.27 13.48
CA LYS E 131 18.05 -0.27 13.17
C LYS E 131 18.57 1.09 12.72
N THR E 132 17.74 1.87 12.02
CA THR E 132 18.15 3.15 11.43
C THR E 132 17.32 4.29 12.03
N TRP E 133 17.80 5.52 11.84
CA TRP E 133 17.21 6.71 12.50
C TRP E 133 16.68 7.68 11.48
N THR E 134 15.58 8.34 11.81
CA THR E 134 15.11 9.56 11.07
C THR E 134 15.25 10.82 11.89
N ALA E 135 16.08 11.72 11.41
CA ALA E 135 16.31 13.01 12.01
C ALA E 135 15.40 14.02 11.37
N ALA E 136 14.89 15.01 12.14
CA ALA E 136 13.90 15.97 11.63
C ALA E 136 14.47 17.20 10.98
N ASP E 137 15.70 17.57 11.27
CA ASP E 137 16.23 18.86 10.82
C ASP E 137 17.70 18.70 10.96
N MET E 138 18.43 19.76 10.68
CA MET E 138 19.89 19.64 10.53
C MET E 138 20.53 19.41 11.90
N ALA E 139 19.98 20.02 12.95
CA ALA E 139 20.48 19.76 14.31
C ALA E 139 20.29 18.29 14.75
N ALA E 140 19.13 17.70 14.50
CA ALA E 140 18.90 16.31 14.82
C ALA E 140 19.82 15.34 14.04
N GLN E 141 20.23 15.77 12.85
CA GLN E 141 21.27 15.08 12.08
C GLN E 141 22.58 14.91 12.82
N ILE E 142 22.99 15.89 13.63
CA ILE E 142 24.17 15.70 14.53
C ILE E 142 23.93 14.48 15.46
N THR E 143 22.77 14.43 16.14
CA THR E 143 22.43 13.24 16.93
C THR E 143 22.45 11.92 16.16
N ARG E 144 21.82 11.91 14.98
CA ARG E 144 21.77 10.71 14.15
C ARG E 144 23.19 10.19 13.84
N ARG E 145 24.05 11.08 13.40
CA ARG E 145 25.44 10.64 13.10
C ARG E 145 26.17 10.13 14.34
N LYS E 146 26.07 10.86 15.42
CA LYS E 146 26.62 10.40 16.73
C LYS E 146 26.11 8.95 17.03
N TRP E 147 24.79 8.73 16.94
CA TRP E 147 24.19 7.47 17.37
C TRP E 147 24.45 6.31 16.40
N GLU E 148 24.62 6.62 15.14
CA GLU E 148 25.07 5.64 14.12
C GLU E 148 26.49 5.14 14.44
N GLN E 149 27.34 6.06 14.83
CA GLN E 149 28.70 5.76 15.19
C GLN E 149 28.90 4.89 16.41
N SER E 150 28.12 5.13 17.48
CA SER E 150 28.15 4.30 18.68
C SER E 150 27.19 3.11 18.73
N GLY E 151 26.50 2.82 17.62
CA GLY E 151 25.51 1.73 17.59
C GLY E 151 24.40 1.78 18.66
N ALA E 152 23.86 2.97 18.91
CA ALA E 152 22.81 3.22 19.91
C ALA E 152 21.51 2.41 19.65
N ALA E 153 21.12 2.23 18.38
CA ALA E 153 19.86 1.51 18.06
C ALA E 153 19.77 0.10 18.65
N GLU E 154 20.90 -0.63 18.68
CA GLU E 154 20.91 -1.99 19.18
C GLU E 154 20.42 -2.14 20.58
N HIS E 155 20.85 -1.26 21.46
CA HIS E 155 20.35 -1.22 22.84
C HIS E 155 18.81 -1.03 22.87
N TYR E 156 18.30 -0.14 22.03
CA TYR E 156 16.85 0.09 22.01
C TYR E 156 16.07 -1.09 21.39
N LYS E 157 16.55 -1.58 20.24
CA LYS E 157 15.98 -2.80 19.64
C LYS E 157 15.83 -3.92 20.68
N ALA E 158 16.88 -4.21 21.48
CA ALA E 158 16.84 -5.24 22.55
C ALA E 158 15.76 -5.05 23.61
N TYR E 159 15.62 -3.81 24.08
CA TYR E 159 14.61 -3.47 25.04
C TYR E 159 13.23 -3.63 24.38
N LEU E 160 13.07 -3.09 23.19
CA LEU E 160 11.73 -3.13 22.59
C LEU E 160 11.24 -4.54 22.21
N GLU E 161 12.12 -5.36 21.65
CA GLU E 161 11.81 -6.77 21.35
C GLU E 161 11.86 -7.70 22.54
N GLY E 162 12.51 -7.29 23.61
CA GLY E 162 12.67 -8.16 24.77
C GLY E 162 11.81 -7.76 25.97
N GLU E 163 12.38 -6.98 26.88
CA GLU E 163 11.72 -6.52 28.08
C GLU E 163 10.40 -5.84 27.85
N CYS E 164 10.23 -5.10 26.73
CA CYS E 164 9.01 -4.37 26.54
C CYS E 164 7.90 -5.43 26.35
N VAL E 165 8.18 -6.37 25.47
CA VAL E 165 7.23 -7.46 25.19
C VAL E 165 6.90 -8.29 26.44
N GLU E 166 7.93 -8.73 27.17
CA GLU E 166 7.77 -9.69 28.28
C GLU E 166 7.13 -9.07 29.48
N TRP E 167 7.51 -7.83 29.79
CA TRP E 167 6.75 -7.11 30.81
C TRP E 167 5.33 -6.75 30.38
N LEU E 168 5.07 -6.35 29.13
CA LEU E 168 3.64 -6.15 28.72
C LEU E 168 2.82 -7.46 28.88
N HIS E 169 3.38 -8.59 28.47
CA HIS E 169 2.74 -9.89 28.73
C HIS E 169 2.29 -10.08 30.16
N ARG E 170 3.20 -9.90 31.12
CA ARG E 170 2.91 -9.88 32.54
C ARG E 170 1.79 -8.91 32.97
N TYR E 171 1.83 -7.69 32.47
CA TYR E 171 0.79 -6.68 32.82
C TYR E 171 -0.57 -7.06 32.24
N LEU E 172 -0.56 -7.56 31.01
CA LEU E 172 -1.82 -7.94 30.36
C LEU E 172 -2.46 -9.11 31.10
N LYS E 173 -1.64 -10.07 31.51
CA LYS E 173 -2.05 -11.19 32.35
C LYS E 173 -2.58 -10.68 33.69
N ASN E 174 -1.78 -9.89 34.40
CA ASN E 174 -2.12 -9.38 35.74
C ASN E 174 -3.29 -8.37 35.83
N GLY E 175 -3.52 -7.60 34.78
CA GLY E 175 -4.68 -6.71 34.76
C GLY E 175 -5.77 -7.19 33.82
N ASN E 176 -5.79 -8.49 33.49
CA ASN E 176 -6.73 -9.00 32.47
C ASN E 176 -8.16 -8.51 32.70
N ALA E 177 -8.65 -8.65 33.93
CA ALA E 177 -10.09 -8.34 34.21
C ALA E 177 -10.38 -6.83 34.10
N THR E 178 -9.44 -6.02 34.58
CA THR E 178 -9.52 -4.56 34.34
C THR E 178 -9.49 -4.15 32.90
N LEU E 179 -8.52 -4.68 32.13
CA LEU E 179 -8.40 -4.40 30.70
C LEU E 179 -9.55 -4.91 29.84
N LEU E 180 -10.10 -6.07 30.18
CA LEU E 180 -11.20 -6.65 29.40
C LEU E 180 -12.44 -5.79 29.51
N ARG E 181 -12.63 -5.10 30.62
CA ARG E 181 -13.92 -4.42 30.82
C ARG E 181 -14.17 -3.19 30.00
N THR E 182 -15.45 -2.91 29.88
CA THR E 182 -15.95 -1.94 28.96
C THR E 182 -17.10 -1.30 29.67
N ASP E 183 -17.39 -0.06 29.32
CA ASP E 183 -18.55 0.63 29.85
C ASP E 183 -19.28 1.04 28.63
N SER E 184 -20.54 0.60 28.51
CA SER E 184 -21.35 0.91 27.35
C SER E 184 -21.80 2.37 27.37
N PRO E 185 -21.84 3.00 26.19
CA PRO E 185 -22.41 4.33 26.12
C PRO E 185 -23.91 4.35 26.35
N LYS E 186 -24.38 5.42 27.00
CA LYS E 186 -25.79 5.74 27.01
C LYS E 186 -25.98 6.90 26.03
N ALA E 187 -26.92 6.75 25.09
CA ALA E 187 -27.14 7.75 24.07
C ALA E 187 -28.54 8.36 24.13
N HIS E 188 -28.65 9.56 23.57
CA HIS E 188 -29.94 10.29 23.50
C HIS E 188 -29.79 11.35 22.47
N VAL E 189 -30.93 11.90 22.06
CA VAL E 189 -30.91 12.91 21.03
C VAL E 189 -31.56 14.17 21.61
N THR E 190 -30.95 15.32 21.30
CA THR E 190 -31.44 16.63 21.76
C THR E 190 -31.72 17.43 20.49
N HIS E 191 -32.55 18.47 20.61
CA HIS E 191 -33.03 19.24 19.44
C HIS E 191 -32.87 20.75 19.65
N HIS E 192 -32.32 21.39 18.64
CA HIS E 192 -31.98 22.78 18.73
C HIS E 192 -32.42 23.48 17.46
N PRO E 193 -33.49 24.28 17.57
CA PRO E 193 -34.06 25.08 16.47
C PRO E 193 -33.16 26.26 16.08
N ARG E 194 -33.21 26.63 14.79
CA ARG E 194 -32.35 27.67 14.23
C ARG E 194 -33.00 28.45 13.08
N THR E 200 -30.31 22.11 14.44
CA THR E 200 -29.44 20.99 14.87
C THR E 200 -30.16 19.82 15.60
N LEU E 201 -29.85 18.59 15.18
CA LEU E 201 -30.12 17.39 15.95
C LEU E 201 -28.78 16.88 16.53
N ARG E 202 -28.75 16.54 17.81
CA ARG E 202 -27.48 16.22 18.46
C ARG E 202 -27.54 14.87 19.12
N CYS E 203 -26.77 13.94 18.58
CA CYS E 203 -26.70 12.62 19.19
C CYS E 203 -25.53 12.54 20.19
N TRP E 204 -25.83 12.22 21.45
CA TRP E 204 -24.85 12.16 22.52
C TRP E 204 -24.54 10.72 22.89
N ALA E 205 -23.27 10.38 23.07
CA ALA E 205 -22.91 9.10 23.71
C ALA E 205 -22.21 9.43 25.01
N LEU E 206 -22.65 8.79 26.10
CA LEU E 206 -22.18 9.17 27.44
C LEU E 206 -21.78 8.00 28.33
N GLY E 207 -20.69 8.17 29.08
CA GLY E 207 -20.24 7.16 30.06
C GLY E 207 -19.56 5.91 29.49
N PHE E 208 -18.92 6.05 28.34
CA PHE E 208 -18.32 4.90 27.65
C PHE E 208 -16.79 4.71 27.85
N TYR E 209 -16.37 3.45 27.97
CA TYR E 209 -14.96 3.08 27.98
C TYR E 209 -14.69 1.77 27.23
N PRO E 210 -13.59 1.68 26.46
CA PRO E 210 -12.57 2.67 26.06
C PRO E 210 -13.11 3.86 25.29
N ALA E 211 -12.21 4.76 24.93
CA ALA E 211 -12.59 6.01 24.32
C ALA E 211 -12.99 5.84 22.87
N ASP E 212 -12.48 4.82 22.17
CA ASP E 212 -12.89 4.71 20.76
C ASP E 212 -14.38 4.45 20.57
N ILE E 213 -15.00 5.15 19.62
CA ILE E 213 -16.43 5.12 19.38
C ILE E 213 -16.65 5.60 17.98
N THR E 214 -17.76 5.16 17.40
CA THR E 214 -18.26 5.67 16.15
C THR E 214 -19.68 6.11 16.38
N LEU E 215 -19.98 7.32 15.90
CA LEU E 215 -21.28 7.93 15.91
C LEU E 215 -21.60 8.34 14.48
N THR E 216 -22.75 7.92 13.94
CA THR E 216 -23.15 8.38 12.60
C THR E 216 -24.59 8.88 12.57
N TRP E 217 -24.85 9.93 11.77
CA TRP E 217 -26.22 10.35 11.46
C TRP E 217 -26.68 9.92 10.05
N LEU E 230 -19.66 16.98 15.13
CA LEU E 230 -18.86 16.00 15.93
C LEU E 230 -17.68 16.57 16.74
N VAL E 231 -17.82 16.55 18.08
CA VAL E 231 -16.78 17.04 19.03
C VAL E 231 -15.71 16.00 19.31
N GLU E 232 -14.51 16.49 19.61
CA GLU E 232 -13.42 15.70 20.15
C GLU E 232 -13.93 14.89 21.36
N THR E 233 -13.63 13.60 21.38
CA THR E 233 -13.95 12.75 22.53
C THR E 233 -13.26 13.33 23.75
N ARG E 234 -13.97 13.34 24.87
CA ARG E 234 -13.56 14.10 26.06
C ARG E 234 -13.83 13.26 27.24
N PRO E 235 -12.98 13.33 28.27
CA PRO E 235 -13.17 12.55 29.48
C PRO E 235 -14.22 13.15 30.44
N ALA E 236 -15.06 12.27 31.01
CA ALA E 236 -16.11 12.64 31.98
C ALA E 236 -15.52 12.94 33.32
N GLY E 237 -14.33 12.38 33.58
CA GLY E 237 -13.56 12.62 34.81
C GLY E 237 -13.69 11.46 35.82
N ASP E 238 -14.55 10.50 35.51
CA ASP E 238 -14.68 9.27 36.32
C ASP E 238 -14.00 8.04 35.64
N GLY E 239 -13.25 8.28 34.56
CA GLY E 239 -12.68 7.19 33.78
C GLY E 239 -13.49 6.86 32.55
N THR E 240 -14.64 7.49 32.35
CA THR E 240 -15.37 7.29 31.09
C THR E 240 -15.29 8.49 30.21
N PHE E 241 -15.87 8.39 29.01
CA PHE E 241 -15.70 9.38 27.98
C PHE E 241 -17.05 9.83 27.41
N GLN E 242 -17.04 10.93 26.66
CA GLN E 242 -18.26 11.43 26.02
C GLN E 242 -17.95 11.92 24.66
N LYS E 243 -18.98 11.92 23.82
CA LYS E 243 -18.84 12.48 22.45
C LYS E 243 -20.25 12.82 21.99
N TRP E 244 -20.35 13.77 21.07
CA TRP E 244 -21.63 14.00 20.40
C TRP E 244 -21.44 14.32 18.95
N ALA E 245 -22.50 14.10 18.16
CA ALA E 245 -22.50 14.32 16.71
C ALA E 245 -23.78 15.03 16.35
N SER E 246 -23.72 16.00 15.44
CA SER E 246 -24.90 16.83 15.15
C SER E 246 -25.07 17.16 13.68
N VAL E 247 -26.32 17.28 13.27
CA VAL E 247 -26.65 17.75 11.92
C VAL E 247 -27.59 18.93 11.99
N VAL E 248 -27.30 19.97 11.20
CA VAL E 248 -28.14 21.21 11.15
C VAL E 248 -29.56 20.80 10.77
N VAL E 249 -29.67 20.27 9.54
CA VAL E 249 -30.66 19.31 9.11
C VAL E 249 -31.75 18.99 10.15
N GLN E 255 -36.75 13.46 12.35
CA GLN E 255 -37.57 12.23 12.37
C GLN E 255 -37.38 11.33 11.14
N ASN E 256 -36.88 11.92 10.05
CA ASN E 256 -36.35 11.13 8.93
C ASN E 256 -34.91 10.70 9.21
N TYR E 257 -34.43 11.07 10.42
CA TYR E 257 -33.02 10.94 10.80
C TYR E 257 -32.73 9.98 11.95
N THR E 258 -31.62 9.27 11.79
CA THR E 258 -31.21 8.21 12.69
C THR E 258 -29.73 8.32 13.05
N CYS E 259 -29.44 8.25 14.34
CA CYS E 259 -28.08 8.17 14.81
C CYS E 259 -27.73 6.73 15.19
N ARG E 260 -26.53 6.29 14.80
CA ARG E 260 -26.02 4.98 15.22
C ARG E 260 -24.76 5.10 16.12
N VAL E 261 -24.72 4.29 17.16
CA VAL E 261 -23.59 4.26 18.07
C VAL E 261 -22.89 2.88 18.06
N TYR E 262 -21.64 2.84 17.60
CA TYR E 262 -20.81 1.62 17.60
C TYR E 262 -19.78 1.65 18.70
N HIS E 263 -19.83 0.63 19.54
CA HIS E 263 -18.92 0.55 20.67
C HIS E 263 -18.89 -0.87 21.22
N GLU E 264 -17.68 -1.30 21.58
CA GLU E 264 -17.38 -2.68 21.94
C GLU E 264 -18.02 -3.04 23.29
N GLY E 265 -18.42 -2.03 24.03
CA GLY E 265 -19.14 -2.24 25.29
C GLY E 265 -20.56 -2.74 25.09
N LEU E 266 -21.15 -2.36 23.94
CA LEU E 266 -22.54 -2.66 23.62
C LEU E 266 -22.84 -4.12 23.27
N PRO E 267 -23.95 -4.65 23.81
CA PRO E 267 -24.47 -5.94 23.35
C PRO E 267 -24.71 -5.95 21.82
N GLU E 268 -25.26 -4.85 21.29
CA GLU E 268 -25.42 -4.63 19.84
C GLU E 268 -25.39 -3.11 19.64
N PRO E 269 -25.01 -2.62 18.44
CA PRO E 269 -25.07 -1.18 18.20
C PRO E 269 -26.40 -0.52 18.61
N LEU E 270 -26.34 0.74 19.02
CA LEU E 270 -27.58 1.51 19.30
C LEU E 270 -28.13 2.21 18.06
N THR E 271 -29.45 2.38 18.03
CA THR E 271 -30.12 3.10 16.97
C THR E 271 -31.18 3.96 17.67
N LEU E 272 -31.19 5.25 17.37
CA LEU E 272 -32.14 6.18 18.00
C LEU E 272 -32.45 7.37 17.11
N ARG E 273 -33.55 8.05 17.44
CA ARG E 273 -33.98 9.23 16.71
C ARG E 273 -34.47 10.19 17.79
N TRP E 274 -34.74 11.44 17.41
CA TRP E 274 -35.43 12.39 18.30
C TRP E 274 -36.75 11.80 18.85
N GLU E 275 -36.94 11.91 20.17
CA GLU E 275 -38.17 11.42 20.82
C GLU E 275 -38.95 12.50 21.60
N ARG E 276 -40.13 12.86 21.10
CA ARG E 276 -41.11 13.75 21.78
C ARG E 276 -40.58 15.18 21.98
N ILE F 2 6.10 24.87 18.76
CA ILE F 2 6.75 25.86 19.69
C ILE F 2 5.78 26.85 20.39
N GLN F 3 4.77 27.36 19.67
CA GLN F 3 3.59 27.91 20.33
C GLN F 3 2.33 27.28 19.75
N LYS F 4 1.65 26.43 20.52
CA LYS F 4 0.37 25.86 20.06
C LYS F 4 -0.77 26.29 21.00
N THR F 5 -1.87 26.80 20.43
CA THR F 5 -3.00 27.41 21.16
C THR F 5 -3.93 26.41 21.86
N PRO F 6 -4.19 26.56 23.15
CA PRO F 6 -5.06 25.55 23.78
C PRO F 6 -6.48 25.44 23.10
N GLN F 7 -7.04 24.24 23.10
CA GLN F 7 -8.37 23.97 22.61
C GLN F 7 -9.15 23.71 23.87
N ILE F 8 -10.41 24.15 23.96
CA ILE F 8 -11.10 24.13 25.27
C ILE F 8 -12.51 23.50 25.15
N GLN F 9 -12.86 22.58 26.07
CA GLN F 9 -14.25 22.10 26.20
C GLN F 9 -14.71 22.32 27.61
N VAL F 10 -15.91 22.89 27.78
CA VAL F 10 -16.53 23.08 29.08
C VAL F 10 -17.87 22.29 29.01
N TYR F 11 -18.19 21.50 30.01
CA TYR F 11 -19.24 20.46 29.87
C TYR F 11 -19.31 19.78 31.19
N SER F 12 -20.48 19.25 31.49
CA SER F 12 -20.69 18.58 32.75
C SER F 12 -20.38 17.11 32.58
N ARG F 13 -19.97 16.50 33.67
CA ARG F 13 -19.82 15.05 33.77
C ARG F 13 -21.15 14.26 33.46
N HIS F 14 -22.26 14.73 34.04
CA HIS F 14 -23.58 14.11 33.84
C HIS F 14 -24.50 15.07 33.10
N PRO F 15 -25.51 14.55 32.32
CA PRO F 15 -26.47 15.49 31.70
C PRO F 15 -27.04 16.50 32.72
N PRO F 16 -27.16 17.77 32.33
CA PRO F 16 -27.45 18.71 33.40
C PRO F 16 -28.96 18.71 33.68
N GLU F 17 -29.29 18.80 34.97
CA GLU F 17 -30.65 19.08 35.40
C GLU F 17 -30.52 20.16 36.49
N ASN F 18 -31.22 21.30 36.28
CA ASN F 18 -31.15 22.41 37.24
C ASN F 18 -31.46 21.94 38.65
N GLY F 19 -30.62 22.33 39.59
CA GLY F 19 -30.85 22.02 41.00
C GLY F 19 -30.14 20.76 41.45
N LYS F 20 -29.80 19.90 40.48
CA LYS F 20 -29.09 18.66 40.74
C LYS F 20 -27.55 18.93 40.78
N PRO F 21 -26.86 18.65 41.91
CA PRO F 21 -25.38 18.69 41.92
C PRO F 21 -24.67 17.82 40.84
N ASN F 22 -23.63 18.40 40.23
CA ASN F 22 -23.01 17.78 39.10
C ASN F 22 -21.45 18.07 39.15
N ILE F 23 -20.74 17.83 38.05
CA ILE F 23 -19.31 18.22 38.03
C ILE F 23 -19.06 18.94 36.72
N LEU F 24 -18.37 20.06 36.86
CA LEU F 24 -18.04 20.81 35.70
C LEU F 24 -16.59 20.54 35.36
N ASN F 25 -16.45 20.26 34.08
CA ASN F 25 -15.21 19.96 33.44
C ASN F 25 -14.73 21.07 32.50
N CYS F 26 -13.45 21.36 32.61
CA CYS F 26 -12.75 22.15 31.61
C CYS F 26 -11.58 21.30 31.05
N TYR F 27 -11.78 20.75 29.86
CA TYR F 27 -10.82 19.88 29.14
C TYR F 27 -10.05 20.72 28.16
N VAL F 28 -8.77 20.93 28.47
CA VAL F 28 -7.91 21.83 27.70
C VAL F 28 -6.82 21.00 26.99
N THR F 29 -6.72 21.13 25.66
CA THR F 29 -5.86 20.23 24.90
C THR F 29 -5.06 21.02 23.90
N GLN F 30 -4.18 20.31 23.21
CA GLN F 30 -3.40 20.77 22.05
C GLN F 30 -2.50 21.94 22.29
N PHE F 31 -1.96 22.08 23.48
CA PHE F 31 -1.17 23.24 23.80
C PHE F 31 0.34 22.91 24.04
N HIS F 32 1.17 23.89 23.76
CA HIS F 32 2.61 23.79 23.97
C HIS F 32 3.10 25.22 24.03
N PRO F 33 3.95 25.57 25.03
CA PRO F 33 4.56 24.79 26.07
C PRO F 33 3.58 24.30 27.18
N PRO F 34 4.03 23.37 28.04
CA PRO F 34 3.15 22.78 29.07
C PRO F 34 2.67 23.75 30.16
N HIS F 35 3.38 24.85 30.42
CA HIS F 35 2.92 25.79 31.42
C HIS F 35 1.55 26.44 31.02
N ILE F 36 0.58 26.40 31.93
CA ILE F 36 -0.76 26.83 31.63
C ILE F 36 -1.42 27.22 32.95
N GLU F 37 -2.31 28.21 32.88
CA GLU F 37 -3.16 28.57 34.01
C GLU F 37 -4.60 28.48 33.60
N ILE F 38 -5.35 27.66 34.33
CA ILE F 38 -6.77 27.44 34.04
C ILE F 38 -7.54 27.88 35.28
N GLN F 39 -8.57 28.73 35.08
CA GLN F 39 -9.49 29.09 36.18
C GLN F 39 -10.89 28.67 35.81
N MET F 40 -11.68 28.34 36.81
CA MET F 40 -13.10 28.07 36.62
C MET F 40 -13.85 29.15 37.37
N LEU F 41 -14.88 29.69 36.74
CA LEU F 41 -15.60 30.89 37.19
C LEU F 41 -17.08 30.56 37.45
N LYS F 42 -17.60 31.03 38.58
CA LYS F 42 -19.06 31.04 38.84
C LYS F 42 -19.58 32.49 38.88
N ASN F 43 -20.34 32.86 37.85
CA ASN F 43 -20.89 34.22 37.66
C ASN F 43 -19.75 35.24 37.60
N GLY F 44 -18.68 34.89 36.88
CA GLY F 44 -17.52 35.77 36.73
C GLY F 44 -16.53 35.81 37.88
N LYS F 45 -16.78 35.06 38.93
CA LYS F 45 -15.88 35.06 40.06
C LYS F 45 -15.18 33.70 40.03
N LYS F 46 -13.89 33.68 40.35
CA LYS F 46 -13.07 32.50 40.30
C LYS F 46 -13.49 31.55 41.40
N ILE F 47 -13.66 30.28 41.03
CA ILE F 47 -13.95 29.17 42.00
C ILE F 47 -12.63 28.76 42.63
N PRO F 48 -12.53 28.88 43.97
CA PRO F 48 -11.23 28.65 44.64
C PRO F 48 -10.53 27.29 44.36
N LYS F 49 -11.14 26.19 44.78
CA LYS F 49 -10.41 24.91 44.91
C LYS F 49 -10.58 23.95 43.68
N VAL F 50 -10.23 24.41 42.49
CA VAL F 50 -10.42 23.61 41.31
C VAL F 50 -9.39 22.47 41.34
N GLU F 51 -9.79 21.30 40.86
CA GLU F 51 -8.87 20.17 40.78
C GLU F 51 -8.37 20.08 39.36
N MET F 52 -7.16 19.56 39.22
CA MET F 52 -6.52 19.42 37.93
C MET F 52 -5.90 18.03 37.78
N SER F 53 -6.13 17.39 36.66
CA SER F 53 -5.36 16.16 36.30
C SER F 53 -3.83 16.42 36.23
N ASP F 54 -3.04 15.34 36.35
CA ASP F 54 -1.60 15.42 36.28
C ASP F 54 -1.14 15.65 34.86
N MET F 55 0.00 16.31 34.71
CA MET F 55 0.65 16.55 33.41
C MET F 55 0.75 15.32 32.50
N SER F 56 0.09 15.40 31.35
CA SER F 56 0.11 14.40 30.28
C SER F 56 0.20 15.01 28.88
N PHE F 57 0.65 14.21 27.93
CA PHE F 57 0.74 14.63 26.57
C PHE F 57 0.28 13.53 25.64
N SER F 58 -0.12 13.94 24.45
CA SER F 58 -0.71 13.05 23.48
C SER F 58 0.31 12.66 22.43
N LYS F 59 -0.13 11.75 21.57
CA LYS F 59 0.67 11.19 20.49
C LYS F 59 1.33 12.24 19.60
N ASP F 60 0.68 13.39 19.43
CA ASP F 60 1.27 14.49 18.68
C ASP F 60 2.20 15.43 19.48
N TRP F 61 2.52 15.05 20.73
CA TRP F 61 3.46 15.74 21.67
C TRP F 61 2.79 16.87 22.54
N SER F 62 1.55 17.27 22.18
CA SER F 62 0.83 18.40 22.78
C SER F 62 0.29 18.01 24.14
N PHE F 63 0.21 18.96 25.06
CA PHE F 63 -0.15 18.70 26.42
C PHE F 63 -1.67 18.80 26.63
N TYR F 64 -2.18 18.16 27.66
CA TYR F 64 -3.58 18.35 27.97
C TYR F 64 -3.78 18.20 29.42
N ILE F 65 -4.89 18.78 29.86
CA ILE F 65 -5.15 18.83 31.26
C ILE F 65 -6.71 18.92 31.42
N LEU F 66 -7.23 18.27 32.44
CA LEU F 66 -8.66 18.29 32.63
C LEU F 66 -8.78 18.97 33.93
N ALA F 67 -9.46 20.13 33.94
CA ALA F 67 -9.72 20.80 35.22
C ALA F 67 -11.19 20.52 35.58
N HIS F 68 -11.50 20.35 36.86
CA HIS F 68 -12.90 20.11 37.24
C HIS F 68 -13.23 20.65 38.60
N THR F 69 -14.53 20.92 38.79
CA THR F 69 -15.08 21.29 40.10
C THR F 69 -16.59 20.95 40.28
N GLU F 70 -17.05 20.84 41.52
CA GLU F 70 -18.50 20.71 41.83
C GLU F 70 -19.32 21.90 41.32
N PHE F 71 -20.42 21.65 40.61
CA PHE F 71 -21.36 22.73 40.31
C PHE F 71 -22.80 22.23 40.28
N THR F 72 -23.72 23.17 40.45
CA THR F 72 -25.12 22.87 40.41
C THR F 72 -25.67 23.76 39.34
N PRO F 73 -26.03 23.18 38.20
CA PRO F 73 -26.60 24.02 37.18
C PRO F 73 -27.94 24.69 37.67
N THR F 74 -28.17 25.94 37.31
CA THR F 74 -29.46 26.58 37.59
C THR F 74 -29.90 27.38 36.36
N GLU F 75 -31.08 27.97 36.48
CA GLU F 75 -31.72 28.75 35.43
C GLU F 75 -30.87 29.97 35.14
N THR F 76 -30.23 30.52 36.17
CA THR F 76 -29.66 31.86 36.07
C THR F 76 -28.13 31.92 36.20
N ASP F 77 -27.54 30.96 36.93
CA ASP F 77 -26.05 30.95 37.11
C ASP F 77 -25.31 30.65 35.82
N THR F 78 -24.17 31.31 35.70
CA THR F 78 -23.26 31.10 34.58
C THR F 78 -21.95 30.46 35.11
N TYR F 79 -21.34 29.63 34.23
CA TYR F 79 -20.10 28.89 34.52
C TYR F 79 -19.22 29.07 33.33
N ALA F 80 -17.94 29.32 33.62
CA ALA F 80 -16.98 29.51 32.56
C ALA F 80 -15.61 28.92 32.93
N CYS F 81 -14.80 28.68 31.88
CA CYS F 81 -13.40 28.32 32.04
C CYS F 81 -12.52 29.38 31.44
N ARG F 82 -11.51 29.83 32.18
CA ARG F 82 -10.60 30.87 31.70
C ARG F 82 -9.16 30.36 31.69
N VAL F 83 -8.55 30.41 30.50
CA VAL F 83 -7.25 29.81 30.23
C VAL F 83 -6.24 30.91 29.78
N LYS F 84 -5.14 31.02 30.53
CA LYS F 84 -4.01 31.88 30.19
C LYS F 84 -2.86 31.00 29.73
N HIS F 85 -2.33 31.29 28.54
CA HIS F 85 -1.23 30.52 28.03
C HIS F 85 -0.40 31.41 27.12
N ASP F 86 0.85 31.04 26.94
CA ASP F 86 1.81 31.92 26.28
C ASP F 86 1.51 32.12 24.80
N SER F 87 0.79 31.17 24.23
CA SER F 87 0.37 31.26 22.84
C SER F 87 -0.71 32.35 22.57
N MET F 88 -1.33 32.83 23.64
CA MET F 88 -2.48 33.73 23.52
C MET F 88 -2.22 35.13 24.08
N ALA F 89 -2.64 36.16 23.34
CA ALA F 89 -2.39 37.57 23.79
C ALA F 89 -3.14 37.90 25.09
N GLU F 90 -4.37 37.37 25.17
CA GLU F 90 -5.26 37.54 26.33
C GLU F 90 -5.85 36.19 26.85
N PRO F 91 -6.22 36.13 28.15
CA PRO F 91 -6.93 34.90 28.56
C PRO F 91 -8.14 34.62 27.68
N LYS F 92 -8.40 33.34 27.43
CA LYS F 92 -9.61 32.90 26.72
C LYS F 92 -10.66 32.37 27.71
N THR F 93 -11.84 32.97 27.70
CA THR F 93 -12.92 32.55 28.59
C THR F 93 -13.99 31.78 27.82
N VAL F 94 -14.26 30.54 28.22
CA VAL F 94 -15.29 29.77 27.50
C VAL F 94 -16.38 29.47 28.51
N TYR F 95 -17.58 29.96 28.20
CA TYR F 95 -18.80 29.72 29.00
C TYR F 95 -19.33 28.31 28.81
N TRP F 96 -19.81 27.72 29.89
CA TRP F 96 -20.50 26.43 29.81
C TRP F 96 -21.81 26.61 29.07
N ASP F 97 -22.13 25.71 28.15
CA ASP F 97 -23.42 25.72 27.44
C ASP F 97 -24.05 24.32 27.55
N ARG F 98 -25.16 24.24 28.28
CA ARG F 98 -25.98 23.01 28.45
C ARG F 98 -26.12 22.17 27.21
N ASP F 99 -26.13 22.82 26.04
CA ASP F 99 -26.48 22.14 24.78
C ASP F 99 -25.29 21.46 24.12
N MET F 100 -24.11 21.59 24.74
CA MET F 100 -22.83 21.19 24.12
C MET F 100 -21.85 20.47 25.08
N PRO G 2 -7.46 48.10 -9.58
CA PRO G 2 -6.90 48.04 -8.22
C PRO G 2 -5.38 48.14 -8.21
N HIS G 3 -4.88 48.89 -7.22
CA HIS G 3 -3.48 49.25 -7.12
C HIS G 3 -3.02 49.07 -5.67
N SER G 4 -1.73 48.86 -5.48
CA SER G 4 -1.16 48.73 -4.11
C SER G 4 0.28 49.21 -4.03
N MET G 5 0.72 49.57 -2.83
CA MET G 5 2.14 49.76 -2.58
C MET G 5 2.41 48.94 -1.33
N ARG G 6 3.56 48.27 -1.34
CA ARG G 6 4.06 47.57 -0.14
C ARG G 6 5.57 47.83 0.04
N TYR G 7 6.00 47.95 1.31
CA TYR G 7 7.40 47.82 1.66
C TYR G 7 7.56 46.56 2.51
N PHE G 8 8.45 45.66 2.05
CA PHE G 8 8.74 44.40 2.80
C PHE G 8 10.12 44.58 3.41
N GLU G 9 10.22 44.55 4.73
CA GLU G 9 11.49 44.85 5.46
C GLU G 9 11.89 43.64 6.26
N THR G 10 13.17 43.33 6.28
CA THR G 10 13.66 42.16 7.00
C THR G 10 14.93 42.62 7.73
N ALA G 11 15.01 42.28 9.03
CA ALA G 11 16.31 42.38 9.70
C ALA G 11 16.65 41.00 10.21
N VAL G 12 17.88 40.58 10.01
CA VAL G 12 18.29 39.23 10.49
C VAL G 12 19.47 39.45 11.41
N SER G 13 19.40 39.03 12.66
CA SER G 13 20.57 39.32 13.56
C SER G 13 21.73 38.40 13.28
N ARG G 14 22.94 38.85 13.62
CA ARG G 14 24.14 38.15 13.22
C ARG G 14 24.96 37.89 14.46
N PRO G 15 25.03 36.61 14.89
CA PRO G 15 25.75 36.36 16.16
C PRO G 15 27.21 36.84 16.04
N GLY G 16 27.70 37.51 17.05
CA GLY G 16 29.05 38.10 16.99
C GLY G 16 28.96 39.62 16.86
N LEU G 17 27.81 40.09 16.32
CA LEU G 17 27.64 41.45 15.75
C LEU G 17 26.47 42.20 16.35
N GLU G 18 26.66 43.49 16.62
CA GLU G 18 25.57 44.34 17.12
C GLU G 18 24.65 44.79 15.97
N GLU G 19 25.21 44.85 14.75
CA GLU G 19 24.46 45.09 13.49
C GLU G 19 23.87 43.82 12.73
N PRO G 20 22.56 43.74 12.61
CA PRO G 20 21.91 42.71 11.78
C PRO G 20 21.99 43.07 10.31
N ARG G 21 21.67 42.13 9.44
CA ARG G 21 21.54 42.52 8.03
C ARG G 21 20.11 43.06 7.82
N TYR G 22 20.01 44.21 7.15
CA TYR G 22 18.70 44.86 6.92
C TYR G 22 18.40 45.03 5.46
N ILE G 23 17.28 44.51 5.00
CA ILE G 23 16.92 44.68 3.60
C ILE G 23 15.50 45.27 3.48
N SER G 24 15.32 46.30 2.65
CA SER G 24 13.98 46.77 2.34
C SER G 24 13.69 46.71 0.83
N VAL G 25 12.51 46.13 0.53
CA VAL G 25 11.98 46.02 -0.84
C VAL G 25 10.61 46.70 -0.95
N GLY G 26 10.54 47.69 -1.85
CA GLY G 26 9.30 48.33 -2.21
C GLY G 26 8.71 47.70 -3.46
N TYR G 27 7.39 47.60 -3.46
CA TYR G 27 6.60 46.99 -4.48
C TYR G 27 5.49 47.97 -4.91
N VAL G 28 5.30 48.14 -6.21
CA VAL G 28 4.17 48.90 -6.71
C VAL G 28 3.37 47.94 -7.62
N ASP G 29 2.08 47.78 -7.33
CA ASP G 29 1.27 46.83 -8.09
C ASP G 29 1.98 45.46 -8.24
N ASN G 30 2.51 44.96 -7.10
CA ASN G 30 3.18 43.66 -6.90
C ASN G 30 4.48 43.50 -7.65
N LYS G 31 4.98 44.58 -8.19
CA LYS G 31 6.29 44.50 -8.80
C LYS G 31 7.28 45.40 -8.07
N GLU G 32 8.44 44.80 -7.78
CA GLU G 32 9.58 45.40 -7.19
C GLU G 32 10.05 46.70 -7.87
N PHE G 33 10.19 47.76 -7.08
CA PHE G 33 10.47 49.04 -7.67
C PHE G 33 11.67 49.76 -7.05
N VAL G 34 11.93 49.48 -5.77
CA VAL G 34 13.14 49.94 -5.08
C VAL G 34 13.67 48.83 -4.17
N ARG G 35 14.92 48.94 -3.75
CA ARG G 35 15.53 48.02 -2.80
C ARG G 35 16.69 48.67 -2.06
N PHE G 36 16.77 48.40 -0.75
CA PHE G 36 17.90 48.73 0.06
C PHE G 36 18.43 47.41 0.66
N ASP G 37 19.73 47.29 0.79
CA ASP G 37 20.37 46.11 1.38
C ASP G 37 21.58 46.66 2.12
N SER G 38 21.62 46.43 3.43
CA SER G 38 22.76 46.86 4.21
C SER G 38 24.12 46.17 3.83
N ASP G 39 24.07 44.99 3.22
CA ASP G 39 25.27 44.29 2.76
C ASP G 39 25.87 44.74 1.44
N ALA G 40 25.32 45.80 0.84
CA ALA G 40 25.82 46.33 -0.43
C ALA G 40 27.14 46.99 -0.17
N GLU G 41 27.99 47.01 -1.20
CA GLU G 41 29.24 47.78 -1.14
C GLU G 41 28.99 49.16 -0.52
N ASN G 42 28.02 49.90 -1.09
CA ASN G 42 27.55 51.16 -0.51
C ASN G 42 25.98 51.22 -0.40
N PRO G 43 25.42 50.93 0.78
CA PRO G 43 23.96 50.73 0.92
C PRO G 43 23.15 52.01 0.67
N ARG G 44 22.25 51.97 -0.31
CA ARG G 44 21.35 53.07 -0.57
C ARG G 44 20.14 52.41 -1.19
N TYR G 45 18.95 53.00 -1.03
CA TYR G 45 17.79 52.61 -1.85
C TYR G 45 18.20 52.83 -3.33
N GLU G 46 17.86 51.87 -4.17
CA GLU G 46 18.23 51.86 -5.59
C GLU G 46 16.99 51.55 -6.37
N PRO G 47 16.83 52.15 -7.58
CA PRO G 47 15.69 51.86 -8.44
C PRO G 47 15.75 50.41 -8.97
N ARG G 48 14.58 49.77 -9.03
CA ARG G 48 14.48 48.43 -9.53
C ARG G 48 13.45 48.31 -10.69
N ALA G 49 12.84 49.42 -11.05
CA ALA G 49 12.04 49.50 -12.28
C ALA G 49 12.58 50.68 -13.10
N PRO G 50 12.55 50.56 -14.45
CA PRO G 50 13.21 51.63 -15.25
C PRO G 50 12.59 53.02 -15.05
N TRP G 51 11.31 53.06 -14.71
CA TRP G 51 10.62 54.32 -14.51
C TRP G 51 10.95 55.13 -13.21
N MET G 52 11.69 54.53 -12.28
CA MET G 52 12.10 55.21 -11.05
C MET G 52 13.40 55.99 -11.23
N GLU G 53 14.12 55.73 -12.33
CA GLU G 53 15.41 56.37 -12.56
C GLU G 53 15.26 57.87 -12.75
N GLN G 54 14.05 58.32 -13.02
CA GLN G 54 13.78 59.76 -13.12
C GLN G 54 13.69 60.50 -11.76
N GLU G 55 13.60 59.78 -10.63
CA GLU G 55 13.61 60.43 -9.32
C GLU G 55 15.00 60.99 -9.16
N GLY G 56 15.07 62.22 -8.69
CA GLY G 56 16.37 62.85 -8.53
C GLY G 56 17.08 62.46 -7.23
N PRO G 57 18.31 62.99 -7.04
CA PRO G 57 19.15 62.71 -5.90
C PRO G 57 18.53 63.00 -4.52
N GLU G 58 17.73 64.04 -4.41
CA GLU G 58 17.01 64.35 -3.18
C GLU G 58 16.10 63.20 -2.73
N TYR G 59 15.44 62.58 -3.71
CA TYR G 59 14.60 61.41 -3.44
C TYR G 59 15.36 60.23 -2.77
N TRP G 60 16.43 59.76 -3.41
CA TRP G 60 17.22 58.60 -2.98
C TRP G 60 17.87 58.86 -1.61
N GLU G 61 18.40 60.08 -1.45
CA GLU G 61 18.98 60.55 -0.21
C GLU G 61 18.00 60.49 0.96
N ARG G 62 16.82 61.10 0.80
CA ARG G 62 15.76 61.04 1.79
C ARG G 62 15.35 59.59 2.09
N GLU G 63 15.19 58.78 1.04
CA GLU G 63 14.74 57.39 1.23
C GLU G 63 15.76 56.57 1.98
N THR G 64 17.03 56.75 1.60
CA THR G 64 18.17 56.13 2.29
C THR G 64 18.30 56.56 3.76
N GLN G 65 18.00 57.81 4.08
CA GLN G 65 18.00 58.23 5.49
C GLN G 65 16.98 57.38 6.25
N LYS G 66 15.78 57.21 5.69
CA LYS G 66 14.78 56.32 6.28
C LYS G 66 15.27 54.89 6.50
N ALA G 67 15.90 54.27 5.50
CA ALA G 67 16.39 52.88 5.62
C ALA G 67 17.38 52.71 6.75
N LYS G 68 18.32 53.67 6.86
CA LYS G 68 19.29 53.68 7.94
C LYS G 68 18.66 53.80 9.32
N GLY G 69 17.62 54.64 9.46
CA GLY G 69 16.81 54.76 10.68
C GLY G 69 16.12 53.45 11.02
N GLN G 70 15.52 52.82 10.02
CA GLN G 70 14.87 51.53 10.14
C GLN G 70 15.81 50.41 10.58
N GLU G 71 17.00 50.36 9.98
CA GLU G 71 18.05 49.45 10.43
C GLU G 71 18.24 49.54 11.94
N GLN G 72 18.36 50.77 12.46
CA GLN G 72 18.53 51.04 13.92
C GLN G 72 17.29 50.62 14.69
N TRP G 73 16.13 50.95 14.14
CA TRP G 73 14.85 50.60 14.74
C TRP G 73 14.73 49.03 14.94
N PHE G 74 15.09 48.26 13.91
CA PHE G 74 15.05 46.82 13.96
C PHE G 74 16.11 46.27 14.87
N ARG G 75 17.29 46.88 14.87
CA ARG G 75 18.32 46.49 15.87
C ARG G 75 17.79 46.56 17.30
N VAL G 76 17.14 47.67 17.62
CA VAL G 76 16.61 47.86 18.96
C VAL G 76 15.42 46.92 19.22
N SER G 77 14.53 46.77 18.24
CA SER G 77 13.39 45.88 18.44
C SER G 77 13.83 44.39 18.55
N LEU G 78 14.83 43.98 17.77
CA LEU G 78 15.37 42.61 17.88
C LEU G 78 15.90 42.30 19.27
N ARG G 79 16.67 43.22 19.81
CA ARG G 79 17.15 43.09 21.15
C ARG G 79 16.04 43.03 22.22
N ASN G 80 15.00 43.87 22.11
CA ASN G 80 13.86 43.73 23.01
C ASN G 80 13.19 42.37 22.94
N LEU G 81 13.03 41.85 21.74
CA LEU G 81 12.40 40.52 21.54
C LEU G 81 13.19 39.35 22.14
N LEU G 82 14.52 39.42 22.12
CA LEU G 82 15.35 38.44 22.82
C LEU G 82 15.00 38.33 24.26
N GLY G 83 14.81 39.49 24.90
CA GLY G 83 14.33 39.56 26.24
C GLY G 83 12.90 39.04 26.44
N TYR G 84 11.94 39.38 25.57
CA TYR G 84 10.53 38.91 25.77
C TYR G 84 10.45 37.38 25.66
N TYR G 85 11.24 36.84 24.76
CA TYR G 85 11.19 35.43 24.50
C TYR G 85 12.30 34.64 25.17
N ASN G 86 13.14 35.28 25.99
CA ASN G 86 14.26 34.63 26.69
C ASN G 86 15.16 33.81 25.75
N GLN G 87 15.63 34.52 24.72
CA GLN G 87 16.47 33.90 23.72
C GLN G 87 17.92 34.33 23.85
N SER G 88 18.79 33.76 23.02
CA SER G 88 20.22 34.08 23.06
C SER G 88 20.63 34.78 21.76
N ALA G 89 21.47 35.81 21.88
CA ALA G 89 22.11 36.52 20.72
C ALA G 89 23.13 35.64 20.03
N GLY G 90 23.38 34.46 20.59
CA GLY G 90 24.18 33.43 19.96
C GLY G 90 23.56 32.75 18.76
N GLY G 91 22.23 32.85 18.60
CA GLY G 91 21.57 32.39 17.41
C GLY G 91 21.06 33.58 16.62
N SER G 92 20.84 33.33 15.34
CA SER G 92 20.22 34.34 14.50
C SER G 92 18.68 34.41 14.64
N HIS G 93 18.14 35.64 14.62
CA HIS G 93 16.73 35.88 14.77
C HIS G 93 16.26 36.79 13.64
N THR G 94 14.98 36.68 13.29
CA THR G 94 14.39 37.37 12.17
C THR G 94 13.16 38.20 12.54
N LEU G 95 13.22 39.46 12.18
CA LEU G 95 12.09 40.32 12.25
C LEU G 95 11.71 40.85 10.85
N GLN G 96 10.42 40.76 10.54
CA GLN G 96 9.89 41.16 9.22
C GLN G 96 8.75 42.10 9.39
N GLN G 97 8.63 43.01 8.44
CA GLN G 97 7.55 43.94 8.41
C GLN G 97 6.95 44.06 6.96
N MET G 98 5.62 44.20 6.88
CA MET G 98 4.90 44.63 5.67
C MET G 98 4.06 45.87 6.00
N SER G 99 4.15 46.87 5.15
CA SER G 99 3.42 48.14 5.31
C SER G 99 2.99 48.63 3.92
N GLY G 100 1.89 49.37 3.85
CA GLY G 100 1.47 49.91 2.54
C GLY G 100 -0.05 50.06 2.47
N CYS G 101 -0.55 50.25 1.27
CA CYS G 101 -1.93 50.63 1.09
C CYS G 101 -2.44 49.97 -0.17
N ASP G 102 -3.75 49.72 -0.17
CA ASP G 102 -4.48 49.29 -1.38
C ASP G 102 -5.34 50.45 -1.89
N LEU G 103 -5.41 50.60 -3.22
CA LEU G 103 -6.33 51.61 -3.85
C LEU G 103 -7.27 50.95 -4.85
N GLY G 104 -8.42 51.58 -5.07
CA GLY G 104 -9.36 51.11 -6.08
C GLY G 104 -8.92 51.56 -7.43
N SER G 105 -9.71 51.16 -8.43
CA SER G 105 -9.47 51.58 -9.82
C SER G 105 -9.58 53.10 -10.03
N ASP G 106 -10.34 53.81 -9.17
CA ASP G 106 -10.33 55.29 -9.20
C ASP G 106 -9.18 55.91 -8.36
N TRP G 107 -8.36 55.05 -7.74
CA TRP G 107 -7.12 55.40 -7.05
C TRP G 107 -7.38 55.91 -5.63
N ARG G 108 -8.59 55.75 -5.11
CA ARG G 108 -8.85 56.15 -3.75
C ARG G 108 -8.47 55.03 -2.77
N LEU G 109 -8.10 55.39 -1.54
CA LEU G 109 -7.72 54.42 -0.49
C LEU G 109 -8.82 53.39 -0.18
N LEU G 110 -8.45 52.12 -0.27
CA LEU G 110 -9.29 51.01 0.11
C LEU G 110 -8.93 50.53 1.52
N ARG G 111 -7.63 50.43 1.79
CA ARG G 111 -7.12 49.67 2.97
C ARG G 111 -5.64 50.00 3.26
N GLY G 112 -5.29 50.27 4.51
CA GLY G 112 -3.88 50.40 4.94
C GLY G 112 -3.43 49.15 5.69
N TYR G 113 -2.13 48.83 5.57
CA TYR G 113 -1.54 47.65 6.24
C TYR G 113 -0.26 48.03 7.01
N LEU G 114 -0.12 47.47 8.22
CA LEU G 114 1.12 47.50 8.97
C LEU G 114 1.21 46.20 9.81
N GLN G 115 2.08 45.26 9.41
CA GLN G 115 2.17 43.90 10.00
C GLN G 115 3.62 43.56 10.33
N PHE G 116 3.83 42.95 11.50
CA PHE G 116 5.17 42.50 11.94
C PHE G 116 5.17 40.98 12.19
N ALA G 117 6.24 40.30 11.79
CA ALA G 117 6.44 38.89 12.17
C ALA G 117 7.74 38.74 12.85
N TYR G 118 7.80 37.80 13.81
CA TYR G 118 9.06 37.48 14.42
C TYR G 118 9.31 35.95 14.25
N GLU G 119 10.51 35.55 13.82
CA GLU G 119 10.86 34.12 13.53
C GLU G 119 9.87 33.46 12.54
N GLY G 120 9.48 34.21 11.49
CA GLY G 120 8.48 33.79 10.48
C GLY G 120 7.05 33.61 10.94
N ARG G 121 6.69 34.19 12.08
CA ARG G 121 5.34 34.05 12.61
C ARG G 121 4.77 35.42 12.95
N ASP G 122 3.48 35.63 12.68
CA ASP G 122 2.79 36.89 13.04
C ASP G 122 3.13 37.26 14.48
N TYR G 123 3.44 38.53 14.70
CA TYR G 123 3.76 39.06 16.00
C TYR G 123 2.69 40.12 16.39
N ILE G 124 2.56 41.18 15.58
CA ILE G 124 1.59 42.24 15.82
C ILE G 124 1.20 42.84 14.48
N ALA G 125 -0.11 43.13 14.36
CA ALA G 125 -0.66 43.79 13.19
C ALA G 125 -1.60 44.96 13.57
N LEU G 126 -1.58 46.03 12.77
CA LEU G 126 -2.52 47.12 12.89
C LEU G 126 -3.81 46.65 12.19
N ASN G 127 -4.95 46.81 12.89
CA ASN G 127 -6.28 46.50 12.33
C ASN G 127 -6.69 47.45 11.19
N GLU G 128 -7.68 47.01 10.42
CA GLU G 128 -8.16 47.76 9.23
C GLU G 128 -8.57 49.22 9.55
N ASP G 129 -8.96 49.44 10.79
CA ASP G 129 -9.36 50.74 11.30
C ASP G 129 -8.23 51.70 11.53
N LEU G 130 -6.99 51.18 11.55
CA LEU G 130 -5.76 51.97 11.70
C LEU G 130 -5.70 52.63 13.06
N LYS G 131 -6.31 51.98 14.05
CA LYS G 131 -6.41 52.54 15.38
C LYS G 131 -6.09 51.49 16.44
N THR G 132 -6.41 50.25 16.15
CA THR G 132 -6.17 49.20 17.15
C THR G 132 -5.26 48.11 16.58
N TRP G 133 -4.68 47.33 17.48
CA TRP G 133 -3.64 46.34 17.20
C TRP G 133 -4.14 44.95 17.54
N THR G 134 -3.78 43.96 16.74
CA THR G 134 -3.94 42.55 17.12
C THR G 134 -2.57 41.93 17.39
N ALA G 135 -2.36 41.54 18.63
CA ALA G 135 -1.20 40.75 19.08
C ALA G 135 -1.42 39.23 18.98
N ALA G 136 -0.41 38.54 18.44
CA ALA G 136 -0.49 37.13 18.13
C ALA G 136 -0.25 36.23 19.32
N ASP G 137 0.47 36.74 20.32
CA ASP G 137 0.75 35.90 21.48
C ASP G 137 1.00 36.78 22.69
N MET G 138 1.39 36.15 23.81
CA MET G 138 1.54 36.84 25.12
C MET G 138 2.72 37.85 25.11
N ALA G 139 3.82 37.54 24.40
CA ALA G 139 4.92 38.52 24.32
C ALA G 139 4.52 39.71 23.49
N ALA G 140 3.82 39.46 22.38
CA ALA G 140 3.27 40.50 21.51
C ALA G 140 2.32 41.49 22.22
N GLN G 141 1.55 40.96 23.15
CA GLN G 141 0.72 41.78 24.02
C GLN G 141 1.50 42.85 24.84
N ILE G 142 2.73 42.54 25.28
CA ILE G 142 3.60 43.55 25.93
C ILE G 142 3.71 44.75 24.97
N THR G 143 3.93 44.48 23.68
CA THR G 143 4.06 45.55 22.69
C THR G 143 2.76 46.28 22.47
N ARG G 144 1.69 45.50 22.33
CA ARG G 144 0.37 46.07 22.09
C ARG G 144 0.00 47.03 23.22
N ARG G 145 0.18 46.63 24.45
CA ARG G 145 -0.08 47.49 25.60
C ARG G 145 0.69 48.79 25.58
N LYS G 146 2.00 48.67 25.34
CA LYS G 146 2.94 49.80 25.17
C LYS G 146 2.52 50.73 24.02
N TRP G 147 2.12 50.17 22.86
CA TRP G 147 1.73 51.00 21.76
C TRP G 147 0.33 51.68 21.88
N GLU G 148 -0.61 51.04 22.55
CA GLU G 148 -1.93 51.61 22.83
C GLU G 148 -1.84 52.87 23.66
N GLN G 149 -1.08 52.76 24.75
CA GLN G 149 -0.71 53.85 25.65
C GLN G 149 0.12 55.00 25.12
N SER G 150 0.97 54.75 24.13
CA SER G 150 1.71 55.82 23.53
C SER G 150 1.00 56.35 22.28
N GLY G 151 -0.17 55.81 21.98
CA GLY G 151 -0.88 56.15 20.74
C GLY G 151 -0.09 56.00 19.45
N ALA G 152 0.64 54.90 19.33
CA ALA G 152 1.57 54.65 18.23
C ALA G 152 0.84 54.54 16.89
N ALA G 153 -0.39 54.10 16.94
CA ALA G 153 -1.19 53.88 15.71
C ALA G 153 -1.44 55.16 14.91
N GLU G 154 -1.54 56.28 15.62
CA GLU G 154 -1.80 57.58 14.99
C GLU G 154 -0.72 57.86 13.95
N HIS G 155 0.54 57.77 14.36
CA HIS G 155 1.72 57.90 13.48
C HIS G 155 1.57 56.99 12.23
N TYR G 156 1.17 55.74 12.39
CA TYR G 156 1.05 54.90 11.18
C TYR G 156 -0.20 55.22 10.31
N LYS G 157 -1.35 55.46 10.92
CA LYS G 157 -2.54 55.99 10.20
C LYS G 157 -2.21 57.18 9.32
N ALA G 158 -1.52 58.16 9.88
CA ALA G 158 -1.07 59.32 9.10
C ALA G 158 -0.29 58.92 7.83
N TYR G 159 0.75 58.08 8.00
CA TYR G 159 1.50 57.58 6.83
C TYR G 159 0.61 56.81 5.81
N LEU G 160 -0.22 55.92 6.32
CA LEU G 160 -0.94 55.00 5.44
C LEU G 160 -2.00 55.72 4.58
N GLU G 161 -2.71 56.68 5.19
CA GLU G 161 -3.70 57.51 4.47
C GLU G 161 -3.10 58.69 3.76
N GLY G 162 -1.85 59.02 4.08
CA GLY G 162 -1.24 60.24 3.57
C GLY G 162 -0.19 60.00 2.51
N GLU G 163 1.07 60.03 2.91
CA GLU G 163 2.19 59.66 2.05
C GLU G 163 2.03 58.34 1.31
N CYS G 164 1.50 57.27 1.95
CA CYS G 164 1.39 56.01 1.19
C CYS G 164 0.58 56.23 -0.12
N VAL G 165 -0.57 56.88 0.04
CA VAL G 165 -1.52 57.11 -1.06
C VAL G 165 -0.95 58.13 -2.02
N GLU G 166 -0.52 59.25 -1.50
CA GLU G 166 -0.05 60.31 -2.34
C GLU G 166 1.17 59.91 -3.17
N TRP G 167 2.09 59.16 -2.57
CA TRP G 167 3.27 58.71 -3.32
C TRP G 167 2.95 57.58 -4.28
N LEU G 168 2.10 56.65 -3.88
CA LEU G 168 1.59 55.68 -4.86
C LEU G 168 0.95 56.38 -6.12
N HIS G 169 0.05 57.36 -5.94
CA HIS G 169 -0.49 58.19 -7.05
C HIS G 169 0.64 58.64 -8.01
N ARG G 170 1.73 59.23 -7.49
CA ARG G 170 2.92 59.55 -8.29
C ARG G 170 3.59 58.37 -9.03
N TYR G 171 3.73 57.23 -8.33
CA TYR G 171 4.39 56.08 -8.93
C TYR G 171 3.52 55.50 -10.03
N LEU G 172 2.22 55.38 -9.79
CA LEU G 172 1.29 54.92 -10.83
C LEU G 172 1.34 55.77 -12.10
N LYS G 173 1.53 57.07 -11.94
CA LYS G 173 1.60 57.96 -13.06
C LYS G 173 2.96 57.84 -13.78
N ASN G 174 4.06 57.72 -13.02
CA ASN G 174 5.39 57.59 -13.63
C ASN G 174 5.64 56.24 -14.24
N GLY G 175 4.90 55.24 -13.80
CA GLY G 175 5.07 53.89 -14.26
C GLY G 175 3.97 53.53 -15.21
N ASN G 176 3.15 54.53 -15.56
CA ASN G 176 1.96 54.44 -16.44
C ASN G 176 1.89 53.26 -17.40
N ALA G 177 2.76 53.28 -18.41
CA ALA G 177 2.83 52.22 -19.42
C ALA G 177 3.28 50.85 -18.88
N THR G 178 4.33 50.85 -18.05
CA THR G 178 4.90 49.61 -17.51
C THR G 178 3.85 48.76 -16.77
N LEU G 179 3.08 49.41 -15.91
CA LEU G 179 2.18 48.71 -14.99
C LEU G 179 0.93 48.12 -15.63
N LEU G 180 0.49 48.69 -16.75
CA LEU G 180 -0.73 48.27 -17.45
C LEU G 180 -0.50 47.03 -18.32
N ARG G 181 0.69 46.45 -18.26
CA ARG G 181 1.09 45.47 -19.23
C ARG G 181 0.81 44.04 -18.75
N THR G 182 0.36 43.24 -19.70
CA THR G 182 0.17 41.81 -19.54
C THR G 182 0.99 41.14 -20.63
N ASP G 183 1.34 39.87 -20.43
CA ASP G 183 1.89 39.05 -21.49
C ASP G 183 1.03 37.82 -21.47
N SER G 184 0.66 37.33 -22.65
CA SER G 184 -0.25 36.26 -22.78
C SER G 184 0.54 34.96 -22.72
N PRO G 185 -0.05 33.90 -22.15
CA PRO G 185 0.55 32.56 -22.18
C PRO G 185 0.56 31.94 -23.56
N LYS G 186 1.65 31.26 -23.89
CA LYS G 186 1.60 30.36 -25.03
C LYS G 186 1.55 28.97 -24.46
N ALA G 187 0.54 28.21 -24.89
CA ALA G 187 0.34 26.84 -24.46
C ALA G 187 0.65 25.77 -25.53
N HIS G 188 0.92 24.56 -25.06
CA HIS G 188 1.15 23.41 -25.93
C HIS G 188 1.02 22.21 -25.03
N VAL G 189 0.70 21.07 -25.61
CA VAL G 189 0.47 19.83 -24.88
C VAL G 189 1.57 18.81 -25.29
N THR G 190 2.19 18.15 -24.29
CA THR G 190 3.21 17.12 -24.57
C THR G 190 2.67 15.79 -24.14
N HIS G 191 3.25 14.72 -24.69
CA HIS G 191 2.74 13.35 -24.61
C HIS G 191 3.85 12.46 -24.02
N HIS G 192 3.53 11.69 -22.97
CA HIS G 192 4.53 10.94 -22.23
C HIS G 192 3.99 9.57 -21.81
N PRO G 193 4.19 8.54 -22.68
CA PRO G 193 3.77 7.15 -22.40
C PRO G 193 4.30 6.60 -21.06
N LYS G 196 1.39 1.98 -18.36
CA LYS G 196 0.89 0.64 -18.70
C LYS G 196 0.29 0.69 -20.11
N GLY G 197 -1.01 0.93 -20.18
CA GLY G 197 -1.67 1.33 -21.42
C GLY G 197 -2.17 2.74 -21.23
N GLU G 198 -1.33 3.56 -20.60
CA GLU G 198 -1.65 4.95 -20.21
C GLU G 198 -0.61 5.96 -20.69
N VAL G 199 -1.07 7.20 -20.91
CA VAL G 199 -0.19 8.34 -21.20
C VAL G 199 -0.49 9.54 -20.27
N THR G 200 0.57 10.33 -20.00
CA THR G 200 0.41 11.65 -19.41
C THR G 200 0.27 12.70 -20.50
N LEU G 201 -0.79 13.50 -20.46
CA LEU G 201 -0.86 14.71 -21.30
C LEU G 201 -0.57 15.93 -20.39
N ARG G 202 0.33 16.81 -20.83
CA ARG G 202 0.79 17.88 -19.96
C ARG G 202 0.60 19.11 -20.75
N CYS G 203 -0.23 20.00 -20.19
CA CYS G 203 -0.56 21.29 -20.78
C CYS G 203 0.26 22.33 -20.13
N TRP G 204 1.10 22.93 -20.96
CA TRP G 204 2.16 23.85 -20.58
C TRP G 204 1.64 25.20 -20.93
N ALA G 205 1.79 26.18 -20.03
CA ALA G 205 1.55 27.60 -20.34
C ALA G 205 2.84 28.35 -20.03
N LEU G 206 3.35 29.14 -20.98
CA LEU G 206 4.66 29.79 -20.84
C LEU G 206 4.60 31.26 -21.20
N GLY G 207 5.49 32.05 -20.61
CA GLY G 207 5.62 33.45 -21.01
C GLY G 207 4.54 34.43 -20.56
N PHE G 208 3.75 34.08 -19.57
CA PHE G 208 2.66 34.99 -19.17
C PHE G 208 2.99 35.93 -17.98
N TYR G 209 2.30 37.07 -17.97
CA TYR G 209 2.37 38.04 -16.90
C TYR G 209 1.00 38.73 -16.78
N PRO G 210 0.45 38.88 -15.54
CA PRO G 210 0.97 38.46 -14.23
C PRO G 210 0.83 36.97 -14.03
N ALA G 211 1.12 36.53 -12.81
CA ALA G 211 1.24 35.11 -12.49
C ALA G 211 -0.09 34.38 -12.39
N ASP G 212 -1.16 35.14 -12.19
CA ASP G 212 -2.50 34.57 -12.01
C ASP G 212 -2.97 33.93 -13.31
N ILE G 213 -3.26 32.64 -13.28
CA ILE G 213 -3.67 31.89 -14.46
C ILE G 213 -4.49 30.68 -13.99
N THR G 214 -5.36 30.14 -14.85
CA THR G 214 -6.03 28.83 -14.63
C THR G 214 -5.81 27.92 -15.83
N LEU G 215 -5.34 26.70 -15.57
CA LEU G 215 -5.26 25.65 -16.58
C LEU G 215 -6.23 24.61 -16.10
N THR G 216 -7.15 24.19 -16.98
CA THR G 216 -8.09 23.08 -16.65
C THR G 216 -8.05 22.08 -17.77
N TRP G 217 -8.03 20.79 -17.44
CA TRP G 217 -8.26 19.71 -18.42
C TRP G 217 -9.73 19.28 -18.40
N GLN G 218 -10.34 19.06 -19.57
CA GLN G 218 -11.68 18.42 -19.61
C GLN G 218 -11.72 17.10 -20.38
N ASP G 227 -8.44 13.13 -11.32
CA ASP G 227 -8.06 14.50 -10.95
C ASP G 227 -6.61 14.89 -11.35
N MET G 228 -6.43 16.18 -11.58
CA MET G 228 -5.33 16.70 -12.42
C MET G 228 -4.10 17.15 -11.64
N GLU G 229 -2.91 16.83 -12.16
CA GLU G 229 -1.65 17.28 -11.51
C GLU G 229 -1.13 18.65 -11.99
N LEU G 230 -0.54 19.41 -11.08
CA LEU G 230 -0.32 20.84 -11.26
C LEU G 230 1.00 21.24 -10.58
N VAL G 231 1.88 21.96 -11.28
CA VAL G 231 2.98 22.63 -10.55
C VAL G 231 2.62 24.02 -10.10
N GLU G 232 3.21 24.43 -8.98
CA GLU G 232 3.12 25.85 -8.56
C GLU G 232 3.61 26.75 -9.67
N THR G 233 2.91 27.85 -9.88
CA THR G 233 3.33 28.84 -10.86
C THR G 233 4.80 29.31 -10.51
N ARG G 234 5.65 29.51 -11.54
CA ARG G 234 7.09 29.69 -11.31
C ARG G 234 7.64 30.72 -12.31
N PRO G 235 8.59 31.58 -11.86
CA PRO G 235 9.24 32.59 -12.71
C PRO G 235 10.20 31.98 -13.77
N ALA G 236 10.09 32.43 -15.03
CA ALA G 236 10.99 31.99 -16.09
C ALA G 236 12.38 32.65 -15.86
N GLY G 237 12.37 33.79 -15.17
CA GLY G 237 13.58 34.58 -14.88
C GLY G 237 13.66 35.87 -15.68
N ASP G 238 12.80 35.99 -16.68
CA ASP G 238 12.77 37.16 -17.55
C ASP G 238 11.60 38.07 -17.23
N GLY G 239 10.93 37.85 -16.09
CA GLY G 239 9.80 38.69 -15.72
C GLY G 239 8.44 38.08 -16.05
N THR G 240 8.47 36.96 -16.75
CA THR G 240 7.27 36.21 -17.08
C THR G 240 7.21 34.89 -16.26
N PHE G 241 6.09 34.20 -16.34
CA PHE G 241 5.81 32.96 -15.57
C PHE G 241 5.49 31.70 -16.38
N GLN G 242 5.50 30.53 -15.71
CA GLN G 242 5.17 29.28 -16.31
C GLN G 242 4.31 28.53 -15.36
N LYS G 243 3.49 27.68 -15.95
CA LYS G 243 2.74 26.66 -15.21
C LYS G 243 2.43 25.46 -16.10
N TRP G 244 2.20 24.29 -15.53
CA TRP G 244 1.65 23.19 -16.29
C TRP G 244 0.65 22.41 -15.46
N ALA G 245 -0.31 21.81 -16.16
CA ALA G 245 -1.25 20.90 -15.57
C ALA G 245 -1.23 19.58 -16.38
N SER G 246 -1.13 18.44 -15.70
CA SER G 246 -1.19 17.18 -16.43
C SER G 246 -2.38 16.27 -16.07
N VAL G 247 -2.73 15.39 -17.01
CA VAL G 247 -3.62 14.23 -16.76
C VAL G 247 -3.02 12.86 -17.23
N VAL G 248 -3.24 11.81 -16.43
CA VAL G 248 -2.91 10.42 -16.86
C VAL G 248 -4.14 9.78 -17.53
N VAL G 249 -4.05 9.53 -18.85
CA VAL G 249 -5.20 9.05 -19.65
C VAL G 249 -4.93 7.68 -20.34
N PRO G 250 -6.01 6.98 -20.80
CA PRO G 250 -5.78 5.79 -21.64
C PRO G 250 -5.09 6.09 -23.00
N LEU G 251 -4.13 5.23 -23.34
CA LEU G 251 -3.46 5.26 -24.64
C LEU G 251 -4.51 4.86 -25.72
N GLY G 252 -4.63 5.66 -26.78
CA GLY G 252 -5.75 5.59 -27.72
C GLY G 252 -7.05 6.28 -27.30
N LYS G 253 -7.02 7.05 -26.21
CA LYS G 253 -8.16 7.90 -25.81
C LYS G 253 -7.77 9.39 -25.64
N GLU G 254 -6.56 9.74 -26.07
CA GLU G 254 -6.00 11.09 -25.97
C GLU G 254 -6.89 12.20 -26.51
N GLN G 255 -7.82 11.83 -27.41
CA GLN G 255 -8.60 12.81 -28.18
C GLN G 255 -9.89 13.33 -27.50
N ASN G 256 -10.36 12.61 -26.47
CA ASN G 256 -11.45 13.06 -25.61
C ASN G 256 -10.95 14.03 -24.53
N TYR G 257 -9.78 14.65 -24.75
CA TYR G 257 -9.16 15.54 -23.74
C TYR G 257 -8.75 16.87 -24.29
N THR G 258 -9.25 17.91 -23.63
CA THR G 258 -9.04 19.28 -24.03
C THR G 258 -8.49 20.05 -22.83
N CYS G 259 -7.48 20.88 -23.08
CA CYS G 259 -6.93 21.71 -22.02
C CYS G 259 -7.42 23.10 -22.30
N ARG G 260 -7.82 23.83 -21.25
CA ARG G 260 -8.16 25.27 -21.39
C ARG G 260 -7.29 26.18 -20.50
N VAL G 261 -6.90 27.31 -21.09
CA VAL G 261 -6.05 28.30 -20.45
C VAL G 261 -6.79 29.63 -20.34
N TYR G 262 -6.92 30.12 -19.11
CA TYR G 262 -7.52 31.42 -18.83
C TYR G 262 -6.55 32.34 -18.17
N HIS G 263 -6.42 33.54 -18.75
CA HIS G 263 -5.48 34.52 -18.26
C HIS G 263 -5.98 35.86 -18.80
N GLU G 264 -5.95 36.88 -17.96
CA GLU G 264 -6.39 38.23 -18.35
C GLU G 264 -5.65 38.87 -19.54
N GLY G 265 -4.52 38.31 -19.95
CA GLY G 265 -3.78 38.85 -21.11
C GLY G 265 -4.20 38.24 -22.45
N LEU G 266 -4.93 37.13 -22.40
CA LEU G 266 -5.51 36.52 -23.59
C LEU G 266 -6.64 37.34 -24.24
N PRO G 267 -6.61 37.50 -25.60
CA PRO G 267 -7.79 38.08 -26.28
C PRO G 267 -9.02 37.17 -26.23
N GLU G 268 -8.81 35.87 -25.92
CA GLU G 268 -9.88 34.91 -25.54
C GLU G 268 -9.31 33.60 -25.01
N PRO G 269 -10.00 32.90 -24.07
CA PRO G 269 -9.44 31.69 -23.50
C PRO G 269 -8.90 30.69 -24.53
N LEU G 270 -7.80 30.01 -24.22
CA LEU G 270 -7.25 29.03 -25.17
C LEU G 270 -7.88 27.66 -24.99
N THR G 271 -7.96 26.93 -26.09
CA THR G 271 -8.43 25.54 -26.10
C THR G 271 -7.39 24.73 -26.88
N LEU G 272 -6.91 23.64 -26.27
CA LEU G 272 -5.77 22.89 -26.82
C LEU G 272 -6.00 21.40 -26.72
N ARG G 273 -5.38 20.67 -27.66
CA ARG G 273 -5.41 19.20 -27.64
C ARG G 273 -4.01 18.65 -27.91
N TRP G 274 -3.80 17.37 -27.62
CA TRP G 274 -2.61 16.66 -28.10
C TRP G 274 -2.52 16.53 -29.66
N ILE H 2 9.23 28.55 13.09
CA ILE H 2 10.72 28.70 13.20
C ILE H 2 11.51 27.76 12.27
N GLN H 3 10.93 26.64 11.81
CA GLN H 3 11.56 25.90 10.70
C GLN H 3 10.59 25.52 9.57
N LYS H 4 10.77 26.14 8.41
CA LYS H 4 9.91 25.80 7.25
C LYS H 4 10.79 25.19 6.16
N THR H 5 10.37 24.03 5.66
CA THR H 5 11.12 23.23 4.61
C THR H 5 11.01 23.80 3.17
N PRO H 6 12.16 24.10 2.51
CA PRO H 6 12.05 24.66 1.15
C PRO H 6 11.36 23.72 0.14
N GLN H 7 10.51 24.32 -0.69
CA GLN H 7 10.04 23.66 -1.91
C GLN H 7 10.98 24.04 -3.04
N ILE H 8 11.34 23.08 -3.92
CA ILE H 8 12.31 23.26 -5.02
C ILE H 8 11.70 22.89 -6.37
N GLN H 9 11.81 23.74 -7.37
CA GLN H 9 11.57 23.30 -8.74
C GLN H 9 12.83 23.61 -9.55
N VAL H 10 13.15 22.73 -10.46
CA VAL H 10 14.25 22.85 -11.43
C VAL H 10 13.66 22.70 -12.82
N TYR H 11 13.90 23.68 -13.69
CA TYR H 11 13.27 23.75 -15.00
C TYR H 11 14.03 24.82 -15.81
N SER H 12 13.87 24.78 -17.13
CA SER H 12 14.50 25.78 -18.01
C SER H 12 13.63 26.98 -18.29
N ARG H 13 14.26 28.12 -18.59
CA ARG H 13 13.55 29.31 -18.98
C ARG H 13 12.70 29.02 -20.23
N HIS H 14 13.28 28.35 -21.24
CA HIS H 14 12.60 28.08 -22.53
C HIS H 14 12.51 26.63 -22.78
N PRO H 15 11.59 26.23 -23.68
CA PRO H 15 11.50 24.81 -23.98
C PRO H 15 12.84 24.29 -24.55
N PRO H 16 13.37 23.23 -23.93
CA PRO H 16 14.75 22.80 -24.20
C PRO H 16 14.93 22.12 -25.57
N GLU H 17 15.97 22.57 -26.26
CA GLU H 17 16.46 21.98 -27.53
C GLU H 17 17.96 21.67 -27.32
N ASN H 18 18.38 20.44 -27.58
CA ASN H 18 19.81 20.10 -27.60
C ASN H 18 20.63 21.05 -28.48
N GLY H 19 21.70 21.60 -27.96
CA GLY H 19 22.49 22.52 -28.76
C GLY H 19 22.22 24.01 -28.60
N LYS H 20 20.96 24.36 -28.31
CA LYS H 20 20.52 25.78 -28.11
C LYS H 20 20.82 26.30 -26.70
N PRO H 21 21.55 27.42 -26.57
CA PRO H 21 21.74 28.05 -25.26
C PRO H 21 20.43 28.49 -24.53
N ASN H 22 20.25 27.98 -23.31
CA ASN H 22 19.02 28.12 -22.52
C ASN H 22 19.43 28.63 -21.15
N ILE H 23 18.48 28.64 -20.22
CA ILE H 23 18.80 29.00 -18.85
C ILE H 23 18.17 27.99 -17.92
N LEU H 24 18.98 27.52 -16.98
CA LEU H 24 18.48 26.56 -16.00
C LEU H 24 18.13 27.29 -14.71
N ASN H 25 16.91 27.10 -14.25
CA ASN H 25 16.43 27.78 -13.05
C ASN H 25 16.28 26.82 -11.87
N CYS H 26 16.60 27.28 -10.66
CA CYS H 26 16.25 26.49 -9.46
C CYS H 26 15.50 27.47 -8.55
N TYR H 27 14.20 27.23 -8.40
CA TYR H 27 13.31 28.11 -7.69
C TYR H 27 12.97 27.48 -6.36
N VAL H 28 13.35 28.18 -5.26
CA VAL H 28 13.30 27.57 -3.90
C VAL H 28 12.41 28.48 -3.08
N THR H 29 11.35 27.93 -2.50
CA THR H 29 10.37 28.79 -1.89
C THR H 29 9.94 28.20 -0.56
N GLN H 30 9.08 28.95 0.14
CA GLN H 30 8.44 28.54 1.35
C GLN H 30 9.37 28.22 2.52
N PHE H 31 10.51 28.87 2.63
CA PHE H 31 11.48 28.43 3.65
C PHE H 31 11.70 29.47 4.73
N HIS H 32 12.17 29.02 5.89
CA HIS H 32 12.43 29.92 7.04
C HIS H 32 13.29 29.11 8.01
N PRO H 33 14.42 29.66 8.48
CA PRO H 33 14.91 31.00 8.33
C PRO H 33 15.55 31.32 6.94
N PRO H 34 15.87 32.60 6.69
CA PRO H 34 16.27 32.98 5.31
C PRO H 34 17.62 32.45 4.83
N HIS H 35 18.53 32.17 5.74
CA HIS H 35 19.78 31.55 5.42
C HIS H 35 19.62 30.20 4.70
N ILE H 36 20.28 30.08 3.58
CA ILE H 36 20.12 28.86 2.76
C ILE H 36 21.27 28.75 1.84
N GLU H 37 21.63 27.52 1.47
CA GLU H 37 22.69 27.28 0.49
C GLU H 37 22.17 26.50 -0.69
N ILE H 38 22.26 27.10 -1.88
CA ILE H 38 21.74 26.53 -3.14
C ILE H 38 22.91 26.30 -4.13
N GLN H 39 23.09 25.05 -4.57
CA GLN H 39 24.06 24.72 -5.58
C GLN H 39 23.35 24.14 -6.78
N MET H 40 23.83 24.52 -7.95
CA MET H 40 23.41 23.88 -9.22
C MET H 40 24.53 22.97 -9.73
N LEU H 41 24.18 21.81 -10.25
CA LEU H 41 25.17 20.78 -10.56
C LEU H 41 25.02 20.30 -12.00
N LYS H 42 26.15 20.18 -12.69
CA LYS H 42 26.19 19.55 -14.01
C LYS H 42 26.98 18.26 -13.85
N ASN H 43 26.36 17.11 -14.11
CA ASN H 43 27.01 15.79 -13.94
C ASN H 43 27.62 15.53 -12.55
N GLY H 44 26.97 16.03 -11.51
CA GLY H 44 27.42 15.80 -10.18
C GLY H 44 28.40 16.89 -9.77
N LYS H 45 28.80 17.75 -10.70
CA LYS H 45 29.82 18.75 -10.34
C LYS H 45 29.23 20.15 -10.31
N LYS H 46 29.59 20.91 -9.27
CA LYS H 46 29.16 22.30 -9.12
C LYS H 46 29.50 23.23 -10.30
N ILE H 47 28.49 23.94 -10.78
CA ILE H 47 28.62 24.99 -11.77
C ILE H 47 29.15 26.24 -11.04
N PRO H 48 30.28 26.82 -11.52
CA PRO H 48 30.91 27.89 -10.72
C PRO H 48 30.15 29.24 -10.77
N LYS H 49 29.47 29.57 -11.86
CA LYS H 49 28.79 30.86 -11.92
C LYS H 49 27.26 30.67 -11.89
N VAL H 50 26.71 30.77 -10.69
CA VAL H 50 25.27 30.63 -10.52
C VAL H 50 24.74 31.95 -9.97
N GLU H 51 23.92 32.61 -10.77
CA GLU H 51 23.24 33.83 -10.36
C GLU H 51 22.11 33.49 -9.39
N MET H 52 21.85 34.44 -8.50
CA MET H 52 20.88 34.27 -7.45
C MET H 52 20.08 35.55 -7.40
N SER H 53 18.77 35.46 -7.44
CA SER H 53 17.98 36.62 -7.19
C SER H 53 18.22 37.11 -5.75
N ASP H 54 17.96 38.38 -5.54
CA ASP H 54 18.03 39.02 -4.22
C ASP H 54 16.96 38.50 -3.26
N MET H 55 17.30 38.40 -1.97
CA MET H 55 16.37 38.03 -0.90
C MET H 55 15.00 38.74 -0.96
N SER H 56 13.94 37.94 -0.94
CA SER H 56 12.57 38.38 -0.99
C SER H 56 11.71 37.46 -0.16
N PHE H 57 10.59 37.94 0.32
CA PHE H 57 9.69 37.08 1.00
C PHE H 57 8.27 37.22 0.55
N SER H 58 7.44 36.26 0.90
CA SER H 58 6.06 36.29 0.46
C SER H 58 5.09 36.78 1.52
N LYS H 59 3.83 36.89 1.13
CA LYS H 59 2.73 37.32 2.02
C LYS H 59 2.59 36.47 3.31
N ASP H 60 2.93 35.19 3.23
CA ASP H 60 2.94 34.34 4.42
C ASP H 60 4.22 34.43 5.29
N TRP H 61 5.07 35.40 4.98
CA TRP H 61 6.38 35.66 5.58
C TRP H 61 7.57 34.79 5.08
N SER H 62 7.28 33.72 4.30
CA SER H 62 8.33 32.72 3.96
C SER H 62 9.22 33.28 2.85
N PHE H 63 10.45 32.83 2.79
CA PHE H 63 11.38 33.39 1.86
C PHE H 63 11.43 32.54 0.57
N TYR H 64 11.97 33.11 -0.50
CA TYR H 64 12.16 32.41 -1.76
C TYR H 64 13.35 33.05 -2.51
N ILE H 65 13.93 32.28 -3.43
CA ILE H 65 15.06 32.70 -4.22
C ILE H 65 15.00 31.93 -5.51
N LEU H 66 15.36 32.61 -6.59
CA LEU H 66 15.57 31.95 -7.88
C LEU H 66 17.05 31.96 -8.18
N ALA H 67 17.63 30.76 -8.33
CA ALA H 67 18.99 30.58 -8.75
C ALA H 67 18.92 30.18 -10.23
N HIS H 68 19.84 30.73 -11.03
CA HIS H 68 19.88 30.39 -12.46
C HIS H 68 21.30 30.45 -13.06
N THR H 69 21.44 29.77 -14.21
CA THR H 69 22.72 29.54 -14.82
C THR H 69 22.57 29.30 -16.31
N GLU H 70 23.45 29.91 -17.10
CA GLU H 70 23.55 29.60 -18.54
C GLU H 70 23.76 28.13 -18.66
N PHE H 71 23.03 27.50 -19.57
CA PHE H 71 23.32 26.15 -19.98
C PHE H 71 22.89 25.87 -21.39
N THR H 72 23.52 24.90 -22.02
CA THR H 72 23.03 24.36 -23.29
C THR H 72 22.75 22.91 -22.96
N PRO H 73 21.46 22.53 -22.92
CA PRO H 73 21.13 21.13 -22.73
C PRO H 73 21.78 20.25 -23.81
N THR H 74 22.19 19.06 -23.43
CA THR H 74 22.68 18.10 -24.41
C THR H 74 21.92 16.81 -24.12
N GLU H 75 22.22 15.73 -24.82
CA GLU H 75 21.45 14.50 -24.69
C GLU H 75 21.79 13.73 -23.41
N THR H 76 23.02 13.90 -22.97
CA THR H 76 23.53 13.04 -21.90
C THR H 76 23.83 13.76 -20.57
N ASP H 77 24.18 15.05 -20.63
CA ASP H 77 24.36 15.87 -19.42
C ASP H 77 23.12 15.90 -18.47
N THR H 78 23.32 15.44 -17.22
CA THR H 78 22.35 15.59 -16.11
C THR H 78 22.57 16.94 -15.45
N TYR H 79 21.47 17.54 -15.00
CA TYR H 79 21.56 18.81 -14.29
C TYR H 79 20.76 18.64 -13.00
N ALA H 80 21.22 19.25 -11.90
CA ALA H 80 20.50 19.19 -10.61
C ALA H 80 20.68 20.49 -9.82
N CYS H 81 19.93 20.66 -8.75
CA CYS H 81 20.07 21.80 -7.85
C CYS H 81 20.03 21.15 -6.49
N ARG H 82 21.01 21.50 -5.66
CA ARG H 82 21.14 20.88 -4.34
C ARG H 82 21.02 21.98 -3.28
N VAL H 83 20.12 21.75 -2.32
CA VAL H 83 19.71 22.75 -1.32
C VAL H 83 19.99 22.29 0.13
N LYS H 84 20.79 23.08 0.86
CA LYS H 84 21.05 22.87 2.26
C LYS H 84 20.29 23.94 3.09
N HIS H 85 19.45 23.50 4.01
CA HIS H 85 18.74 24.46 4.86
C HIS H 85 18.60 23.88 6.25
N ASP H 86 18.51 24.71 7.29
CA ASP H 86 18.47 24.24 8.70
C ASP H 86 17.33 23.30 8.97
N SER H 87 16.25 23.48 8.21
CA SER H 87 15.03 22.70 8.32
C SER H 87 15.20 21.20 7.92
N MET H 88 16.27 20.90 7.18
CA MET H 88 16.43 19.55 6.61
C MET H 88 17.58 18.76 7.19
N ALA H 89 17.37 17.49 7.50
CA ALA H 89 18.45 16.65 8.03
C ALA H 89 19.66 16.58 7.06
N GLU H 90 19.37 16.36 5.79
CA GLU H 90 20.42 16.23 4.75
C GLU H 90 20.11 17.18 3.60
N PRO H 91 21.11 17.49 2.75
CA PRO H 91 20.82 18.30 1.57
C PRO H 91 19.81 17.64 0.66
N LYS H 92 18.95 18.45 0.09
CA LYS H 92 17.98 17.95 -0.87
C LYS H 92 18.40 18.30 -2.31
N THR H 93 18.54 17.26 -3.13
CA THR H 93 18.88 17.40 -4.54
C THR H 93 17.72 17.10 -5.42
N VAL H 94 17.41 18.04 -6.30
CA VAL H 94 16.34 17.79 -7.25
C VAL H 94 17.02 17.84 -8.61
N TYR H 95 16.77 16.78 -9.40
CA TYR H 95 17.27 16.66 -10.78
C TYR H 95 16.38 17.30 -11.86
N TRP H 96 17.01 17.97 -12.80
CA TRP H 96 16.28 18.49 -13.95
C TRP H 96 15.66 17.38 -14.81
N ASP H 97 14.39 17.59 -15.11
CA ASP H 97 13.63 16.71 -15.98
C ASP H 97 13.06 17.60 -17.05
N ARG H 98 13.50 17.36 -18.28
CA ARG H 98 13.09 18.12 -19.49
C ARG H 98 11.59 18.18 -19.59
N ASP H 99 10.90 17.15 -19.13
CA ASP H 99 9.46 17.03 -19.31
C ASP H 99 8.62 17.68 -18.19
N MET H 100 9.29 18.35 -17.26
CA MET H 100 8.62 19.01 -16.11
C MET H 100 9.08 20.48 -15.86
N SER I 2 -29.37 -16.23 5.07
CA SER I 2 -28.83 -16.53 3.75
C SER I 2 -29.47 -15.58 2.76
N LEU I 3 -29.12 -15.73 1.49
CA LEU I 3 -29.60 -14.81 0.47
C LEU I 3 -30.30 -15.56 -0.64
N TRP I 4 -31.17 -14.88 -1.36
CA TRP I 4 -31.67 -15.30 -2.68
C TRP I 4 -30.79 -14.68 -3.70
N ASN I 5 -30.24 -15.44 -4.69
CA ASN I 5 -29.49 -14.87 -5.82
C ASN I 5 -30.45 -14.22 -6.82
N GLY I 6 -29.99 -13.24 -7.59
CA GLY I 6 -30.82 -12.65 -8.67
C GLY I 6 -30.71 -13.34 -10.02
N PRO I 7 -30.21 -12.60 -11.08
CA PRO I 7 -30.04 -13.22 -12.38
C PRO I 7 -29.19 -14.51 -12.28
N HIS I 8 -29.48 -15.48 -13.14
CA HIS I 8 -28.67 -16.66 -13.26
C HIS I 8 -27.32 -16.32 -13.92
N LEU I 9 -26.35 -17.22 -13.75
CA LEU I 9 -25.11 -17.14 -14.55
C LEU I 9 -25.41 -17.14 -16.03
N SER J 2 8.88 55.16 1.66
CA SER J 2 8.92 54.26 2.82
C SER J 2 8.53 55.03 4.11
N LEU J 3 8.62 54.36 5.23
CA LEU J 3 8.21 54.94 6.46
C LEU J 3 9.27 54.83 7.53
N TRP J 4 9.26 55.76 8.45
CA TRP J 4 9.95 55.63 9.75
C TRP J 4 8.99 54.98 10.75
N ASN J 5 9.38 53.87 11.37
CA ASN J 5 8.57 53.34 12.45
C ASN J 5 8.74 54.20 13.68
N GLY J 6 7.82 54.13 14.62
CA GLY J 6 7.98 54.96 15.79
C GLY J 6 8.50 54.23 16.99
N PRO J 7 7.59 53.98 17.98
CA PRO J 7 7.93 53.21 19.14
C PRO J 7 8.48 51.82 18.70
N HIS J 8 9.49 51.34 19.42
CA HIS J 8 10.09 50.04 19.22
C HIS J 8 9.13 48.94 19.73
N LEU J 9 9.33 47.69 19.28
CA LEU J 9 8.53 46.55 19.86
C LEU J 9 8.77 46.43 21.33
N SER K 2 9.82 -40.31 -37.87
CA SER K 2 8.69 -40.35 -36.91
C SER K 2 8.24 -41.79 -36.57
N LEU K 3 7.25 -41.90 -35.71
CA LEU K 3 6.74 -43.21 -35.36
C LEU K 3 5.26 -43.36 -35.67
N TRP K 4 4.86 -44.60 -35.76
CA TRP K 4 3.47 -45.06 -35.75
C TRP K 4 3.17 -45.43 -34.32
N ASN K 5 2.16 -44.83 -33.71
CA ASN K 5 1.71 -45.34 -32.43
C ASN K 5 1.00 -46.66 -32.61
N GLY K 6 0.92 -47.44 -31.58
CA GLY K 6 0.29 -48.74 -31.67
C GLY K 6 -1.12 -48.69 -31.09
N PRO K 7 -1.31 -49.34 -29.92
CA PRO K 7 -2.59 -49.30 -29.24
C PRO K 7 -3.05 -47.86 -28.97
N HIS K 8 -4.36 -47.65 -29.08
CA HIS K 8 -5.00 -46.39 -28.80
C HIS K 8 -5.07 -46.11 -27.31
N LEU K 9 -5.26 -44.84 -26.93
CA LEU K 9 -5.55 -44.49 -25.54
C LEU K 9 -6.81 -45.21 -25.08
N SER L 2 10.28 0.21 32.37
CA SER L 2 10.79 1.37 31.61
C SER L 2 12.17 1.02 31.15
N LEU L 3 12.81 1.97 30.47
CA LEU L 3 14.12 1.70 29.92
C LEU L 3 15.13 2.69 30.45
N TRP L 4 16.40 2.37 30.28
CA TRP L 4 17.47 3.36 30.43
C TRP L 4 17.86 3.76 29.02
N ASN L 5 17.91 5.07 28.71
CA ASN L 5 18.45 5.52 27.44
C ASN L 5 19.97 5.33 27.35
N GLY L 6 20.54 5.18 26.17
CA GLY L 6 22.00 5.09 26.10
C GLY L 6 22.68 6.43 25.88
N PRO L 7 23.33 6.61 24.70
CA PRO L 7 23.99 7.87 24.38
C PRO L 7 23.02 9.09 24.48
N HIS L 8 23.57 10.24 24.88
CA HIS L 8 22.85 11.49 24.89
C HIS L 8 22.52 12.01 23.49
N LEU L 9 21.48 12.83 23.37
CA LEU L 9 21.26 13.63 22.17
C LEU L 9 22.51 14.41 21.79
#